data_2OKX
#
_entry.id   2OKX
#
_cell.length_a   97.744
_cell.length_b   119.985
_cell.length_c   207.352
_cell.angle_alpha   90.00
_cell.angle_beta   90.00
_cell.angle_gamma   90.00
#
_symmetry.space_group_name_H-M   'P 21 21 21'
#
loop_
_entity.id
_entity.type
_entity.pdbx_description
1 polymer 'Rhamnosidase B'
2 non-polymer 'CALCIUM ION'
3 non-polymer GLYCEROL
4 water water
#
_entity_poly.entity_id   1
_entity_poly.type   'polypeptide(L)'
_entity_poly.pdbx_seq_one_letter_code
;MAGRNWNASWIWGGQEESPRNEWRCFRGSFDAPASVEGPAMLHITADSRYVLFVNGEQVGRGPVRSWPKEQFYDSYDIGG
QLRPGVRNTIAVLVLHFGVSNFYYLRGRGGLIAEIEADGRTLAATDAAWRTERLGGQRSNSPRMACQQGFGEVIDARELA
EDWALPAFDDGGWAQARSIGPAGTAPWTSLVPRDIPFLTEEKLYPASIQSLSRVKAPKYAAALDLRNQMVPESVNHANPV
SYCGYVATILTLETSGVVTLGFPTGVRGSGVWVDGVLQTEWTGVQPERYYSLNLAAGEHLVLVDITSSDHGGSSHFAIDS
EAAFTLRSPAGDNGVPLATIGTFDQSEYIDHRPGRRMQTDHPDYRALPEAAPTAAALEAFASWVKPFEPSLYTEENVFGS
NVWRTLAERRAVPRSVLNAILPVPEPGVLPVFEDGDCELVIDLGAERSGFIGFELEAPAGTIIDAYGVEYMREGYTQHTY
GLDNTFRYICREGRQSYVSPVRRGFRYLFLTVRGNSAPVKLHEIYIRQSTYPVAEQGSFRCSDALLNATWEISRHTTRLC
MEDTFVDCPSYEQVFWVGDSRNEALVNYYVFGETEIVERCLNLVPGSADETPLYLDQVPSAWSSVIPNWTFFWILACREY
AAHTGNEAFAARIWPAVKHTLTHYLEHIDDSGLLNMAGWNLLDWAPIDQPNEGIVTHQNLFLVKALRDSRALAAAAGATE
EADAFAARADLLAETINAVLWDEEKRAYIDCIHADGRRSDVYSMQTQVVAYLCGVAQGEREAVIEGYLSSPPPAFVQIGS
PFMSFFYYEALEKAGRQTLMLDDIRRNYGQMLRYDATTCWEMYPNFAENRSNPDMLTRSHCHAWSAAPGYFLGSSILGVK
RGADGWRTVDIAPQPCDLTWAEGVVPLPQGGHIAVSWEFVSAGKLKLRIEAPEDIEVNVTLPEGIEGEVTQVKYMS
;
_entity_poly.pdbx_strand_id   A,B
#
# COMPACT_ATOMS: atom_id res chain seq x y z
N GLY A 3 16.57 4.69 -35.20
CA GLY A 3 16.91 5.88 -34.37
C GLY A 3 16.39 7.17 -34.97
N ARG A 4 17.09 8.27 -34.69
CA ARG A 4 16.71 9.56 -35.21
C ARG A 4 17.97 10.32 -35.60
N ASN A 5 17.80 11.44 -36.30
CA ASN A 5 18.94 12.27 -36.70
C ASN A 5 19.11 13.27 -35.60
N TRP A 6 20.29 13.31 -35.00
CA TRP A 6 20.56 14.22 -33.93
C TRP A 6 21.21 15.55 -34.36
N ASN A 7 20.86 16.61 -33.63
CA ASN A 7 21.39 17.94 -33.88
C ASN A 7 21.99 18.40 -32.55
N ALA A 8 22.46 17.44 -31.77
CA ALA A 8 23.07 17.71 -30.48
C ALA A 8 24.38 16.94 -30.41
N SER A 9 25.23 17.31 -29.45
CA SER A 9 26.51 16.65 -29.31
C SER A 9 26.70 16.04 -27.92
N TRP A 10 27.42 14.93 -27.87
CA TRP A 10 27.71 14.29 -26.60
C TRP A 10 28.65 15.27 -25.88
N ILE A 11 28.37 15.55 -24.62
CA ILE A 11 29.21 16.47 -23.87
C ILE A 11 29.58 15.91 -22.50
N TRP A 12 30.67 16.41 -21.96
CA TRP A 12 31.14 16.01 -20.64
C TRP A 12 31.86 17.21 -20.04
N GLY A 13 32.59 16.98 -18.96
CA GLY A 13 33.32 18.06 -18.31
C GLY A 13 34.51 17.49 -17.57
N GLY A 14 35.45 18.35 -17.20
CA GLY A 14 36.63 17.87 -16.50
C GLY A 14 37.65 17.31 -17.47
N GLN A 15 38.83 16.94 -16.96
CA GLN A 15 39.89 16.41 -17.80
C GLN A 15 39.78 14.91 -18.07
N GLU A 16 39.54 14.14 -17.01
CA GLU A 16 39.42 12.68 -17.13
C GLU A 16 38.17 12.32 -17.93
N GLU A 17 38.35 11.47 -18.95
CA GLU A 17 37.23 11.08 -19.81
C GLU A 17 36.26 10.11 -19.14
N SER A 18 36.78 9.21 -18.32
CA SER A 18 35.95 8.21 -17.63
C SER A 18 36.37 8.12 -16.16
N PRO A 19 36.00 9.13 -15.37
CA PRO A 19 36.35 9.16 -13.95
C PRO A 19 35.57 8.09 -13.17
N ARG A 20 36.13 7.67 -12.05
CA ARG A 20 35.49 6.66 -11.23
C ARG A 20 34.43 7.28 -10.33
N ASN A 21 33.25 6.66 -10.29
CA ASN A 21 32.17 7.09 -9.41
C ASN A 21 32.04 8.62 -9.32
N GLU A 22 31.77 9.27 -10.45
CA GLU A 22 31.63 10.72 -10.44
C GLU A 22 30.24 11.16 -10.88
N TRP A 23 29.63 12.02 -10.08
CA TRP A 23 28.31 12.56 -10.40
C TRP A 23 28.53 13.98 -10.90
N ARG A 24 28.10 14.24 -12.12
CA ARG A 24 28.29 15.55 -12.74
C ARG A 24 27.00 16.24 -13.17
N CYS A 25 26.90 17.53 -12.88
CA CYS A 25 25.73 18.33 -13.23
C CYS A 25 25.89 19.07 -14.55
N PHE A 26 24.78 19.22 -15.26
CA PHE A 26 24.76 19.94 -16.54
C PHE A 26 23.56 20.87 -16.55
N ARG A 27 23.74 22.05 -17.12
CA ARG A 27 22.68 23.03 -17.23
C ARG A 27 22.65 23.65 -18.63
N GLY A 28 21.45 23.76 -19.18
CA GLY A 28 21.28 24.33 -20.50
C GLY A 28 19.98 25.11 -20.52
N SER A 29 20.01 26.30 -21.13
CA SER A 29 18.82 27.12 -21.21
C SER A 29 18.51 27.48 -22.65
N PHE A 30 17.27 27.89 -22.87
CA PHE A 30 16.81 28.29 -24.20
C PHE A 30 15.50 29.04 -24.08
N ASP A 31 15.20 29.85 -25.08
CA ASP A 31 13.96 30.61 -25.09
C ASP A 31 12.94 29.81 -25.89
N ALA A 32 11.85 29.43 -25.23
CA ALA A 32 10.80 28.65 -25.88
C ALA A 32 9.84 29.58 -26.61
N PRO A 33 9.37 29.18 -27.80
CA PRO A 33 8.44 29.99 -28.58
C PRO A 33 7.17 30.33 -27.80
N ALA A 34 6.45 31.36 -28.25
CA ALA A 34 5.22 31.77 -27.60
C ALA A 34 4.18 30.66 -27.69
N SER A 35 4.31 29.83 -28.72
CA SER A 35 3.38 28.72 -28.91
C SER A 35 4.03 27.62 -29.75
N VAL A 36 3.63 26.38 -29.49
CA VAL A 36 4.15 25.23 -30.22
C VAL A 36 3.00 24.27 -30.51
N GLU A 37 2.83 23.95 -31.79
CA GLU A 37 1.76 23.05 -32.22
C GLU A 37 1.95 21.63 -31.69
N GLY A 38 2.82 20.87 -32.35
CA GLY A 38 3.08 19.51 -31.94
C GLY A 38 3.68 19.42 -30.55
N PRO A 39 3.94 18.20 -30.04
CA PRO A 39 4.52 18.01 -28.72
C PRO A 39 6.00 18.36 -28.68
N ALA A 40 6.43 18.96 -27.58
CA ALA A 40 7.83 19.31 -27.41
C ALA A 40 8.50 18.07 -26.82
N MET A 41 9.28 17.37 -27.63
CA MET A 41 9.95 16.16 -27.19
C MET A 41 11.40 16.41 -26.78
N LEU A 42 11.82 15.74 -25.71
CA LEU A 42 13.18 15.86 -25.21
C LEU A 42 13.78 14.46 -25.30
N HIS A 43 14.73 14.28 -26.22
CA HIS A 43 15.40 13.02 -26.44
C HIS A 43 16.71 13.04 -25.68
N ILE A 44 16.97 12.00 -24.90
CA ILE A 44 18.19 11.98 -24.09
C ILE A 44 18.72 10.60 -23.71
N THR A 45 20.02 10.54 -23.51
CA THR A 45 20.70 9.33 -23.06
C THR A 45 21.99 9.82 -22.41
N ALA A 46 22.61 8.97 -21.61
CA ALA A 46 23.83 9.34 -20.94
C ALA A 46 24.64 8.12 -20.54
N ASP A 47 25.87 8.37 -20.11
CA ASP A 47 26.78 7.31 -19.68
C ASP A 47 27.32 7.80 -18.34
N SER A 48 27.05 7.08 -17.25
CA SER A 48 26.30 5.82 -17.23
C SER A 48 24.78 5.93 -17.07
N ARG A 49 24.34 6.82 -16.18
CA ARG A 49 22.91 7.03 -15.92
C ARG A 49 22.62 8.51 -15.69
N TYR A 50 21.36 8.91 -15.80
CA TYR A 50 21.01 10.31 -15.60
C TYR A 50 19.70 10.52 -14.82
N VAL A 51 19.55 11.75 -14.32
CA VAL A 51 18.34 12.19 -13.64
C VAL A 51 18.02 13.52 -14.34
N LEU A 52 16.86 13.58 -14.99
CA LEU A 52 16.45 14.76 -15.75
C LEU A 52 15.53 15.75 -15.05
N PHE A 53 15.86 17.03 -15.18
CA PHE A 53 15.06 18.11 -14.59
C PHE A 53 14.70 19.12 -15.67
N VAL A 54 13.44 19.54 -15.70
CA VAL A 54 12.99 20.52 -16.68
C VAL A 54 12.37 21.66 -15.88
N ASN A 55 13.03 22.80 -15.89
CA ASN A 55 12.58 23.97 -15.15
C ASN A 55 12.50 23.67 -13.66
N GLY A 56 13.45 22.86 -13.19
CA GLY A 56 13.52 22.52 -11.78
C GLY A 56 12.74 21.28 -11.39
N GLU A 57 11.83 20.85 -12.24
CA GLU A 57 11.02 19.67 -11.95
C GLU A 57 11.68 18.38 -12.45
N GLN A 58 11.81 17.39 -11.56
CA GLN A 58 12.41 16.12 -11.94
C GLN A 58 11.43 15.41 -12.87
N VAL A 59 11.88 15.11 -14.08
CA VAL A 59 11.03 14.47 -15.06
C VAL A 59 11.22 12.96 -15.23
N GLY A 60 12.46 12.48 -15.13
CA GLY A 60 12.70 11.07 -15.30
C GLY A 60 14.12 10.63 -15.00
N ARG A 61 14.35 9.32 -15.17
CA ARG A 61 15.65 8.70 -14.93
C ARG A 61 15.94 7.72 -16.05
N GLY A 62 17.22 7.45 -16.30
CA GLY A 62 17.59 6.52 -17.34
C GLY A 62 19.09 6.54 -17.58
N PRO A 63 19.55 6.00 -18.72
CA PRO A 63 18.72 5.36 -19.73
C PRO A 63 18.51 3.91 -19.30
N VAL A 64 17.78 3.12 -20.07
CA VAL A 64 17.60 1.72 -19.73
C VAL A 64 18.96 1.08 -19.98
N ARG A 65 19.20 -0.11 -19.42
CA ARG A 65 20.50 -0.74 -19.62
C ARG A 65 20.72 -1.08 -21.08
N SER A 66 21.93 -0.83 -21.57
CA SER A 66 22.26 -1.07 -22.97
C SER A 66 23.66 -1.64 -23.22
N TRP A 67 23.83 -2.17 -24.43
CA TRP A 67 25.14 -2.63 -24.87
C TRP A 67 25.56 -1.30 -25.50
N PRO A 68 26.76 -0.79 -25.20
CA PRO A 68 27.17 0.49 -25.79
C PRO A 68 26.97 0.59 -27.31
N LYS A 69 27.06 -0.54 -28.00
CA LYS A 69 26.90 -0.57 -29.46
C LYS A 69 25.50 -0.11 -29.87
N GLU A 70 24.54 -0.28 -28.96
CA GLU A 70 23.16 0.13 -29.21
C GLU A 70 22.66 0.82 -27.95
N GLN A 71 23.17 2.04 -27.75
CA GLN A 71 22.86 2.88 -26.60
C GLN A 71 21.42 3.40 -26.69
N PHE A 72 20.58 2.97 -25.74
CA PHE A 72 19.17 3.37 -25.70
C PHE A 72 18.97 4.81 -25.23
N TYR A 73 18.11 5.55 -25.92
CA TYR A 73 17.83 6.93 -25.53
C TYR A 73 16.34 7.09 -25.25
N ASP A 74 16.02 8.00 -24.33
CA ASP A 74 14.64 8.24 -23.94
C ASP A 74 14.07 9.50 -24.57
N SER A 75 12.76 9.48 -24.81
CA SER A 75 12.07 10.62 -25.42
C SER A 75 10.88 11.01 -24.53
N TYR A 76 10.98 12.18 -23.91
CA TYR A 76 9.92 12.68 -23.03
C TYR A 76 9.10 13.80 -23.64
N ASP A 77 7.81 13.78 -23.40
CA ASP A 77 6.94 14.85 -23.86
C ASP A 77 7.00 15.82 -22.69
N ILE A 78 7.70 16.94 -22.85
CA ILE A 78 7.83 17.91 -21.76
C ILE A 78 6.87 19.08 -21.84
N GLY A 79 5.80 18.94 -22.60
CA GLY A 79 4.84 20.03 -22.73
C GLY A 79 4.31 20.49 -21.40
N GLY A 80 4.29 19.59 -20.42
CA GLY A 80 3.78 19.92 -19.11
C GLY A 80 4.71 20.79 -18.28
N GLN A 81 6.01 20.69 -18.51
CA GLN A 81 6.98 21.49 -17.76
C GLN A 81 7.45 22.71 -18.55
N LEU A 82 7.14 22.74 -19.83
CA LEU A 82 7.56 23.84 -20.71
C LEU A 82 6.87 25.17 -20.42
N ARG A 83 7.66 26.24 -20.40
CA ARG A 83 7.16 27.60 -20.17
C ARG A 83 7.22 28.37 -21.48
N PRO A 84 6.10 28.43 -22.21
CA PRO A 84 6.04 29.15 -23.50
C PRO A 84 6.37 30.63 -23.47
N GLY A 85 7.07 31.08 -24.51
CA GLY A 85 7.43 32.48 -24.64
C GLY A 85 8.50 33.01 -23.71
N VAL A 86 9.04 32.17 -22.84
CA VAL A 86 10.08 32.62 -21.92
C VAL A 86 11.27 31.67 -21.83
N ARG A 87 12.26 32.07 -21.06
CA ARG A 87 13.48 31.27 -20.86
C ARG A 87 13.18 30.01 -20.07
N ASN A 88 13.66 28.88 -20.59
CA ASN A 88 13.48 27.58 -19.96
C ASN A 88 14.84 27.00 -19.60
N THR A 89 14.89 26.19 -18.55
CA THR A 89 16.15 25.60 -18.11
C THR A 89 16.09 24.08 -18.03
N ILE A 90 17.10 23.43 -18.63
CA ILE A 90 17.22 21.98 -18.61
C ILE A 90 18.41 21.69 -17.72
N ALA A 91 18.21 20.82 -16.72
CA ALA A 91 19.27 20.45 -15.80
C ALA A 91 19.37 18.93 -15.75
N VAL A 92 20.59 18.42 -15.74
CA VAL A 92 20.78 16.98 -15.70
C VAL A 92 21.89 16.57 -14.75
N LEU A 93 21.65 15.47 -14.04
CA LEU A 93 22.65 14.91 -13.14
C LEU A 93 23.06 13.62 -13.83
N VAL A 94 24.35 13.48 -14.14
CA VAL A 94 24.81 12.27 -14.79
C VAL A 94 25.75 11.52 -13.85
N LEU A 95 25.46 10.24 -13.62
CA LEU A 95 26.30 9.42 -12.78
C LEU A 95 27.18 8.60 -13.72
N HIS A 96 28.49 8.75 -13.61
CA HIS A 96 29.38 7.96 -14.46
C HIS A 96 30.14 7.00 -13.56
N PHE A 97 29.96 5.71 -13.77
CA PHE A 97 30.61 4.70 -12.94
C PHE A 97 32.12 4.60 -13.15
N GLY A 98 32.55 4.63 -14.41
CA GLY A 98 33.97 4.52 -14.70
C GLY A 98 34.48 3.13 -14.42
N VAL A 99 33.55 2.21 -14.17
CA VAL A 99 33.87 0.81 -13.88
C VAL A 99 32.76 -0.06 -14.46
N SER A 100 33.12 -1.16 -15.10
CA SER A 100 32.12 -2.05 -15.68
C SER A 100 31.42 -2.87 -14.60
N ASN A 101 30.18 -3.28 -14.86
CA ASN A 101 29.44 -4.12 -13.93
C ASN A 101 28.50 -5.06 -14.71
N PHE A 102 27.55 -5.68 -14.02
CA PHE A 102 26.63 -6.63 -14.67
C PHE A 102 25.49 -6.02 -15.47
N TYR A 103 25.41 -4.68 -15.51
CA TYR A 103 24.36 -4.02 -16.29
C TYR A 103 24.86 -2.74 -16.95
N TYR A 104 26.18 -2.65 -17.10
CA TYR A 104 26.82 -1.48 -17.70
C TYR A 104 28.23 -1.83 -18.14
N LEU A 105 28.58 -1.47 -19.38
CA LEU A 105 29.91 -1.72 -19.90
C LEU A 105 30.61 -0.36 -19.97
N ARG A 106 31.76 -0.26 -19.32
CA ARG A 106 32.50 1.00 -19.28
C ARG A 106 32.68 1.65 -20.64
N GLY A 107 32.30 2.92 -20.70
CA GLY A 107 32.44 3.70 -21.92
C GLY A 107 33.20 4.94 -21.49
N ARG A 108 32.51 6.07 -21.38
CA ARG A 108 33.13 7.31 -20.95
C ARG A 108 32.01 8.24 -20.52
N GLY A 109 32.32 9.17 -19.61
CA GLY A 109 31.31 10.10 -19.14
C GLY A 109 30.70 10.85 -20.31
N GLY A 110 29.38 11.04 -20.28
CA GLY A 110 28.76 11.75 -21.38
C GLY A 110 27.26 11.96 -21.27
N LEU A 111 26.81 13.03 -21.88
CA LEU A 111 25.40 13.39 -21.92
C LEU A 111 25.06 13.97 -23.28
N ILE A 112 23.94 13.53 -23.84
CA ILE A 112 23.48 14.05 -25.12
C ILE A 112 21.96 14.20 -25.00
N ALA A 113 21.48 15.42 -25.24
CA ALA A 113 20.05 15.71 -25.14
C ALA A 113 19.65 16.76 -26.16
N GLU A 114 18.42 16.64 -26.66
CA GLU A 114 17.91 17.58 -27.64
C GLU A 114 16.40 17.74 -27.50
N ILE A 115 15.94 18.99 -27.49
CA ILE A 115 14.52 19.29 -27.40
C ILE A 115 14.05 19.65 -28.81
N GLU A 116 13.04 18.93 -29.30
CA GLU A 116 12.52 19.17 -30.63
C GLU A 116 11.01 19.37 -30.62
N ALA A 117 10.55 20.29 -31.45
CA ALA A 117 9.13 20.59 -31.55
C ALA A 117 8.83 21.16 -32.94
N ASP A 118 7.85 20.56 -33.60
CA ASP A 118 7.47 21.00 -34.93
C ASP A 118 8.64 20.91 -35.89
N GLY A 119 9.39 19.81 -35.79
CA GLY A 119 10.53 19.59 -36.65
C GLY A 119 11.69 20.55 -36.43
N ARG A 120 11.59 21.37 -35.39
CA ARG A 120 12.64 22.33 -35.09
C ARG A 120 13.32 22.02 -33.77
N THR A 121 14.65 22.20 -33.74
CA THR A 121 15.42 21.95 -32.53
C THR A 121 15.35 23.20 -31.67
N LEU A 122 14.81 23.06 -30.46
CA LEU A 122 14.68 24.20 -29.55
C LEU A 122 15.88 24.30 -28.62
N ALA A 123 16.54 23.17 -28.40
CA ALA A 123 17.70 23.13 -27.52
C ALA A 123 18.49 21.86 -27.82
N ALA A 124 19.80 21.92 -27.55
CA ALA A 124 20.66 20.78 -27.80
C ALA A 124 21.95 20.91 -27.01
N THR A 125 22.43 19.79 -26.47
CA THR A 125 23.66 19.79 -25.69
C THR A 125 24.87 20.12 -26.56
N ASP A 126 25.71 21.02 -26.05
CA ASP A 126 26.92 21.43 -26.74
C ASP A 126 27.78 22.28 -25.82
N ALA A 127 28.90 22.77 -26.33
CA ALA A 127 29.84 23.59 -25.56
C ALA A 127 29.21 24.78 -24.85
N ALA A 128 28.00 25.17 -25.26
CA ALA A 128 27.31 26.30 -24.65
C ALA A 128 26.77 25.95 -23.26
N TRP A 129 26.56 24.67 -23.02
CA TRP A 129 26.05 24.21 -21.72
C TRP A 129 27.10 24.36 -20.64
N ARG A 130 26.64 24.44 -19.39
CA ARG A 130 27.51 24.58 -18.22
C ARG A 130 27.59 23.24 -17.51
N THR A 131 28.70 23.01 -16.81
CA THR A 131 28.86 21.76 -16.07
C THR A 131 29.84 21.88 -14.91
N GLU A 132 29.56 21.13 -13.85
CA GLU A 132 30.37 21.09 -12.63
C GLU A 132 30.02 19.79 -11.91
N ARG A 133 30.97 19.25 -11.16
CA ARG A 133 30.70 18.02 -10.42
C ARG A 133 29.68 18.36 -9.34
N LEU A 134 28.89 17.36 -8.95
CA LEU A 134 27.90 17.58 -7.90
C LEU A 134 28.69 17.85 -6.62
N GLY A 135 28.48 19.03 -6.04
CA GLY A 135 29.19 19.39 -4.84
C GLY A 135 28.99 18.45 -3.66
N GLY A 136 30.08 18.08 -3.00
CA GLY A 136 29.99 17.20 -1.85
C GLY A 136 29.95 15.70 -2.14
N GLN A 137 29.77 15.34 -3.40
CA GLN A 137 29.71 13.92 -3.75
C GLN A 137 31.12 13.33 -3.77
N ARG A 138 31.41 12.44 -2.83
CA ARG A 138 32.72 11.82 -2.70
C ARG A 138 32.91 10.67 -3.68
N SER A 139 33.88 10.83 -4.59
CA SER A 139 34.17 9.80 -5.59
C SER A 139 34.90 8.59 -5.03
N ASN A 140 35.17 8.58 -3.73
CA ASN A 140 35.84 7.43 -3.13
C ASN A 140 34.86 6.58 -2.32
N SER A 141 33.56 6.84 -2.47
CA SER A 141 32.56 6.09 -1.73
C SER A 141 32.62 4.61 -2.11
N PRO A 142 32.10 3.72 -1.24
CA PRO A 142 32.13 2.27 -1.50
C PRO A 142 31.50 1.76 -2.78
N ARG A 143 32.14 0.76 -3.38
CA ARG A 143 31.60 0.13 -4.57
C ARG A 143 30.43 -0.62 -3.93
N MET A 144 29.26 -0.55 -4.55
CA MET A 144 28.07 -1.19 -3.99
C MET A 144 28.15 -2.71 -3.98
N ALA A 145 28.47 -3.30 -5.13
CA ALA A 145 28.57 -4.75 -5.25
C ALA A 145 29.26 -5.06 -6.56
N CYS A 146 29.71 -6.30 -6.71
CA CYS A 146 30.39 -6.68 -7.95
C CYS A 146 29.44 -6.49 -9.13
N GLN A 147 28.14 -6.56 -8.87
CA GLN A 147 27.13 -6.43 -9.93
C GLN A 147 26.66 -5.01 -10.21
N GLN A 148 26.81 -4.12 -9.22
CA GLN A 148 26.29 -2.78 -9.38
C GLN A 148 27.24 -1.58 -9.38
N GLY A 149 26.68 -0.40 -9.09
CA GLY A 149 27.48 0.81 -9.07
C GLY A 149 28.12 1.14 -7.73
N PHE A 150 27.77 2.30 -7.18
CA PHE A 150 28.37 2.74 -5.91
C PHE A 150 27.35 3.26 -4.90
N GLY A 151 27.63 3.03 -3.62
CA GLY A 151 26.78 3.54 -2.55
C GLY A 151 27.38 4.91 -2.31
N GLU A 152 26.58 5.97 -2.37
CA GLU A 152 27.13 7.31 -2.23
C GLU A 152 27.36 7.87 -0.84
N VAL A 153 28.23 8.88 -0.80
CA VAL A 153 28.56 9.63 0.40
C VAL A 153 28.49 11.08 -0.08
N ILE A 154 27.53 11.83 0.47
CA ILE A 154 27.31 13.22 0.05
C ILE A 154 27.41 14.20 1.21
N ASP A 155 28.28 15.19 1.08
CA ASP A 155 28.41 16.21 2.11
C ASP A 155 27.68 17.44 1.59
N ALA A 156 26.45 17.61 2.06
CA ALA A 156 25.59 18.71 1.62
C ALA A 156 26.15 20.11 1.90
N ARG A 157 27.13 20.21 2.78
CA ARG A 157 27.74 21.49 3.08
C ARG A 157 28.47 22.07 1.87
N GLU A 158 28.83 21.19 0.93
CA GLU A 158 29.54 21.62 -0.28
C GLU A 158 28.66 21.49 -1.51
N LEU A 159 27.38 21.19 -1.30
CA LEU A 159 26.44 21.02 -2.40
C LEU A 159 25.54 22.23 -2.60
N ALA A 160 25.44 22.69 -3.85
CA ALA A 160 24.58 23.81 -4.20
C ALA A 160 23.18 23.22 -4.43
N GLU A 161 22.39 23.21 -3.36
CA GLU A 161 21.04 22.64 -3.38
C GLU A 161 20.14 23.01 -4.55
N ASP A 162 20.17 24.27 -4.99
CA ASP A 162 19.31 24.70 -6.09
C ASP A 162 19.96 24.69 -7.47
N TRP A 163 20.98 23.86 -7.65
CA TRP A 163 21.69 23.80 -8.93
C TRP A 163 20.82 23.46 -10.15
N ALA A 164 19.66 22.85 -9.91
CA ALA A 164 18.77 22.47 -11.00
C ALA A 164 17.64 23.44 -11.26
N LEU A 165 17.51 24.46 -10.43
CA LEU A 165 16.44 25.43 -10.58
C LEU A 165 16.72 26.48 -11.66
N PRO A 166 15.67 26.95 -12.34
CA PRO A 166 15.75 27.95 -13.41
C PRO A 166 16.48 29.23 -13.01
N ALA A 167 16.25 29.69 -11.78
CA ALA A 167 16.87 30.92 -11.30
C ALA A 167 18.27 30.74 -10.73
N PHE A 168 18.79 29.53 -10.75
CA PHE A 168 20.12 29.27 -10.22
C PHE A 168 21.19 30.00 -11.03
N ASP A 169 22.15 30.59 -10.34
CA ASP A 169 23.24 31.31 -11.00
C ASP A 169 24.45 30.41 -11.24
N ASP A 170 24.61 29.99 -12.48
CA ASP A 170 25.72 29.11 -12.85
C ASP A 170 26.79 29.87 -13.63
N GLY A 171 26.83 31.18 -13.43
CA GLY A 171 27.81 32.00 -14.12
C GLY A 171 29.24 31.56 -13.90
N GLY A 172 29.51 31.03 -12.70
CA GLY A 172 30.86 30.57 -12.39
C GLY A 172 31.16 29.15 -12.82
N TRP A 173 30.21 28.52 -13.49
CA TRP A 173 30.39 27.14 -13.96
C TRP A 173 31.17 27.08 -15.26
N ALA A 174 32.03 26.07 -15.37
CA ALA A 174 32.82 25.89 -16.57
C ALA A 174 31.90 25.48 -17.71
N GLN A 175 32.36 25.65 -18.94
CA GLN A 175 31.59 25.29 -20.11
C GLN A 175 31.81 23.80 -20.35
N ALA A 176 30.81 23.13 -20.91
CA ALA A 176 30.91 21.71 -21.20
C ALA A 176 31.81 21.50 -22.42
N ARG A 177 32.41 20.32 -22.51
CA ARG A 177 33.30 20.00 -23.62
C ARG A 177 32.61 19.01 -24.55
N SER A 178 32.55 19.34 -25.84
CA SER A 178 31.92 18.45 -26.80
C SER A 178 32.81 17.23 -27.05
N ILE A 179 32.18 16.06 -27.16
CA ILE A 179 32.90 14.82 -27.40
C ILE A 179 32.73 14.41 -28.85
N GLY A 180 31.61 14.81 -29.44
CA GLY A 180 31.34 14.48 -30.83
C GLY A 180 29.85 14.33 -31.08
N PRO A 181 29.44 14.19 -32.35
CA PRO A 181 28.02 14.05 -32.67
C PRO A 181 27.52 12.65 -32.30
N ALA A 182 26.24 12.40 -32.55
CA ALA A 182 25.66 11.10 -32.28
C ALA A 182 26.35 10.10 -33.21
N GLY A 183 26.81 8.99 -32.64
CA GLY A 183 27.48 7.98 -33.44
C GLY A 183 28.95 7.90 -33.09
N THR A 184 29.42 8.86 -32.30
CA THR A 184 30.81 8.89 -31.87
C THR A 184 31.03 7.75 -30.89
N ALA A 185 32.19 7.10 -30.96
CA ALA A 185 32.50 5.99 -30.06
C ALA A 185 32.41 6.48 -28.62
N PRO A 186 32.09 5.58 -27.67
CA PRO A 186 31.81 4.15 -27.88
C PRO A 186 30.36 3.79 -28.19
N TRP A 187 29.48 4.78 -28.21
CA TRP A 187 28.06 4.54 -28.48
C TRP A 187 27.78 4.51 -29.98
N THR A 188 28.29 3.48 -30.64
CA THR A 188 28.16 3.29 -32.09
C THR A 188 26.82 3.74 -32.65
N SER A 189 25.73 3.39 -31.97
CA SER A 189 24.41 3.80 -32.44
C SER A 189 23.50 4.09 -31.25
N LEU A 190 22.61 5.07 -31.43
CA LEU A 190 21.66 5.44 -30.40
C LEU A 190 20.32 4.89 -30.87
N VAL A 191 19.75 3.99 -30.06
CA VAL A 191 18.47 3.36 -30.40
C VAL A 191 17.38 3.78 -29.41
N PRO A 192 16.15 3.97 -29.91
CA PRO A 192 15.04 4.37 -29.06
C PRO A 192 14.62 3.36 -27.99
N ARG A 193 14.41 3.87 -26.77
CA ARG A 193 13.97 3.07 -25.64
C ARG A 193 12.84 2.15 -26.11
N ASP A 194 12.95 0.86 -25.85
CA ASP A 194 11.92 -0.08 -26.31
C ASP A 194 10.86 -0.52 -25.28
N ILE A 195 10.63 0.33 -24.28
CA ILE A 195 9.62 0.07 -23.25
C ILE A 195 9.15 1.41 -22.70
N PRO A 196 7.96 1.45 -22.08
CA PRO A 196 7.47 2.71 -21.52
C PRO A 196 8.35 3.07 -20.33
N PHE A 197 8.06 4.21 -19.70
CA PHE A 197 8.84 4.65 -18.55
C PHE A 197 8.45 3.94 -17.27
N LEU A 198 9.39 3.88 -16.33
CA LEU A 198 9.15 3.22 -15.06
C LEU A 198 8.29 4.09 -14.15
N THR A 199 7.73 3.48 -13.13
CA THR A 199 6.90 4.21 -12.18
C THR A 199 7.83 4.84 -11.17
N GLU A 200 7.27 5.71 -10.35
CA GLU A 200 8.01 6.32 -9.25
C GLU A 200 6.94 6.86 -8.34
N GLU A 201 6.64 6.11 -7.28
CA GLU A 201 5.61 6.53 -6.35
C GLU A 201 6.10 6.58 -4.93
N LYS A 202 5.83 7.72 -4.30
CA LYS A 202 6.24 7.96 -2.93
C LYS A 202 5.39 7.12 -2.00
N LEU A 203 6.06 6.25 -1.24
CA LEU A 203 5.38 5.39 -0.29
C LEU A 203 6.01 5.59 1.08
N TYR A 204 5.16 5.78 2.09
CA TYR A 204 5.65 5.97 3.44
C TYR A 204 5.83 4.61 4.12
N PRO A 205 6.70 4.55 5.15
CA PRO A 205 6.96 3.31 5.89
C PRO A 205 5.74 2.86 6.69
N ALA A 206 5.76 1.61 7.14
CA ALA A 206 4.65 1.07 7.91
C ALA A 206 4.78 1.30 9.41
N SER A 207 6.00 1.16 9.93
CA SER A 207 6.22 1.33 11.35
C SER A 207 7.67 1.58 11.72
N ILE A 208 7.90 1.90 12.97
CA ILE A 208 9.27 2.09 13.46
C ILE A 208 9.44 0.90 14.36
N GLN A 209 10.37 0.03 13.99
CA GLN A 209 10.61 -1.19 14.74
C GLN A 209 11.39 -0.99 16.03
N SER A 210 12.36 -0.09 16.01
CA SER A 210 13.16 0.16 17.20
C SER A 210 13.98 1.44 17.13
N LEU A 211 14.49 1.84 18.29
CA LEU A 211 15.34 3.01 18.41
C LEU A 211 16.44 2.54 19.36
N SER A 212 17.69 2.86 19.03
CA SER A 212 18.79 2.42 19.88
C SER A 212 19.88 3.46 19.96
N ARG A 213 20.63 3.42 21.06
CA ARG A 213 21.77 4.31 21.22
C ARG A 213 22.90 3.41 20.76
N VAL A 214 23.64 3.82 19.73
CA VAL A 214 24.71 2.99 19.21
C VAL A 214 26.03 3.71 18.93
N LYS A 215 27.06 2.93 18.67
CA LYS A 215 28.38 3.45 18.34
C LYS A 215 29.05 2.57 17.31
N ALA A 216 29.67 3.19 16.32
CA ALA A 216 30.39 2.48 15.26
C ALA A 216 31.83 2.32 15.74
N PRO A 217 32.61 1.46 15.09
CA PRO A 217 34.01 1.27 15.50
C PRO A 217 34.80 2.56 15.29
N LYS A 218 35.83 2.77 16.10
CA LYS A 218 36.66 3.97 15.97
C LYS A 218 37.14 4.11 14.52
N TYR A 219 37.50 2.99 13.93
CA TYR A 219 37.99 2.95 12.55
C TYR A 219 37.19 1.92 11.74
N ALA A 220 36.65 2.35 10.60
CA ALA A 220 35.90 1.46 9.71
C ALA A 220 36.13 1.93 8.29
N ALA A 221 36.67 1.05 7.45
CA ALA A 221 36.96 1.43 6.08
C ALA A 221 36.49 0.42 5.06
N ALA A 222 36.13 0.93 3.88
CA ALA A 222 35.69 0.10 2.78
C ALA A 222 36.79 0.19 1.72
N LEU A 223 37.31 -0.96 1.33
CA LEU A 223 38.40 -1.02 0.35
C LEU A 223 38.01 -1.79 -0.91
N ASP A 224 38.37 -1.22 -2.07
CA ASP A 224 38.10 -1.91 -3.32
C ASP A 224 39.41 -2.61 -3.68
N LEU A 225 39.62 -3.77 -3.07
CA LEU A 225 40.83 -4.56 -3.29
C LEU A 225 40.96 -5.06 -4.72
N ARG A 226 39.82 -5.32 -5.37
CA ARG A 226 39.82 -5.80 -6.74
C ARG A 226 40.52 -4.81 -7.67
N ASN A 227 40.08 -3.55 -7.64
CA ASN A 227 40.67 -2.53 -8.50
C ASN A 227 42.06 -2.08 -8.01
N GLN A 228 42.34 -2.28 -6.72
CA GLN A 228 43.63 -1.90 -6.17
C GLN A 228 44.72 -2.91 -6.53
N MET A 229 44.39 -4.19 -6.46
CA MET A 229 45.35 -5.27 -6.76
C MET A 229 45.46 -5.59 -8.26
N VAL A 230 44.40 -5.33 -9.02
CA VAL A 230 44.41 -5.58 -10.45
C VAL A 230 43.74 -4.39 -11.12
N PRO A 231 44.48 -3.27 -11.27
CA PRO A 231 44.02 -2.03 -11.87
C PRO A 231 43.22 -2.14 -13.18
N GLU A 232 43.60 -3.08 -14.03
CA GLU A 232 42.90 -3.24 -15.30
C GLU A 232 41.51 -3.86 -15.15
N SER A 233 41.22 -4.42 -13.98
CA SER A 233 39.92 -5.06 -13.73
C SER A 233 38.74 -4.09 -13.81
N VAL A 234 39.03 -2.79 -13.84
CA VAL A 234 37.97 -1.78 -13.93
C VAL A 234 37.27 -1.84 -15.28
N ASN A 235 37.94 -2.41 -16.28
CA ASN A 235 37.38 -2.50 -17.62
C ASN A 235 36.47 -3.69 -17.92
N HIS A 236 36.29 -4.57 -16.95
CA HIS A 236 35.41 -5.72 -17.15
C HIS A 236 34.80 -6.14 -15.83
N ALA A 237 33.87 -7.09 -15.88
CA ALA A 237 33.21 -7.57 -14.68
C ALA A 237 33.40 -9.06 -14.48
N ASN A 238 34.52 -9.59 -14.98
CA ASN A 238 34.81 -11.00 -14.82
C ASN A 238 35.54 -11.14 -13.49
N PRO A 239 35.45 -12.32 -12.87
CA PRO A 239 36.14 -12.52 -11.60
C PRO A 239 37.65 -12.49 -11.83
N VAL A 240 38.39 -11.94 -10.88
CA VAL A 240 39.85 -11.93 -10.99
C VAL A 240 40.35 -12.48 -9.67
N SER A 241 41.58 -12.99 -9.67
CA SER A 241 42.16 -13.49 -8.44
C SER A 241 43.48 -12.76 -8.26
N TYR A 242 43.82 -12.47 -7.01
CA TYR A 242 45.08 -11.79 -6.73
C TYR A 242 45.72 -12.39 -5.50
N CYS A 243 47.04 -12.25 -5.43
CA CYS A 243 47.81 -12.77 -4.32
C CYS A 243 48.54 -11.60 -3.66
N GLY A 244 48.36 -11.45 -2.35
CA GLY A 244 49.02 -10.35 -1.67
C GLY A 244 48.44 -10.08 -0.29
N TYR A 245 48.85 -8.97 0.30
CA TYR A 245 48.36 -8.60 1.63
C TYR A 245 47.97 -7.14 1.72
N VAL A 246 47.30 -6.80 2.82
CA VAL A 246 46.96 -5.43 3.11
C VAL A 246 47.85 -5.19 4.31
N ALA A 247 48.53 -4.05 4.36
CA ALA A 247 49.41 -3.79 5.49
C ALA A 247 49.28 -2.37 6.04
N THR A 248 49.41 -2.26 7.35
CA THR A 248 49.34 -0.97 8.02
C THR A 248 50.10 -1.05 9.34
N ILE A 249 50.60 0.09 9.78
CA ILE A 249 51.32 0.16 11.05
C ILE A 249 50.37 0.69 12.11
N LEU A 250 50.12 -0.12 13.13
CA LEU A 250 49.23 0.24 14.22
C LEU A 250 50.08 0.76 15.38
N THR A 251 49.89 2.02 15.75
CA THR A 251 50.65 2.60 16.85
C THR A 251 49.76 2.93 18.05
N LEU A 252 50.10 2.34 19.19
CA LEU A 252 49.36 2.57 20.43
C LEU A 252 50.12 3.55 21.32
N GLU A 253 49.45 4.61 21.75
CA GLU A 253 50.07 5.60 22.62
C GLU A 253 50.38 4.94 23.96
N THR A 254 49.49 4.05 24.39
CA THR A 254 49.66 3.33 25.64
C THR A 254 49.21 1.88 25.47
N SER A 255 49.67 1.02 26.36
CA SER A 255 49.32 -0.40 26.31
C SER A 255 47.81 -0.59 26.40
N GLY A 256 47.29 -1.56 25.65
CA GLY A 256 45.86 -1.81 25.67
C GLY A 256 45.40 -2.90 24.72
N VAL A 257 44.12 -3.27 24.83
CA VAL A 257 43.54 -4.30 23.97
C VAL A 257 42.96 -3.64 22.72
N VAL A 258 43.28 -4.22 21.56
CA VAL A 258 42.77 -3.70 20.29
C VAL A 258 41.99 -4.80 19.60
N THR A 259 40.86 -4.45 19.00
CA THR A 259 40.05 -5.45 18.32
C THR A 259 40.03 -5.18 16.82
N LEU A 260 40.42 -6.19 16.05
CA LEU A 260 40.41 -6.07 14.59
C LEU A 260 39.10 -6.68 14.16
N GLY A 261 38.34 -5.95 13.35
CA GLY A 261 37.06 -6.45 12.88
C GLY A 261 37.01 -6.61 11.37
N PHE A 262 36.37 -7.70 10.94
CA PHE A 262 36.24 -7.99 9.52
C PHE A 262 34.77 -8.29 9.24
N PRO A 263 33.99 -7.24 8.97
CA PRO A 263 32.56 -7.34 8.67
C PRO A 263 32.23 -8.43 7.66
N THR A 264 33.09 -8.58 6.66
CA THR A 264 32.89 -9.58 5.64
C THR A 264 33.92 -10.70 5.66
N GLY A 265 34.65 -10.80 6.78
CA GLY A 265 35.64 -11.84 6.93
C GLY A 265 37.00 -11.57 6.33
N VAL A 266 37.94 -12.50 6.54
CA VAL A 266 39.29 -12.39 6.02
C VAL A 266 39.38 -13.16 4.70
N ARG A 267 39.66 -12.43 3.62
CA ARG A 267 39.77 -13.02 2.28
C ARG A 267 40.80 -14.11 2.15
N GLY A 268 41.98 -13.87 2.73
CA GLY A 268 43.05 -14.83 2.63
C GLY A 268 43.20 -15.83 3.75
N SER A 269 44.40 -16.40 3.85
CA SER A 269 44.72 -17.42 4.85
C SER A 269 44.74 -16.96 6.30
N GLY A 270 44.85 -15.66 6.54
CA GLY A 270 44.88 -15.20 7.92
C GLY A 270 45.37 -13.79 8.16
N VAL A 271 45.57 -13.49 9.44
CA VAL A 271 46.04 -12.18 9.89
C VAL A 271 47.30 -12.34 10.73
N TRP A 272 48.29 -11.52 10.45
CA TRP A 272 49.55 -11.54 11.18
C TRP A 272 49.78 -10.19 11.87
N VAL A 273 50.30 -10.25 13.10
CA VAL A 273 50.60 -9.05 13.87
C VAL A 273 52.03 -9.21 14.39
N ASP A 274 52.91 -8.29 13.99
CA ASP A 274 54.30 -8.35 14.41
C ASP A 274 54.91 -9.68 13.95
N GLY A 275 54.50 -10.15 12.78
CA GLY A 275 55.01 -11.39 12.24
C GLY A 275 54.45 -12.67 12.85
N VAL A 276 53.51 -12.54 13.78
CA VAL A 276 52.91 -13.70 14.42
C VAL A 276 51.49 -13.94 13.92
N LEU A 277 51.22 -15.17 13.48
CA LEU A 277 49.90 -15.54 12.99
C LEU A 277 48.90 -15.61 14.13
N GLN A 278 47.81 -14.86 14.02
CA GLN A 278 46.78 -14.86 15.05
C GLN A 278 45.90 -16.10 14.84
N THR A 279 45.95 -17.02 15.77
CA THR A 279 45.20 -18.27 15.67
C THR A 279 43.83 -18.27 16.31
N GLU A 280 43.54 -17.28 17.14
CA GLU A 280 42.25 -17.21 17.80
C GLU A 280 41.39 -16.04 17.32
N TRP A 281 40.08 -16.27 17.23
CA TRP A 281 39.17 -15.24 16.78
C TRP A 281 37.73 -15.62 17.10
N THR A 282 36.83 -14.65 16.96
CA THR A 282 35.41 -14.88 17.22
C THR A 282 34.63 -14.33 16.03
N GLY A 283 33.30 -14.44 16.11
CA GLY A 283 32.45 -13.94 15.04
C GLY A 283 31.59 -15.00 14.40
N VAL A 284 30.42 -14.59 13.91
CA VAL A 284 29.51 -15.50 13.23
C VAL A 284 29.80 -15.36 11.75
N GLN A 285 30.22 -16.47 11.12
CA GLN A 285 30.53 -16.48 9.71
C GLN A 285 29.51 -15.67 8.93
N PRO A 286 29.96 -14.85 7.98
CA PRO A 286 31.35 -14.65 7.56
C PRO A 286 32.17 -13.63 8.36
N GLU A 287 31.58 -13.06 9.40
CA GLU A 287 32.31 -12.06 10.20
C GLU A 287 33.41 -12.68 11.04
N ARG A 288 34.42 -11.86 11.35
CA ARG A 288 35.51 -12.34 12.19
C ARG A 288 36.12 -11.17 12.94
N TYR A 289 36.44 -11.41 14.21
CA TYR A 289 37.04 -10.38 15.06
C TYR A 289 38.23 -10.99 15.81
N TYR A 290 39.32 -10.24 15.87
CA TYR A 290 40.52 -10.69 16.58
C TYR A 290 40.76 -9.78 17.78
N SER A 291 41.16 -10.38 18.89
CA SER A 291 41.46 -9.62 20.10
C SER A 291 42.98 -9.56 20.22
N LEU A 292 43.52 -8.36 20.36
CA LEU A 292 44.96 -8.20 20.47
C LEU A 292 45.33 -7.51 21.77
N ASN A 293 46.14 -8.18 22.59
CA ASN A 293 46.59 -7.62 23.86
C ASN A 293 47.98 -7.08 23.59
N LEU A 294 48.04 -5.82 23.17
CA LEU A 294 49.30 -5.18 22.81
C LEU A 294 49.88 -4.26 23.86
N ALA A 295 51.16 -3.94 23.67
CA ALA A 295 51.88 -3.03 24.56
C ALA A 295 52.04 -1.75 23.74
N ALA A 296 52.31 -0.64 24.40
CA ALA A 296 52.49 0.63 23.71
C ALA A 296 53.55 0.49 22.62
N GLY A 297 53.43 1.28 21.56
CA GLY A 297 54.40 1.21 20.49
C GLY A 297 53.81 0.93 19.13
N GLU A 298 54.68 0.59 18.18
CA GLU A 298 54.26 0.30 16.82
C GLU A 298 54.13 -1.19 16.56
N HIS A 299 53.13 -1.56 15.74
CA HIS A 299 52.90 -2.95 15.39
C HIS A 299 52.52 -3.05 13.93
N LEU A 300 53.14 -3.99 13.22
CA LEU A 300 52.85 -4.19 11.81
C LEU A 300 51.75 -5.24 11.68
N VAL A 301 50.64 -4.83 11.08
CA VAL A 301 49.51 -5.74 10.89
C VAL A 301 49.48 -6.15 9.43
N LEU A 302 49.44 -7.44 9.17
CA LEU A 302 49.42 -7.96 7.81
C LEU A 302 48.21 -8.86 7.63
N VAL A 303 47.35 -8.51 6.68
CA VAL A 303 46.16 -9.31 6.40
C VAL A 303 46.29 -9.95 5.03
N ASP A 304 46.27 -11.28 5.00
CA ASP A 304 46.38 -11.98 3.72
C ASP A 304 45.05 -11.84 3.01
N ILE A 305 45.06 -11.30 1.79
CA ILE A 305 43.85 -11.11 1.01
C ILE A 305 43.83 -11.95 -0.26
N THR A 306 44.77 -12.88 -0.37
CA THR A 306 44.89 -13.76 -1.53
C THR A 306 43.56 -14.47 -1.74
N SER A 307 42.93 -14.24 -2.89
CA SER A 307 41.63 -14.84 -3.17
C SER A 307 41.07 -14.44 -4.52
N SER A 308 39.83 -14.88 -4.75
CA SER A 308 39.10 -14.54 -5.96
C SER A 308 38.22 -13.36 -5.52
N ASP A 309 38.08 -12.36 -6.37
CA ASP A 309 37.28 -11.20 -6.03
C ASP A 309 36.48 -10.78 -7.27
N HIS A 310 35.16 -10.95 -7.22
CA HIS A 310 34.33 -10.59 -8.36
C HIS A 310 34.11 -9.07 -8.38
N GLY A 311 34.26 -8.46 -7.20
CA GLY A 311 34.07 -7.03 -7.11
C GLY A 311 33.25 -6.69 -5.88
N GLY A 312 33.20 -5.40 -5.54
CA GLY A 312 32.47 -5.00 -4.35
C GLY A 312 33.46 -4.61 -3.28
N SER A 313 32.96 -4.01 -2.20
CA SER A 313 33.84 -3.57 -1.12
C SER A 313 34.27 -4.65 -0.13
N SER A 314 35.50 -4.54 0.33
CA SER A 314 36.07 -5.43 1.34
C SER A 314 36.09 -4.51 2.56
N HIS A 315 35.84 -5.05 3.75
CA HIS A 315 35.79 -4.23 4.95
C HIS A 315 36.83 -4.52 6.01
N PHE A 316 37.31 -3.45 6.64
CA PHE A 316 38.33 -3.53 7.68
C PHE A 316 37.97 -2.53 8.78
N ALA A 317 37.96 -2.98 10.04
CA ALA A 317 37.63 -2.09 11.14
C ALA A 317 38.53 -2.35 12.34
N ILE A 318 38.69 -1.34 13.18
CA ILE A 318 39.50 -1.46 14.39
C ILE A 318 38.88 -0.64 15.51
N ASP A 319 38.91 -1.18 16.71
CA ASP A 319 38.37 -0.45 17.86
C ASP A 319 39.18 -0.80 19.11
N SER A 320 39.24 0.15 20.04
CA SER A 320 39.99 -0.05 21.27
C SER A 320 39.67 1.03 22.30
N GLU A 321 39.84 0.71 23.57
CA GLU A 321 39.60 1.67 24.63
C GLU A 321 40.83 2.55 24.76
N ALA A 322 41.89 2.19 24.03
CA ALA A 322 43.14 2.92 24.02
C ALA A 322 43.27 3.68 22.71
N ALA A 323 43.99 4.80 22.74
CA ALA A 323 44.19 5.61 21.54
C ALA A 323 45.18 4.96 20.57
N PHE A 324 44.96 5.12 19.27
CA PHE A 324 45.87 4.54 18.28
C PHE A 324 45.85 5.30 16.95
N THR A 325 46.92 5.13 16.19
CA THR A 325 47.03 5.76 14.88
C THR A 325 47.37 4.68 13.86
N LEU A 326 47.22 5.02 12.59
CA LEU A 326 47.51 4.11 11.50
C LEU A 326 48.27 4.83 10.40
N ARG A 327 49.22 4.15 9.78
CA ARG A 327 49.95 4.74 8.69
C ARG A 327 50.44 3.66 7.74
N SER A 328 50.57 4.03 6.47
CA SER A 328 51.03 3.11 5.44
C SER A 328 52.51 2.85 5.51
N PRO A 329 52.93 1.60 5.27
CA PRO A 329 54.36 1.26 5.32
C PRO A 329 55.03 1.83 4.07
N ALA A 330 54.22 2.29 3.14
CA ALA A 330 54.72 2.86 1.89
C ALA A 330 54.69 4.37 1.92
N GLY A 331 54.99 4.99 0.78
CA GLY A 331 54.99 6.43 0.70
C GLY A 331 53.63 7.03 1.00
N ASP A 332 53.61 8.01 1.90
CA ASP A 332 52.38 8.67 2.29
C ASP A 332 51.59 9.23 1.12
N ASN A 333 50.29 8.97 1.10
CA ASN A 333 49.41 9.47 0.04
C ASN A 333 48.02 9.78 0.58
N GLY A 334 47.86 9.70 1.89
CA GLY A 334 46.56 9.98 2.50
C GLY A 334 45.85 8.78 3.08
N VAL A 335 46.10 7.60 2.51
CA VAL A 335 45.49 6.36 2.98
C VAL A 335 46.48 5.64 3.89
N PRO A 336 46.09 5.38 5.15
CA PRO A 336 46.93 4.70 6.14
C PRO A 336 47.18 3.21 5.92
N LEU A 337 46.84 2.71 4.74
CA LEU A 337 47.05 1.32 4.41
C LEU A 337 47.86 1.20 3.14
N ALA A 338 48.50 0.06 2.96
CA ALA A 338 49.29 -0.22 1.77
C ALA A 338 49.02 -1.67 1.42
N THR A 339 49.26 -2.05 0.17
CA THR A 339 49.06 -3.42 -0.21
C THR A 339 50.40 -3.98 -0.67
N ILE A 340 50.60 -5.27 -0.44
CA ILE A 340 51.85 -5.93 -0.82
C ILE A 340 51.54 -6.95 -1.91
N GLY A 341 52.09 -6.71 -3.10
CA GLY A 341 51.86 -7.58 -4.23
C GLY A 341 51.94 -6.73 -5.49
N THR A 342 51.31 -7.13 -6.58
CA THR A 342 50.51 -8.36 -6.65
C THR A 342 51.42 -9.50 -7.10
N PHE A 343 51.67 -10.46 -6.22
CA PHE A 343 52.56 -11.58 -6.53
C PHE A 343 52.14 -12.39 -7.75
N ASP A 344 50.83 -12.59 -7.92
CA ASP A 344 50.31 -13.31 -9.06
C ASP A 344 48.82 -12.97 -9.16
N GLN A 345 48.25 -13.16 -10.35
CA GLN A 345 46.85 -12.85 -10.58
C GLN A 345 46.30 -13.61 -11.76
N SER A 346 45.01 -13.44 -12.01
CA SER A 346 44.36 -14.09 -13.13
C SER A 346 42.93 -13.60 -13.29
N GLU A 347 42.40 -13.76 -14.50
CA GLU A 347 41.04 -13.36 -14.82
C GLU A 347 40.32 -14.62 -15.22
N TYR A 348 39.12 -14.83 -14.66
CA TYR A 348 38.37 -16.04 -14.95
C TYR A 348 37.20 -15.86 -15.91
N ILE A 349 37.25 -16.55 -17.04
CA ILE A 349 36.19 -16.54 -18.04
C ILE A 349 35.71 -17.99 -18.00
N ASP A 350 34.57 -18.22 -17.34
CA ASP A 350 34.05 -19.58 -17.16
C ASP A 350 33.76 -20.43 -18.39
N HIS A 351 33.81 -19.84 -19.59
CA HIS A 351 33.55 -20.62 -20.80
C HIS A 351 34.77 -20.70 -21.72
N ARG A 352 35.91 -20.24 -21.22
CA ARG A 352 37.16 -20.27 -21.98
C ARG A 352 38.31 -20.72 -21.09
N PRO A 353 39.22 -21.55 -21.63
CA PRO A 353 40.35 -22.01 -20.82
C PRO A 353 41.21 -20.80 -20.46
N GLY A 354 41.97 -20.91 -19.39
CA GLY A 354 42.82 -19.80 -18.99
C GLY A 354 43.74 -20.13 -17.85
N ARG A 355 44.86 -19.41 -17.80
CA ARG A 355 45.85 -19.60 -16.76
C ARG A 355 45.24 -19.19 -15.41
N ARG A 356 45.46 -20.01 -14.39
CA ARG A 356 44.95 -19.71 -13.06
C ARG A 356 46.07 -19.24 -12.14
N MET A 357 45.73 -18.33 -11.24
CA MET A 357 46.68 -17.78 -10.29
C MET A 357 47.24 -18.88 -9.39
N GLN A 358 48.53 -18.78 -9.06
CA GLN A 358 49.15 -19.74 -8.15
C GLN A 358 49.55 -18.99 -6.90
N THR A 359 49.65 -19.69 -5.78
CA THR A 359 49.99 -19.03 -4.52
C THR A 359 51.30 -19.54 -3.92
N ASP A 360 52.31 -19.76 -4.76
CA ASP A 360 53.59 -20.26 -4.29
C ASP A 360 54.74 -19.27 -4.41
N HIS A 361 54.47 -18.03 -4.80
CA HIS A 361 55.54 -17.06 -4.93
C HIS A 361 56.36 -17.02 -3.64
N PRO A 362 57.69 -17.21 -3.76
CA PRO A 362 58.61 -17.21 -2.60
C PRO A 362 58.48 -16.06 -1.61
N ASP A 363 58.31 -14.84 -2.12
CA ASP A 363 58.18 -13.71 -1.22
C ASP A 363 56.85 -13.73 -0.49
N TYR A 364 55.80 -14.14 -1.20
CA TYR A 364 54.48 -14.22 -0.59
C TYR A 364 54.50 -15.20 0.57
N ARG A 365 55.18 -16.32 0.39
CA ARG A 365 55.27 -17.37 1.42
C ARG A 365 56.16 -17.03 2.61
N ALA A 366 57.22 -16.28 2.38
CA ALA A 366 58.13 -15.93 3.47
C ALA A 366 57.76 -14.65 4.19
N LEU A 367 57.32 -13.66 3.42
CA LEU A 367 56.96 -12.34 3.93
C LEU A 367 56.35 -12.22 5.32
N PRO A 368 55.21 -12.89 5.57
CA PRO A 368 54.60 -12.78 6.90
C PRO A 368 55.59 -12.84 8.06
N GLU A 369 56.23 -13.99 8.21
CA GLU A 369 57.18 -14.19 9.29
C GLU A 369 58.54 -13.50 9.07
N ALA A 370 58.87 -13.24 7.80
CA ALA A 370 60.14 -12.61 7.46
C ALA A 370 60.18 -11.10 7.69
N ALA A 371 59.03 -10.50 7.96
CA ALA A 371 58.96 -9.06 8.19
C ALA A 371 58.07 -8.74 9.39
N PRO A 372 58.54 -9.08 10.62
CA PRO A 372 57.78 -8.83 11.85
C PRO A 372 57.69 -7.35 12.22
N THR A 373 58.45 -6.51 11.52
CA THR A 373 58.45 -5.08 11.79
C THR A 373 58.44 -4.33 10.46
N ALA A 374 58.12 -3.04 10.52
CA ALA A 374 58.09 -2.21 9.31
C ALA A 374 59.50 -2.09 8.72
N ALA A 375 60.50 -2.14 9.58
CA ALA A 375 61.90 -2.03 9.15
C ALA A 375 62.26 -3.24 8.30
N ALA A 376 62.00 -4.42 8.83
CA ALA A 376 62.29 -5.67 8.13
C ALA A 376 61.52 -5.75 6.81
N LEU A 377 60.41 -5.02 6.74
CA LEU A 377 59.58 -5.01 5.54
C LEU A 377 60.31 -4.35 4.39
N GLU A 378 61.30 -3.52 4.71
CA GLU A 378 62.09 -2.81 3.70
C GLU A 378 62.68 -3.76 2.66
N ALA A 379 62.98 -4.98 3.09
CA ALA A 379 63.56 -5.99 2.21
C ALA A 379 62.56 -6.42 1.13
N PHE A 380 61.30 -6.03 1.32
CA PHE A 380 60.24 -6.36 0.37
C PHE A 380 59.65 -5.09 -0.22
N ALA A 381 60.35 -3.98 -0.01
CA ALA A 381 59.92 -2.67 -0.48
C ALA A 381 59.35 -2.64 -1.91
N SER A 382 59.93 -3.42 -2.80
CA SER A 382 59.48 -3.47 -4.18
C SER A 382 58.03 -3.94 -4.31
N TRP A 383 57.55 -4.67 -3.32
CA TRP A 383 56.17 -5.17 -3.34
C TRP A 383 55.17 -4.29 -2.57
N VAL A 384 55.68 -3.40 -1.72
CA VAL A 384 54.83 -2.52 -0.93
C VAL A 384 54.36 -1.32 -1.77
N LYS A 385 53.06 -1.26 -2.01
CA LYS A 385 52.47 -0.19 -2.81
C LYS A 385 51.46 0.66 -2.05
N PRO A 386 51.33 1.94 -2.43
CA PRO A 386 50.37 2.80 -1.73
C PRO A 386 48.96 2.41 -2.19
N PHE A 387 47.95 2.70 -1.37
CA PHE A 387 46.57 2.37 -1.70
C PHE A 387 45.95 3.52 -2.49
N GLU A 388 45.45 3.26 -3.69
CA GLU A 388 44.83 4.31 -4.50
C GLU A 388 43.69 4.95 -3.71
N PRO A 389 43.79 6.25 -3.42
CA PRO A 389 42.80 7.03 -2.68
C PRO A 389 41.33 6.83 -3.07
N SER A 390 41.04 6.85 -4.37
CA SER A 390 39.67 6.70 -4.85
C SER A 390 39.06 5.33 -4.55
N LEU A 391 39.89 4.37 -4.15
CA LEU A 391 39.42 3.02 -3.86
C LEU A 391 39.35 2.79 -2.36
N TYR A 392 39.46 3.88 -1.59
CA TYR A 392 39.48 3.79 -0.15
C TYR A 392 38.64 4.86 0.54
N THR A 393 37.93 4.47 1.60
CA THR A 393 37.13 5.43 2.36
C THR A 393 36.88 4.98 3.80
N GLU A 394 36.92 5.94 4.72
CA GLU A 394 36.68 5.67 6.12
C GLU A 394 35.25 6.05 6.50
N GLU A 395 34.46 6.42 5.50
CA GLU A 395 33.05 6.76 5.69
C GLU A 395 32.35 5.48 5.25
N ASN A 396 32.30 4.51 6.17
CA ASN A 396 31.76 3.19 5.91
C ASN A 396 30.50 2.82 6.68
N VAL A 397 29.36 3.10 6.06
CA VAL A 397 28.07 2.82 6.71
C VAL A 397 27.84 1.34 6.97
N PHE A 398 28.19 0.48 6.00
CA PHE A 398 27.99 -0.96 6.17
C PHE A 398 28.78 -1.50 7.36
N GLY A 399 30.09 -1.26 7.37
CA GLY A 399 30.91 -1.75 8.46
C GLY A 399 30.48 -1.22 9.80
N SER A 400 30.01 0.03 9.82
CA SER A 400 29.55 0.68 11.05
C SER A 400 28.24 0.07 11.55
N ASN A 401 27.53 -0.65 10.67
CA ASN A 401 26.28 -1.29 11.06
C ASN A 401 26.48 -2.76 11.42
N VAL A 402 27.38 -3.43 10.71
CA VAL A 402 27.67 -4.83 10.99
C VAL A 402 28.36 -4.96 12.34
N TRP A 403 29.28 -4.05 12.63
CA TRP A 403 29.94 -4.09 13.93
C TRP A 403 29.67 -2.80 14.68
N ARG A 404 28.81 -2.90 15.69
CA ARG A 404 28.46 -1.77 16.52
C ARG A 404 29.06 -2.10 17.88
N THR A 405 29.99 -1.25 18.33
CA THR A 405 30.65 -1.46 19.62
C THR A 405 29.66 -1.25 20.76
N LEU A 406 28.55 -0.60 20.44
CA LEU A 406 27.49 -0.34 21.41
C LEU A 406 26.16 -0.41 20.67
N ALA A 407 25.20 -1.13 21.23
CA ALA A 407 23.86 -1.26 20.64
C ALA A 407 22.91 -1.37 21.82
N GLU A 408 22.31 -0.25 22.20
CA GLU A 408 21.42 -0.19 23.35
C GLU A 408 19.99 0.20 22.96
N ARG A 409 19.09 -0.79 22.99
CA ARG A 409 17.69 -0.54 22.65
C ARG A 409 16.98 0.37 23.64
N ARG A 410 16.21 1.30 23.12
CA ARG A 410 15.43 2.24 23.92
C ARG A 410 13.99 2.21 23.39
N ALA A 411 13.02 2.46 24.26
CA ALA A 411 11.63 2.47 23.82
C ALA A 411 11.47 3.58 22.79
N VAL A 412 10.65 3.36 21.77
CA VAL A 412 10.43 4.37 20.74
C VAL A 412 9.45 5.44 21.23
N PRO A 413 9.87 6.71 21.26
CA PRO A 413 9.01 7.82 21.70
C PRO A 413 7.91 8.06 20.66
N ARG A 414 6.71 8.38 21.13
CA ARG A 414 5.59 8.63 20.21
C ARG A 414 5.94 9.66 19.15
N SER A 415 6.62 10.73 19.55
CA SER A 415 7.00 11.79 18.61
C SER A 415 7.69 11.26 17.36
N VAL A 416 8.63 10.33 17.57
CA VAL A 416 9.39 9.78 16.46
C VAL A 416 8.52 9.13 15.39
N LEU A 417 7.38 8.59 15.78
CA LEU A 417 6.50 7.95 14.80
C LEU A 417 6.11 8.92 13.69
N ASN A 418 6.05 10.22 14.01
CA ASN A 418 5.70 11.23 13.02
C ASN A 418 6.64 11.20 11.83
N ALA A 419 7.85 10.68 12.05
CA ALA A 419 8.84 10.63 10.99
C ALA A 419 8.43 9.76 9.80
N ILE A 420 7.54 8.81 10.01
CA ILE A 420 7.11 7.95 8.92
C ILE A 420 5.67 8.18 8.50
N LEU A 421 5.06 9.25 9.01
CA LEU A 421 3.68 9.57 8.70
C LEU A 421 3.54 10.83 7.84
N PRO A 422 2.57 10.85 6.92
CA PRO A 422 2.39 12.03 6.08
C PRO A 422 1.56 13.07 6.85
N VAL A 423 2.18 13.68 7.85
CA VAL A 423 1.54 14.68 8.70
C VAL A 423 2.44 15.90 8.84
N PRO A 424 1.89 17.05 9.26
CA PRO A 424 2.70 18.26 9.40
C PRO A 424 3.71 18.24 10.55
N GLU A 425 3.37 17.58 11.65
CA GLU A 425 4.27 17.53 12.81
C GLU A 425 5.47 16.60 12.56
N PRO A 426 6.69 17.12 12.75
CA PRO A 426 7.88 16.28 12.52
C PRO A 426 8.14 15.35 13.69
N GLY A 427 9.05 14.39 13.46
CA GLY A 427 9.42 13.47 14.52
C GLY A 427 10.71 14.00 15.10
N VAL A 428 10.73 14.21 16.41
CA VAL A 428 11.93 14.73 17.07
C VAL A 428 12.75 13.60 17.65
N LEU A 429 13.96 13.43 17.12
CA LEU A 429 14.84 12.36 17.57
C LEU A 429 15.56 12.72 18.85
N PRO A 430 15.69 11.76 19.77
CA PRO A 430 16.39 12.02 21.03
C PRO A 430 17.87 12.17 20.76
N VAL A 431 18.51 13.03 21.54
CA VAL A 431 19.95 13.24 21.42
C VAL A 431 20.59 12.57 22.61
N PHE A 432 21.48 11.61 22.35
CA PHE A 432 22.16 10.91 23.42
C PHE A 432 23.46 11.63 23.74
N GLU A 433 23.80 11.67 25.03
CA GLU A 433 25.04 12.35 25.44
C GLU A 433 26.25 11.62 24.89
N ASP A 434 26.20 10.29 24.92
CA ASP A 434 27.30 9.47 24.43
C ASP A 434 26.82 8.38 23.49
N GLY A 435 26.78 8.67 22.20
CA GLY A 435 26.35 7.68 21.23
C GLY A 435 25.47 8.26 20.15
N ASP A 436 25.23 7.46 19.11
CA ASP A 436 24.41 7.88 17.98
C ASP A 436 22.97 7.38 18.15
N CYS A 437 22.07 7.91 17.33
CA CYS A 437 20.67 7.51 17.40
C CYS A 437 20.31 6.65 16.19
N GLU A 438 20.02 5.39 16.44
CA GLU A 438 19.67 4.47 15.35
C GLU A 438 18.17 4.17 15.31
N LEU A 439 17.56 4.42 14.17
CA LEU A 439 16.14 4.13 13.97
C LEU A 439 16.02 3.00 12.97
N VAL A 440 15.22 1.99 13.27
CA VAL A 440 15.01 0.90 12.32
C VAL A 440 13.59 1.13 11.80
N ILE A 441 13.50 1.54 10.54
CA ILE A 441 12.25 1.85 9.88
C ILE A 441 11.78 0.63 9.09
N ASP A 442 10.56 0.17 9.34
CA ASP A 442 10.02 -0.99 8.63
C ASP A 442 9.05 -0.56 7.55
N LEU A 443 9.39 -0.82 6.29
CA LEU A 443 8.52 -0.46 5.18
C LEU A 443 7.23 -1.30 5.19
N GLY A 444 7.27 -2.44 5.89
CA GLY A 444 6.09 -3.30 5.97
C GLY A 444 6.22 -4.47 5.00
N ALA A 445 7.05 -4.28 3.99
CA ALA A 445 7.29 -5.29 2.99
C ALA A 445 8.53 -4.89 2.21
N GLU A 446 9.07 -5.82 1.45
CA GLU A 446 10.23 -5.53 0.63
C GLU A 446 9.79 -4.49 -0.39
N ARG A 447 10.68 -3.56 -0.71
CA ARG A 447 10.39 -2.56 -1.73
C ARG A 447 11.68 -2.31 -2.51
N SER A 448 11.56 -1.64 -3.64
CA SER A 448 12.72 -1.35 -4.47
C SER A 448 12.59 0.06 -5.00
N GLY A 449 13.59 0.89 -4.74
CA GLY A 449 13.51 2.26 -5.20
C GLY A 449 14.51 3.23 -4.63
N PHE A 450 14.10 4.49 -4.60
CA PHE A 450 14.95 5.58 -4.14
C PHE A 450 14.56 6.14 -2.78
N ILE A 451 15.47 5.98 -1.82
CA ILE A 451 15.25 6.46 -0.47
C ILE A 451 15.27 7.98 -0.44
N GLY A 452 14.31 8.55 0.28
CA GLY A 452 14.23 9.99 0.38
C GLY A 452 13.87 10.43 1.78
N PHE A 453 14.19 11.68 2.10
CA PHE A 453 13.87 12.21 3.41
C PHE A 453 13.92 13.73 3.41
N GLU A 454 13.38 14.31 4.47
CA GLU A 454 13.38 15.76 4.66
C GLU A 454 13.57 15.92 6.15
N LEU A 455 14.47 16.81 6.54
CA LEU A 455 14.75 17.01 7.95
C LEU A 455 15.43 18.35 8.24
N GLU A 456 15.52 18.67 9.52
CA GLU A 456 16.18 19.89 9.99
C GLU A 456 17.26 19.37 10.93
N ALA A 457 18.48 19.87 10.77
CA ALA A 457 19.56 19.42 11.65
C ALA A 457 20.73 20.38 11.63
N PRO A 458 21.59 20.30 12.65
CA PRO A 458 22.76 21.18 12.73
C PRO A 458 23.70 20.79 11.58
N ALA A 459 24.54 21.74 11.16
CA ALA A 459 25.48 21.45 10.09
C ALA A 459 26.46 20.37 10.53
N GLY A 460 26.79 19.47 9.60
CA GLY A 460 27.73 18.40 9.93
C GLY A 460 27.09 17.13 10.44
N THR A 461 25.80 17.18 10.77
CA THR A 461 25.13 15.98 11.26
C THR A 461 25.19 14.88 10.19
N ILE A 462 25.55 13.68 10.62
CA ILE A 462 25.65 12.55 9.71
C ILE A 462 24.36 11.74 9.68
N ILE A 463 23.87 11.47 8.47
CA ILE A 463 22.66 10.67 8.29
C ILE A 463 23.05 9.43 7.49
N ASP A 464 23.12 8.28 8.17
CA ASP A 464 23.48 7.01 7.55
C ASP A 464 22.24 6.16 7.25
N ALA A 465 22.20 5.59 6.06
CA ALA A 465 21.09 4.75 5.64
C ALA A 465 21.62 3.40 5.21
N TYR A 466 20.99 2.34 5.68
CA TYR A 466 21.38 0.97 5.36
C TYR A 466 20.14 0.08 5.31
N GLY A 467 19.89 -0.54 4.16
CA GLY A 467 18.72 -1.38 4.02
C GLY A 467 18.97 -2.88 4.01
N VAL A 468 18.16 -3.61 4.79
CA VAL A 468 18.28 -5.06 4.84
C VAL A 468 16.92 -5.65 4.50
N GLU A 469 16.90 -6.93 4.16
CA GLU A 469 15.66 -7.61 3.79
C GLU A 469 15.02 -8.39 4.93
N TYR A 470 15.86 -8.89 5.84
CA TYR A 470 15.39 -9.73 6.91
C TYR A 470 16.01 -9.51 8.28
N MET A 471 15.16 -9.56 9.31
CA MET A 471 15.59 -9.45 10.68
C MET A 471 14.49 -10.05 11.55
N ARG A 472 14.89 -10.70 12.64
CA ARG A 472 13.94 -11.35 13.53
C ARG A 472 14.52 -11.58 14.92
N GLU A 473 13.78 -11.11 15.93
CA GLU A 473 14.16 -11.29 17.32
C GLU A 473 15.64 -11.15 17.68
N GLY A 474 16.23 -10.02 17.34
CA GLY A 474 17.63 -9.80 17.67
C GLY A 474 18.61 -10.18 16.57
N TYR A 475 18.13 -10.88 15.56
CA TYR A 475 19.01 -11.28 14.46
C TYR A 475 18.75 -10.42 13.23
N THR A 476 19.83 -9.84 12.71
CA THR A 476 19.73 -9.02 11.51
C THR A 476 20.53 -9.73 10.42
N GLN A 477 19.90 -10.04 9.29
CA GLN A 477 20.65 -10.68 8.22
C GLN A 477 21.30 -9.57 7.42
N HIS A 478 22.59 -9.34 7.67
CA HIS A 478 23.29 -8.29 6.94
C HIS A 478 23.51 -8.67 5.48
N THR A 479 23.50 -7.67 4.62
CA THR A 479 23.68 -7.90 3.19
C THR A 479 25.15 -8.03 2.81
N TYR A 480 25.84 -9.03 3.38
CA TYR A 480 27.24 -9.27 3.08
C TYR A 480 27.39 -9.33 1.57
N GLY A 481 28.34 -8.55 1.03
CA GLY A 481 28.54 -8.53 -0.41
C GLY A 481 27.78 -7.38 -1.06
N LEU A 482 27.05 -6.64 -0.24
CA LEU A 482 26.25 -5.52 -0.74
C LEU A 482 26.27 -4.33 0.20
N ASP A 483 26.98 -3.28 -0.18
CA ASP A 483 27.01 -2.07 0.63
C ASP A 483 25.74 -1.31 0.25
N ASN A 484 24.62 -1.76 0.81
CA ASN A 484 23.29 -1.21 0.54
C ASN A 484 23.11 0.05 1.37
N THR A 485 23.97 1.04 1.12
CA THR A 485 23.98 2.24 1.93
C THR A 485 24.31 3.55 1.24
N PHE A 486 24.21 4.62 2.04
CA PHE A 486 24.60 5.96 1.64
C PHE A 486 24.78 6.77 2.92
N ARG A 487 25.65 7.77 2.85
CA ARG A 487 25.87 8.64 3.98
C ARG A 487 25.61 10.04 3.47
N TYR A 488 24.85 10.79 4.26
CA TYR A 488 24.50 12.16 3.92
C TYR A 488 24.93 13.03 5.08
N ILE A 489 25.73 14.04 4.80
CA ILE A 489 26.22 14.95 5.84
C ILE A 489 25.43 16.25 5.65
N CYS A 490 24.75 16.65 6.71
CA CYS A 490 23.89 17.83 6.69
C CYS A 490 24.49 19.22 6.60
N ARG A 491 23.77 20.09 5.90
CA ARG A 491 24.16 21.48 5.81
C ARG A 491 23.29 22.03 6.94
N GLU A 492 23.39 23.31 7.23
CA GLU A 492 22.60 23.88 8.33
C GLU A 492 21.13 24.07 7.97
N GLY A 493 20.23 23.68 8.88
CA GLY A 493 18.81 23.87 8.65
C GLY A 493 18.01 22.73 8.04
N ARG A 494 16.90 23.08 7.42
CA ARG A 494 16.02 22.10 6.80
C ARG A 494 16.52 21.76 5.40
N GLN A 495 16.43 20.50 5.03
CA GLN A 495 16.90 20.05 3.72
C GLN A 495 16.21 18.75 3.32
N SER A 496 16.26 18.45 2.03
CA SER A 496 15.65 17.23 1.49
C SER A 496 16.66 16.54 0.59
N TYR A 497 16.56 15.21 0.52
CA TYR A 497 17.46 14.44 -0.31
C TYR A 497 16.81 13.15 -0.78
N VAL A 498 17.04 12.82 -2.06
CA VAL A 498 16.52 11.59 -2.63
C VAL A 498 17.68 10.91 -3.33
N SER A 499 18.09 9.76 -2.82
CA SER A 499 19.19 9.01 -3.41
C SER A 499 18.85 8.55 -4.82
N PRO A 500 19.74 8.82 -5.80
CA PRO A 500 19.48 8.41 -7.18
C PRO A 500 19.94 6.97 -7.42
N VAL A 501 20.37 6.30 -6.36
CA VAL A 501 20.82 4.92 -6.45
C VAL A 501 19.72 3.99 -5.95
N ARG A 502 19.28 3.07 -6.81
CA ARG A 502 18.21 2.15 -6.44
C ARG A 502 18.67 1.13 -5.40
N ARG A 503 17.82 0.86 -4.41
CA ARG A 503 18.11 -0.13 -3.38
C ARG A 503 16.86 -0.96 -3.09
N GLY A 504 17.06 -2.23 -2.77
CA GLY A 504 15.95 -3.11 -2.46
C GLY A 504 16.13 -3.54 -1.01
N PHE A 505 15.06 -3.45 -0.22
CA PHE A 505 15.14 -3.80 1.19
C PHE A 505 13.76 -3.65 1.82
N ARG A 506 13.62 -4.13 3.06
CA ARG A 506 12.37 -3.97 3.77
C ARG A 506 12.61 -3.09 5.00
N TYR A 507 13.73 -3.30 5.67
CA TYR A 507 14.06 -2.55 6.87
C TYR A 507 15.20 -1.57 6.63
N LEU A 508 15.02 -0.33 7.07
CA LEU A 508 16.04 0.68 6.89
C LEU A 508 16.64 1.14 8.22
N PHE A 509 17.95 0.96 8.36
CA PHE A 509 18.62 1.42 9.56
C PHE A 509 18.99 2.87 9.24
N LEU A 510 18.39 3.81 9.96
CA LEU A 510 18.68 5.22 9.75
C LEU A 510 19.40 5.66 11.01
N THR A 511 20.69 5.95 10.89
CA THR A 511 21.48 6.32 12.05
C THR A 511 21.98 7.76 11.98
N VAL A 512 21.66 8.54 13.00
CA VAL A 512 22.02 9.94 13.09
C VAL A 512 23.21 10.10 14.04
N ARG A 513 24.28 10.73 13.55
CA ARG A 513 25.49 10.91 14.34
C ARG A 513 26.06 12.35 14.33
N GLY A 514 26.81 12.67 15.38
CA GLY A 514 27.46 13.97 15.48
C GLY A 514 26.65 15.24 15.59
N ASN A 515 25.36 15.14 15.90
CA ASN A 515 24.53 16.32 16.02
C ASN A 515 24.54 16.78 17.47
N SER A 516 24.69 18.08 17.70
CA SER A 516 24.70 18.64 19.04
C SER A 516 23.27 18.95 19.46
N ALA A 517 22.52 19.54 18.54
CA ALA A 517 21.13 19.90 18.78
C ALA A 517 20.22 18.82 18.22
N PRO A 518 18.97 18.76 18.69
CA PRO A 518 18.04 17.74 18.19
C PRO A 518 17.75 17.83 16.70
N VAL A 519 17.55 16.67 16.09
CA VAL A 519 17.23 16.58 14.68
C VAL A 519 15.73 16.36 14.53
N LYS A 520 15.10 17.11 13.63
CA LYS A 520 13.68 16.96 13.39
C LYS A 520 13.49 16.25 12.06
N LEU A 521 12.98 15.02 12.12
CA LEU A 521 12.77 14.26 10.90
C LEU A 521 11.33 14.48 10.44
N HIS A 522 11.18 15.23 9.35
CA HIS A 522 9.86 15.53 8.81
C HIS A 522 9.28 14.33 8.09
N GLU A 523 10.14 13.56 7.43
CA GLU A 523 9.70 12.34 6.74
C GLU A 523 10.84 11.53 6.17
N ILE A 524 10.67 10.22 6.20
CA ILE A 524 11.62 9.25 5.66
C ILE A 524 10.70 8.35 4.85
N TYR A 525 11.07 8.08 3.61
CA TYR A 525 10.21 7.27 2.75
C TYR A 525 11.02 6.68 1.60
N ILE A 526 10.33 5.98 0.71
CA ILE A 526 10.98 5.43 -0.46
C ILE A 526 10.14 5.75 -1.68
N ARG A 527 10.80 6.09 -2.78
CA ARG A 527 10.08 6.33 -4.01
C ARG A 527 10.24 5.02 -4.75
N GLN A 528 9.23 4.15 -4.63
CA GLN A 528 9.28 2.85 -5.27
C GLN A 528 9.25 3.03 -6.78
N SER A 529 10.02 2.21 -7.48
CA SER A 529 10.12 2.30 -8.93
C SER A 529 10.18 0.92 -9.59
N THR A 530 9.21 0.63 -10.46
CA THR A 530 9.17 -0.63 -11.17
C THR A 530 8.63 -0.42 -12.57
N TYR A 531 8.63 -1.49 -13.36
CA TYR A 531 8.08 -1.42 -14.70
C TYR A 531 6.62 -1.07 -14.44
N PRO A 532 5.98 -0.32 -15.36
CA PRO A 532 4.57 0.04 -15.17
C PRO A 532 3.62 -1.14 -15.22
N VAL A 533 3.24 -1.65 -14.06
CA VAL A 533 2.33 -2.78 -13.98
C VAL A 533 1.10 -2.43 -13.15
N ALA A 534 -0.06 -2.90 -13.58
CA ALA A 534 -1.30 -2.68 -12.87
C ALA A 534 -1.75 -4.07 -12.43
N GLU A 535 -2.49 -4.16 -11.33
CA GLU A 535 -2.92 -5.46 -10.83
C GLU A 535 -4.10 -6.00 -11.62
N GLN A 536 -3.87 -6.19 -12.93
CA GLN A 536 -4.90 -6.68 -13.84
C GLN A 536 -5.19 -8.16 -13.73
N GLY A 537 -4.28 -8.91 -13.11
CA GLY A 537 -4.51 -10.33 -12.94
C GLY A 537 -4.86 -10.59 -11.49
N SER A 538 -5.50 -11.70 -11.19
CA SER A 538 -5.84 -12.00 -9.81
C SER A 538 -6.15 -13.46 -9.56
N PHE A 539 -6.12 -13.83 -8.28
CA PHE A 539 -6.44 -15.18 -7.84
C PHE A 539 -6.74 -15.19 -6.35
N ARG A 540 -7.85 -15.83 -5.99
CA ARG A 540 -8.24 -15.99 -4.59
C ARG A 540 -8.99 -17.31 -4.50
N CYS A 541 -8.85 -18.01 -3.39
CA CYS A 541 -9.54 -19.28 -3.21
C CYS A 541 -9.89 -19.50 -1.75
N SER A 542 -10.55 -20.62 -1.48
CA SER A 542 -10.98 -20.95 -0.12
C SER A 542 -9.82 -21.19 0.87
N ASP A 543 -8.62 -21.37 0.33
CA ASP A 543 -7.44 -21.62 1.16
C ASP A 543 -6.65 -20.32 1.34
N ALA A 544 -6.77 -19.72 2.52
CA ALA A 544 -6.07 -18.47 2.82
C ALA A 544 -4.56 -18.55 2.67
N LEU A 545 -3.96 -19.71 2.94
CA LEU A 545 -2.52 -19.86 2.81
C LEU A 545 -2.13 -19.70 1.34
N LEU A 546 -2.87 -20.37 0.45
CA LEU A 546 -2.59 -20.26 -0.97
C LEU A 546 -2.75 -18.82 -1.42
N ASN A 547 -3.77 -18.12 -0.91
CA ASN A 547 -3.98 -16.72 -1.28
C ASN A 547 -2.76 -15.88 -0.92
N ALA A 548 -2.19 -16.16 0.24
CA ALA A 548 -1.02 -15.41 0.69
C ALA A 548 0.20 -15.75 -0.17
N THR A 549 0.32 -16.99 -0.61
CA THR A 549 1.46 -17.38 -1.43
C THR A 549 1.35 -16.68 -2.78
N TRP A 550 0.13 -16.49 -3.27
CA TRP A 550 -0.10 -15.81 -4.54
C TRP A 550 0.27 -14.33 -4.37
N GLU A 551 -0.13 -13.76 -3.24
CA GLU A 551 0.14 -12.37 -2.93
C GLU A 551 1.65 -12.06 -2.92
N ILE A 552 2.44 -12.88 -2.23
CA ILE A 552 3.87 -12.60 -2.21
C ILE A 552 4.52 -12.91 -3.56
N SER A 553 3.95 -13.84 -4.31
CA SER A 553 4.49 -14.17 -5.63
C SER A 553 4.28 -12.97 -6.56
N ARG A 554 3.12 -12.33 -6.45
CA ARG A 554 2.82 -11.17 -7.29
C ARG A 554 3.75 -10.01 -6.91
N HIS A 555 3.93 -9.79 -5.61
CA HIS A 555 4.79 -8.70 -5.16
C HIS A 555 6.25 -8.92 -5.58
N THR A 556 6.71 -10.15 -5.49
CA THR A 556 8.09 -10.47 -5.87
C THR A 556 8.31 -10.14 -7.34
N THR A 557 7.35 -10.53 -8.18
CA THR A 557 7.43 -10.30 -9.61
C THR A 557 7.48 -8.81 -9.91
N ARG A 558 6.64 -8.03 -9.24
CA ARG A 558 6.60 -6.58 -9.41
C ARG A 558 7.98 -5.98 -9.14
N LEU A 559 8.57 -6.32 -8.01
CA LEU A 559 9.87 -5.77 -7.62
C LEU A 559 11.03 -6.23 -8.50
N CYS A 560 10.84 -7.32 -9.22
CA CYS A 560 11.87 -7.84 -10.09
C CYS A 560 11.63 -7.44 -11.54
N MET A 561 10.83 -6.40 -11.72
CA MET A 561 10.54 -5.88 -13.05
C MET A 561 10.96 -4.40 -13.08
N GLU A 562 12.13 -4.15 -13.63
CA GLU A 562 12.66 -2.78 -13.76
C GLU A 562 12.57 -2.49 -15.25
N ASP A 563 13.65 -1.95 -15.84
CA ASP A 563 13.65 -1.69 -17.27
C ASP A 563 13.77 -3.05 -17.97
N THR A 564 14.15 -4.05 -17.18
CA THR A 564 14.27 -5.44 -17.64
C THR A 564 13.88 -6.28 -16.44
N PHE A 565 13.66 -7.57 -16.64
CA PHE A 565 13.38 -8.44 -15.50
C PHE A 565 14.73 -8.49 -14.80
N VAL A 566 14.74 -8.69 -13.49
CA VAL A 566 15.99 -8.80 -12.76
C VAL A 566 15.87 -9.97 -11.80
N ASP A 567 17.00 -10.51 -11.37
CA ASP A 567 16.99 -11.63 -10.44
C ASP A 567 16.43 -11.20 -9.09
N CYS A 568 16.87 -10.03 -8.62
CA CYS A 568 16.41 -9.50 -7.34
C CYS A 568 16.64 -7.98 -7.27
N PRO A 569 15.92 -7.30 -6.37
CA PRO A 569 16.06 -5.85 -6.22
C PRO A 569 17.15 -5.40 -5.24
N SER A 570 17.63 -6.32 -4.41
CA SER A 570 18.65 -5.99 -3.42
C SER A 570 20.09 -6.21 -3.88
N TYR A 571 20.56 -7.46 -3.80
CA TYR A 571 21.94 -7.77 -4.16
C TYR A 571 22.41 -7.45 -5.58
N GLU A 572 21.61 -7.76 -6.60
CA GLU A 572 22.08 -7.57 -7.97
C GLU A 572 21.35 -6.62 -8.92
N GLN A 573 20.03 -6.73 -9.02
CA GLN A 573 19.26 -5.88 -9.95
C GLN A 573 19.76 -6.16 -11.36
N VAL A 574 20.14 -7.41 -11.60
CA VAL A 574 20.67 -7.86 -12.89
C VAL A 574 19.69 -8.68 -13.72
N PHE A 575 19.67 -8.44 -15.02
CA PHE A 575 18.81 -9.21 -15.90
C PHE A 575 19.47 -10.55 -16.18
N TRP A 576 19.11 -11.55 -15.38
CA TRP A 576 19.62 -12.90 -15.56
C TRP A 576 18.64 -13.60 -16.48
N VAL A 577 19.17 -14.16 -17.57
CA VAL A 577 18.34 -14.82 -18.57
C VAL A 577 17.52 -16.00 -18.07
N GLY A 578 18.15 -16.91 -17.33
CA GLY A 578 17.44 -18.06 -16.83
C GLY A 578 16.23 -17.69 -15.99
N ASP A 579 16.42 -16.75 -15.06
CA ASP A 579 15.34 -16.32 -14.19
C ASP A 579 14.15 -15.75 -14.98
N SER A 580 14.46 -14.98 -16.01
CA SER A 580 13.42 -14.33 -16.82
C SER A 580 12.39 -15.25 -17.47
N ARG A 581 12.74 -16.49 -17.75
CA ARG A 581 11.77 -17.40 -18.37
C ARG A 581 10.58 -17.59 -17.42
N ASN A 582 10.86 -17.92 -16.16
CA ASN A 582 9.80 -18.12 -15.18
C ASN A 582 9.12 -16.79 -14.86
N GLU A 583 9.91 -15.74 -14.71
CA GLU A 583 9.37 -14.44 -14.38
C GLU A 583 8.40 -13.95 -15.46
N ALA A 584 8.68 -14.25 -16.72
CA ALA A 584 7.79 -13.83 -17.80
C ALA A 584 6.44 -14.51 -17.69
N LEU A 585 6.45 -15.82 -17.45
CA LEU A 585 5.20 -16.57 -17.32
C LEU A 585 4.35 -16.08 -16.16
N VAL A 586 4.98 -15.84 -15.00
CA VAL A 586 4.22 -15.35 -13.86
C VAL A 586 3.63 -13.99 -14.23
N ASN A 587 4.45 -13.17 -14.87
CA ASN A 587 4.01 -11.85 -15.31
C ASN A 587 2.76 -11.93 -16.20
N TYR A 588 2.74 -12.89 -17.12
CA TYR A 588 1.59 -13.04 -18.02
C TYR A 588 0.30 -13.23 -17.23
N TYR A 589 0.38 -13.98 -16.14
CA TYR A 589 -0.83 -14.23 -15.35
C TYR A 589 -1.18 -13.16 -14.32
N VAL A 590 -0.18 -12.49 -13.74
CA VAL A 590 -0.49 -11.49 -12.72
C VAL A 590 -0.54 -10.04 -13.21
N PHE A 591 0.20 -9.73 -14.28
CA PHE A 591 0.22 -8.36 -14.80
C PHE A 591 -0.20 -8.24 -16.27
N GLY A 592 0.33 -9.14 -17.10
CA GLY A 592 -0.01 -9.13 -18.53
C GLY A 592 0.85 -8.27 -19.43
N GLU A 593 2.01 -7.84 -18.95
CA GLU A 593 2.88 -7.00 -19.78
C GLU A 593 3.65 -7.83 -20.79
N THR A 594 3.89 -7.26 -21.96
CA THR A 594 4.62 -7.97 -23.01
C THR A 594 5.87 -7.25 -23.52
N GLU A 595 5.84 -5.92 -23.55
CA GLU A 595 6.98 -5.18 -24.06
C GLU A 595 8.27 -5.45 -23.30
N ILE A 596 8.18 -5.58 -21.97
CA ILE A 596 9.38 -5.83 -21.18
C ILE A 596 9.94 -7.20 -21.55
N VAL A 597 9.08 -8.16 -21.84
CA VAL A 597 9.54 -9.50 -22.20
C VAL A 597 10.32 -9.46 -23.52
N GLU A 598 9.74 -8.84 -24.56
CA GLU A 598 10.44 -8.79 -25.83
C GLU A 598 11.75 -8.02 -25.70
N ARG A 599 11.74 -6.93 -24.95
CA ARG A 599 12.96 -6.14 -24.75
C ARG A 599 14.06 -7.03 -24.20
N CYS A 600 13.73 -7.85 -23.21
CA CYS A 600 14.72 -8.74 -22.62
C CYS A 600 15.20 -9.80 -23.59
N LEU A 601 14.27 -10.42 -24.31
CA LEU A 601 14.63 -11.45 -25.27
C LEU A 601 15.55 -10.89 -26.36
N ASN A 602 15.30 -9.64 -26.76
CA ASN A 602 16.09 -8.98 -27.80
C ASN A 602 17.50 -8.61 -27.35
N LEU A 603 17.69 -8.43 -26.05
CA LEU A 603 19.01 -8.05 -25.52
C LEU A 603 20.02 -9.19 -25.51
N VAL A 604 19.54 -10.42 -25.38
CA VAL A 604 20.42 -11.58 -25.30
C VAL A 604 21.34 -11.79 -26.51
N PRO A 605 20.81 -11.72 -27.74
CA PRO A 605 21.67 -11.91 -28.92
C PRO A 605 22.80 -10.89 -29.03
N GLY A 606 22.69 -9.80 -28.26
CA GLY A 606 23.72 -8.78 -28.29
C GLY A 606 25.04 -9.26 -27.72
N SER A 607 25.03 -10.42 -27.06
CA SER A 607 26.25 -10.99 -26.47
C SER A 607 26.91 -11.96 -27.44
N ALA A 608 26.39 -12.05 -28.66
CA ALA A 608 26.92 -12.95 -29.67
C ALA A 608 28.41 -12.69 -29.94
N ASP A 609 28.82 -11.43 -29.94
CA ASP A 609 30.22 -11.10 -30.18
C ASP A 609 31.12 -11.71 -29.12
N GLU A 610 30.61 -11.77 -27.88
CA GLU A 610 31.36 -12.34 -26.78
C GLU A 610 31.44 -13.86 -26.91
N THR A 611 30.32 -14.47 -27.25
CA THR A 611 30.25 -15.92 -27.42
C THR A 611 28.93 -16.36 -28.02
N PRO A 612 28.98 -17.26 -29.03
CA PRO A 612 27.79 -17.77 -29.70
C PRO A 612 26.88 -18.56 -28.76
N LEU A 613 27.40 -18.89 -27.58
CA LEU A 613 26.63 -19.64 -26.59
C LEU A 613 25.75 -18.69 -25.77
N TYR A 614 26.02 -17.40 -25.89
CA TYR A 614 25.27 -16.33 -25.24
C TYR A 614 25.46 -16.21 -23.72
N LEU A 615 25.61 -14.98 -23.25
CA LEU A 615 25.81 -14.70 -21.82
C LEU A 615 24.59 -15.01 -20.97
N ASP A 616 24.84 -15.44 -19.73
CA ASP A 616 23.76 -15.79 -18.81
C ASP A 616 23.07 -14.58 -18.16
N GLN A 617 23.66 -13.40 -18.33
CA GLN A 617 23.08 -12.14 -17.84
C GLN A 617 23.57 -11.05 -18.79
N VAL A 618 22.68 -10.14 -19.17
CA VAL A 618 23.01 -9.06 -20.11
C VAL A 618 22.23 -7.77 -19.86
N PRO A 619 22.71 -6.63 -20.38
CA PRO A 619 23.96 -6.48 -21.13
C PRO A 619 25.01 -6.36 -20.03
N SER A 620 26.01 -7.25 -20.06
CA SER A 620 26.99 -7.27 -18.99
C SER A 620 28.46 -7.39 -19.38
N ALA A 621 29.33 -6.96 -18.47
CA ALA A 621 30.77 -7.03 -18.67
C ALA A 621 31.31 -8.34 -18.11
N TRP A 622 30.45 -9.17 -17.55
CA TRP A 622 30.88 -10.46 -17.04
C TRP A 622 30.59 -11.48 -18.12
N SER A 623 31.64 -11.90 -18.82
CA SER A 623 31.51 -12.88 -19.89
C SER A 623 31.34 -14.24 -19.23
N SER A 624 30.09 -14.61 -19.00
CA SER A 624 29.76 -15.87 -18.34
C SER A 624 28.66 -16.59 -19.10
N VAL A 625 28.75 -17.91 -19.16
CA VAL A 625 27.76 -18.72 -19.87
C VAL A 625 27.24 -19.87 -19.04
N ILE A 626 25.93 -20.07 -19.09
CA ILE A 626 25.28 -21.18 -18.43
C ILE A 626 24.39 -21.76 -19.52
N PRO A 627 24.75 -22.95 -20.04
CA PRO A 627 23.96 -23.59 -21.10
C PRO A 627 22.45 -23.55 -20.87
N ASN A 628 22.00 -24.02 -19.72
CA ASN A 628 20.57 -24.03 -19.42
C ASN A 628 19.92 -22.65 -19.51
N TRP A 629 20.64 -21.60 -19.12
CA TRP A 629 20.07 -20.26 -19.20
C TRP A 629 19.79 -19.91 -20.65
N THR A 630 20.71 -20.25 -21.55
CA THR A 630 20.49 -19.96 -22.96
C THR A 630 19.35 -20.82 -23.48
N PHE A 631 19.26 -22.06 -23.00
CA PHE A 631 18.19 -22.93 -23.42
C PHE A 631 16.85 -22.37 -22.92
N PHE A 632 16.86 -21.77 -21.73
CA PHE A 632 15.63 -21.20 -21.18
C PHE A 632 15.24 -19.95 -21.97
N TRP A 633 16.24 -19.29 -22.55
CA TRP A 633 16.01 -18.11 -23.37
C TRP A 633 15.24 -18.54 -24.62
N ILE A 634 15.65 -19.66 -25.20
CA ILE A 634 14.98 -20.17 -26.39
C ILE A 634 13.54 -20.51 -26.01
N LEU A 635 13.37 -21.14 -24.86
CA LEU A 635 12.05 -21.51 -24.36
C LEU A 635 11.22 -20.24 -24.23
N ALA A 636 11.78 -19.23 -23.57
CA ALA A 636 11.08 -17.97 -23.37
C ALA A 636 10.67 -17.33 -24.69
N CYS A 637 11.53 -17.44 -25.71
CA CYS A 637 11.22 -16.88 -27.02
C CYS A 637 10.01 -17.59 -27.60
N ARG A 638 10.01 -18.92 -27.51
CA ARG A 638 8.88 -19.69 -28.01
C ARG A 638 7.61 -19.32 -27.25
N GLU A 639 7.71 -19.29 -25.93
CA GLU A 639 6.55 -18.96 -25.10
C GLU A 639 6.03 -17.55 -25.37
N TYR A 640 6.94 -16.62 -25.63
CA TYR A 640 6.53 -15.24 -25.93
C TYR A 640 5.83 -15.19 -27.28
N ALA A 641 6.40 -15.87 -28.26
CA ALA A 641 5.82 -15.90 -29.60
C ALA A 641 4.43 -16.52 -29.58
N ALA A 642 4.26 -17.57 -28.77
CA ALA A 642 2.97 -18.25 -28.68
C ALA A 642 1.96 -17.42 -27.89
N HIS A 643 2.44 -16.72 -26.86
CA HIS A 643 1.60 -15.90 -26.01
C HIS A 643 0.98 -14.75 -26.80
N THR A 644 1.83 -14.03 -27.53
CA THR A 644 1.40 -12.89 -28.30
C THR A 644 0.92 -13.21 -29.71
N GLY A 645 1.38 -14.34 -30.25
CA GLY A 645 1.01 -14.71 -31.60
C GLY A 645 1.75 -13.77 -32.54
N ASN A 646 2.86 -13.22 -32.06
CA ASN A 646 3.67 -12.28 -32.83
C ASN A 646 4.65 -12.99 -33.76
N GLU A 647 4.18 -13.35 -34.95
CA GLU A 647 5.00 -14.03 -35.94
C GLU A 647 6.18 -13.19 -36.39
N ALA A 648 5.99 -11.88 -36.45
CA ALA A 648 7.05 -10.97 -36.87
C ALA A 648 8.25 -11.11 -35.95
N PHE A 649 7.99 -11.20 -34.65
CA PHE A 649 9.09 -11.35 -33.69
C PHE A 649 9.78 -12.69 -33.89
N ALA A 650 9.01 -13.75 -34.12
CA ALA A 650 9.57 -15.07 -34.32
C ALA A 650 10.56 -15.05 -35.49
N ALA A 651 10.19 -14.34 -36.56
CA ALA A 651 11.03 -14.23 -37.74
C ALA A 651 12.31 -13.45 -37.42
N ARG A 652 12.17 -12.38 -36.65
CA ARG A 652 13.31 -11.56 -36.28
C ARG A 652 14.28 -12.29 -35.36
N ILE A 653 13.75 -13.12 -34.46
CA ILE A 653 14.59 -13.83 -33.50
C ILE A 653 15.10 -15.21 -33.95
N TRP A 654 14.45 -15.82 -34.94
CA TRP A 654 14.87 -17.14 -35.40
C TRP A 654 16.37 -17.28 -35.67
N PRO A 655 16.95 -16.35 -36.44
CA PRO A 655 18.38 -16.43 -36.75
C PRO A 655 19.27 -16.54 -35.50
N ALA A 656 18.99 -15.73 -34.49
CA ALA A 656 19.77 -15.76 -33.25
C ALA A 656 19.60 -17.10 -32.55
N VAL A 657 18.40 -17.68 -32.66
CA VAL A 657 18.12 -18.97 -32.04
C VAL A 657 18.88 -20.08 -32.75
N LYS A 658 18.81 -20.06 -34.08
CA LYS A 658 19.50 -21.05 -34.91
C LYS A 658 21.00 -20.96 -34.67
N HIS A 659 21.51 -19.74 -34.68
CA HIS A 659 22.93 -19.47 -34.48
C HIS A 659 23.50 -20.11 -33.21
N THR A 660 22.86 -19.87 -32.08
CA THR A 660 23.37 -20.43 -30.82
C THR A 660 23.24 -21.94 -30.73
N LEU A 661 22.13 -22.49 -31.23
CA LEU A 661 21.94 -23.93 -31.19
C LEU A 661 22.99 -24.63 -32.04
N THR A 662 23.33 -24.01 -33.17
CA THR A 662 24.34 -24.57 -34.07
C THR A 662 25.64 -24.75 -33.32
N HIS A 663 26.03 -23.74 -32.54
CA HIS A 663 27.27 -23.82 -31.79
C HIS A 663 27.22 -24.75 -30.58
N TYR A 664 26.04 -24.93 -29.99
CA TYR A 664 25.95 -25.85 -28.86
C TYR A 664 26.15 -27.28 -29.35
N LEU A 665 25.66 -27.54 -30.56
CA LEU A 665 25.78 -28.87 -31.16
C LEU A 665 27.23 -29.25 -31.42
N GLU A 666 28.07 -28.24 -31.70
CA GLU A 666 29.48 -28.49 -31.96
C GLU A 666 30.18 -28.97 -30.69
N HIS A 667 29.52 -28.83 -29.56
CA HIS A 667 30.09 -29.25 -28.29
C HIS A 667 29.73 -30.68 -27.93
N ILE A 668 29.05 -31.35 -28.85
CA ILE A 668 28.68 -32.76 -28.67
C ILE A 668 29.80 -33.54 -29.34
N ASP A 669 30.45 -34.43 -28.59
CA ASP A 669 31.55 -35.21 -29.14
C ASP A 669 31.22 -36.66 -29.48
N ASP A 670 32.28 -37.46 -29.62
CA ASP A 670 32.19 -38.88 -29.95
C ASP A 670 31.08 -39.63 -29.24
N SER A 671 31.00 -39.47 -27.92
CA SER A 671 29.99 -40.14 -27.12
C SER A 671 28.58 -39.79 -27.61
N GLY A 672 28.48 -38.69 -28.36
CA GLY A 672 27.19 -38.26 -28.86
C GLY A 672 26.43 -37.49 -27.80
N LEU A 673 27.17 -37.01 -26.80
CA LEU A 673 26.58 -36.26 -25.69
C LEU A 673 27.22 -34.88 -25.57
N LEU A 674 26.50 -33.94 -24.98
CA LEU A 674 27.02 -32.59 -24.80
C LEU A 674 28.12 -32.63 -23.75
N ASN A 675 29.34 -32.28 -24.15
CA ASN A 675 30.48 -32.28 -23.24
C ASN A 675 31.05 -30.87 -23.23
N MET A 676 31.05 -30.22 -22.07
CA MET A 676 31.56 -28.86 -21.99
C MET A 676 32.35 -28.52 -20.74
N ALA A 677 33.30 -27.61 -20.90
CA ALA A 677 34.12 -27.14 -19.79
C ALA A 677 33.57 -25.75 -19.46
N GLY A 678 32.69 -25.69 -18.47
CA GLY A 678 32.10 -24.41 -18.11
C GLY A 678 31.17 -24.50 -16.92
N TRP A 679 30.38 -23.46 -16.70
CA TRP A 679 29.44 -23.42 -15.57
C TRP A 679 28.18 -24.19 -16.00
N ASN A 680 28.16 -25.48 -15.67
CA ASN A 680 27.05 -26.36 -16.03
C ASN A 680 26.03 -26.41 -14.90
N LEU A 681 25.45 -25.26 -14.59
CA LEU A 681 24.49 -25.13 -13.50
C LEU A 681 23.02 -25.34 -13.82
N LEU A 682 22.27 -25.69 -12.78
CA LEU A 682 20.82 -25.87 -12.87
C LEU A 682 20.18 -25.39 -11.56
N ASP A 683 20.55 -26.02 -10.45
CA ASP A 683 19.97 -25.68 -9.15
C ASP A 683 21.01 -25.50 -8.04
N TRP A 684 20.62 -24.82 -6.97
CA TRP A 684 21.51 -24.60 -5.83
C TRP A 684 21.33 -25.77 -4.87
N ALA A 685 21.89 -26.92 -5.25
CA ALA A 685 21.80 -28.13 -4.45
C ALA A 685 23.00 -29.02 -4.78
N PRO A 686 23.29 -30.01 -3.93
CA PRO A 686 24.40 -30.96 -4.07
C PRO A 686 24.35 -31.84 -5.33
N ILE A 687 23.86 -31.29 -6.43
CA ILE A 687 23.78 -32.02 -7.69
C ILE A 687 25.21 -32.21 -8.19
N ASP A 688 25.51 -33.39 -8.73
CA ASP A 688 26.85 -33.62 -9.26
C ASP A 688 26.88 -33.01 -10.66
N GLN A 689 27.07 -31.69 -10.68
CA GLN A 689 27.10 -30.93 -11.93
C GLN A 689 28.44 -30.21 -12.04
N PRO A 690 29.53 -30.96 -12.22
CA PRO A 690 30.87 -30.39 -12.33
C PRO A 690 31.06 -29.55 -13.60
N ASN A 691 31.97 -28.59 -13.53
CA ASN A 691 32.26 -27.74 -14.68
C ASN A 691 33.02 -28.62 -15.67
N GLU A 692 33.14 -29.90 -15.30
CA GLU A 692 33.86 -30.89 -16.08
C GLU A 692 33.32 -31.28 -17.45
N GLY A 693 32.68 -32.44 -17.53
CA GLY A 693 32.20 -32.90 -18.82
C GLY A 693 30.72 -33.00 -19.13
N ILE A 694 30.20 -34.22 -19.09
CA ILE A 694 28.80 -34.49 -19.42
C ILE A 694 27.81 -34.39 -18.27
N VAL A 695 27.11 -33.27 -18.19
CA VAL A 695 26.13 -33.05 -17.14
C VAL A 695 24.76 -33.40 -17.73
N THR A 696 24.08 -34.36 -17.14
CA THR A 696 22.79 -34.83 -17.65
C THR A 696 21.69 -33.78 -17.83
N HIS A 697 21.41 -32.99 -16.79
CA HIS A 697 20.34 -32.01 -16.93
C HIS A 697 20.43 -31.08 -18.16
N GLN A 698 21.62 -30.55 -18.46
CA GLN A 698 21.72 -29.68 -19.63
C GLN A 698 21.68 -30.46 -20.94
N ASN A 699 21.99 -31.74 -20.89
CA ASN A 699 21.93 -32.57 -22.08
C ASN A 699 20.45 -32.73 -22.42
N LEU A 700 19.65 -32.95 -21.38
CA LEU A 700 18.20 -33.11 -21.54
C LEU A 700 17.55 -31.84 -22.06
N PHE A 701 17.93 -30.69 -21.50
CA PHE A 701 17.35 -29.42 -21.92
C PHE A 701 17.77 -29.06 -23.35
N LEU A 702 18.92 -29.55 -23.79
CA LEU A 702 19.36 -29.26 -25.16
C LEU A 702 18.40 -29.95 -26.13
N VAL A 703 17.98 -31.16 -25.77
CA VAL A 703 17.05 -31.90 -26.60
C VAL A 703 15.77 -31.09 -26.77
N LYS A 704 15.19 -30.68 -25.65
CA LYS A 704 13.96 -29.89 -25.68
C LYS A 704 14.14 -28.56 -26.38
N ALA A 705 15.31 -27.93 -26.20
CA ALA A 705 15.59 -26.66 -26.84
C ALA A 705 15.61 -26.83 -28.36
N LEU A 706 16.24 -27.92 -28.81
CA LEU A 706 16.32 -28.21 -30.24
C LEU A 706 14.93 -28.37 -30.83
N ARG A 707 14.04 -29.00 -30.07
CA ARG A 707 12.67 -29.22 -30.51
C ARG A 707 11.84 -27.94 -30.41
N ASP A 708 11.95 -27.25 -29.27
CA ASP A 708 11.21 -26.01 -29.06
C ASP A 708 11.53 -24.99 -30.16
N SER A 709 12.75 -25.07 -30.70
CA SER A 709 13.19 -24.14 -31.74
C SER A 709 12.32 -24.21 -33.00
N ARG A 710 11.74 -25.38 -33.26
CA ARG A 710 10.90 -25.55 -34.44
C ARG A 710 9.74 -24.56 -34.43
N ALA A 711 9.11 -24.39 -33.27
CA ALA A 711 7.99 -23.47 -33.15
C ALA A 711 8.36 -22.09 -33.69
N LEU A 712 9.53 -21.61 -33.31
CA LEU A 712 9.99 -20.29 -33.76
C LEU A 712 10.28 -20.30 -35.26
N ALA A 713 10.91 -21.38 -35.72
CA ALA A 713 11.22 -21.51 -37.14
C ALA A 713 9.94 -21.52 -37.96
N ALA A 714 8.96 -22.28 -37.52
CA ALA A 714 7.68 -22.37 -38.21
C ALA A 714 6.93 -21.04 -38.17
N ALA A 715 6.88 -20.44 -36.97
CA ALA A 715 6.21 -19.16 -36.81
C ALA A 715 6.92 -18.13 -37.68
N ALA A 716 8.21 -18.33 -37.88
CA ALA A 716 9.00 -17.42 -38.69
C ALA A 716 8.80 -17.65 -40.18
N GLY A 717 8.13 -18.76 -40.51
CA GLY A 717 7.87 -19.07 -41.91
C GLY A 717 9.03 -19.79 -42.59
N ALA A 718 9.81 -20.52 -41.81
CA ALA A 718 10.95 -21.26 -42.33
C ALA A 718 11.13 -22.55 -41.53
N THR A 719 10.03 -23.25 -41.31
CA THR A 719 10.03 -24.49 -40.53
C THR A 719 11.10 -25.52 -40.90
N GLU A 720 11.43 -25.63 -42.17
CA GLU A 720 12.45 -26.59 -42.61
C GLU A 720 13.83 -26.34 -42.03
N GLU A 721 14.14 -25.08 -41.73
CA GLU A 721 15.44 -24.73 -41.17
C GLU A 721 15.63 -25.32 -39.77
N ALA A 722 14.63 -26.05 -39.29
CA ALA A 722 14.70 -26.66 -37.97
C ALA A 722 14.67 -28.18 -37.98
N ASP A 723 14.54 -28.78 -39.17
CA ASP A 723 14.49 -30.23 -39.27
C ASP A 723 15.80 -30.89 -38.86
N ALA A 724 16.91 -30.22 -39.17
CA ALA A 724 18.22 -30.76 -38.82
C ALA A 724 18.34 -30.84 -37.30
N PHE A 725 17.86 -29.81 -36.62
CA PHE A 725 17.90 -29.77 -35.15
C PHE A 725 17.02 -30.89 -34.60
N ALA A 726 15.90 -31.15 -35.28
CA ALA A 726 14.98 -32.19 -34.85
C ALA A 726 15.65 -33.55 -34.89
N ALA A 727 16.43 -33.81 -35.95
CA ALA A 727 17.13 -35.08 -36.09
C ALA A 727 18.15 -35.26 -34.97
N ARG A 728 18.95 -34.22 -34.75
CA ARG A 728 19.96 -34.24 -33.70
C ARG A 728 19.33 -34.49 -32.33
N ALA A 729 18.14 -33.95 -32.12
CA ALA A 729 17.44 -34.12 -30.85
C ALA A 729 17.16 -35.59 -30.61
N ASP A 730 16.71 -36.29 -31.64
CA ASP A 730 16.43 -37.72 -31.54
C ASP A 730 17.69 -38.49 -31.20
N LEU A 731 18.76 -38.20 -31.94
CA LEU A 731 20.04 -38.86 -31.72
C LEU A 731 20.53 -38.62 -30.31
N LEU A 732 20.40 -37.38 -29.86
CA LEU A 732 20.83 -37.01 -28.51
C LEU A 732 19.99 -37.74 -27.47
N ALA A 733 18.67 -37.67 -27.63
CA ALA A 733 17.75 -38.33 -26.69
C ALA A 733 18.07 -39.83 -26.57
N GLU A 734 18.32 -40.47 -27.69
CA GLU A 734 18.63 -41.90 -27.70
C GLU A 734 19.94 -42.18 -26.97
N THR A 735 20.96 -41.38 -27.27
CA THR A 735 22.27 -41.54 -26.63
C THR A 735 22.12 -41.36 -25.12
N ILE A 736 21.32 -40.38 -24.72
CA ILE A 736 21.09 -40.11 -23.31
C ILE A 736 20.50 -41.35 -22.64
N ASN A 737 19.44 -41.89 -23.22
CA ASN A 737 18.77 -43.07 -22.68
C ASN A 737 19.69 -44.30 -22.71
N ALA A 738 20.60 -44.32 -23.68
CA ALA A 738 21.53 -45.43 -23.84
C ALA A 738 22.72 -45.37 -22.89
N VAL A 739 23.16 -44.16 -22.55
CA VAL A 739 24.33 -43.99 -21.69
C VAL A 739 24.06 -43.53 -20.26
N LEU A 740 23.39 -42.38 -20.13
CA LEU A 740 23.11 -41.79 -18.83
C LEU A 740 22.10 -42.46 -17.90
N TRP A 741 21.52 -43.58 -18.32
CA TRP A 741 20.55 -44.28 -17.49
C TRP A 741 21.18 -45.45 -16.72
N ASP A 742 20.77 -45.60 -15.46
CA ASP A 742 21.27 -46.68 -14.61
C ASP A 742 20.15 -47.67 -14.34
N GLU A 743 20.33 -48.91 -14.76
CA GLU A 743 19.32 -49.95 -14.56
C GLU A 743 19.06 -50.29 -13.10
N GLU A 744 20.12 -50.47 -12.32
CA GLU A 744 19.99 -50.81 -10.92
C GLU A 744 19.21 -49.75 -10.13
N LYS A 745 19.54 -48.48 -10.37
CA LYS A 745 18.87 -47.38 -9.67
C LYS A 745 17.58 -46.94 -10.36
N ARG A 746 17.41 -47.33 -11.62
CA ARG A 746 16.24 -46.97 -12.40
C ARG A 746 16.05 -45.45 -12.34
N ALA A 747 17.05 -44.73 -12.82
CA ALA A 747 17.04 -43.27 -12.84
C ALA A 747 18.28 -42.80 -13.59
N TYR A 748 18.26 -41.56 -14.07
CA TYR A 748 19.40 -41.01 -14.79
C TYR A 748 20.45 -40.52 -13.82
N ILE A 749 21.72 -40.73 -14.16
CA ILE A 749 22.82 -40.28 -13.32
C ILE A 749 23.04 -38.79 -13.53
N ASP A 750 23.51 -38.10 -12.50
CA ASP A 750 23.74 -36.66 -12.60
C ASP A 750 24.72 -36.28 -13.70
N CYS A 751 25.78 -37.07 -13.87
CA CYS A 751 26.78 -36.74 -14.88
C CYS A 751 27.83 -37.82 -15.10
N ILE A 752 28.73 -37.50 -16.02
CA ILE A 752 29.88 -38.33 -16.35
C ILE A 752 31.04 -37.34 -16.26
N HIS A 753 31.93 -37.57 -15.30
CA HIS A 753 33.07 -36.70 -15.09
C HIS A 753 34.06 -36.68 -16.25
N ALA A 754 34.97 -35.72 -16.20
CA ALA A 754 35.98 -35.56 -17.24
C ALA A 754 36.81 -36.83 -17.45
N ASP A 755 37.15 -37.51 -16.36
CA ASP A 755 37.95 -38.73 -16.46
C ASP A 755 37.10 -39.93 -16.85
N GLY A 756 35.86 -39.69 -17.25
CA GLY A 756 34.97 -40.76 -17.66
C GLY A 756 34.25 -41.42 -16.51
N ARG A 757 34.53 -40.99 -15.29
CA ARG A 757 33.89 -41.57 -14.12
C ARG A 757 32.41 -41.21 -14.06
N ARG A 758 31.55 -42.22 -14.15
CA ARG A 758 30.11 -42.02 -14.09
C ARG A 758 29.75 -41.64 -12.68
N SER A 759 28.91 -40.61 -12.53
CA SER A 759 28.50 -40.14 -11.22
C SER A 759 27.66 -41.19 -10.49
N ASP A 760 27.77 -41.21 -9.17
CA ASP A 760 26.99 -42.15 -8.36
C ASP A 760 25.98 -41.33 -7.57
N VAL A 761 25.85 -40.06 -7.94
CA VAL A 761 24.93 -39.15 -7.29
C VAL A 761 23.61 -39.08 -8.07
N TYR A 762 22.51 -39.23 -7.36
CA TYR A 762 21.19 -39.18 -7.98
C TYR A 762 20.37 -38.06 -7.36
N SER A 763 19.74 -37.24 -8.21
CA SER A 763 18.94 -36.12 -7.74
C SER A 763 17.55 -36.08 -8.35
N MET A 764 16.63 -35.46 -7.63
CA MET A 764 15.26 -35.32 -8.11
C MET A 764 15.28 -34.43 -9.33
N GLN A 765 16.17 -33.43 -9.30
CA GLN A 765 16.31 -32.47 -10.40
C GLN A 765 16.49 -33.12 -11.76
N THR A 766 17.49 -33.99 -11.89
CA THR A 766 17.74 -34.65 -13.15
C THR A 766 16.56 -35.46 -13.65
N GLN A 767 15.87 -36.13 -12.72
CA GLN A 767 14.72 -36.94 -13.08
C GLN A 767 13.57 -36.05 -13.56
N VAL A 768 13.32 -34.96 -12.85
CA VAL A 768 12.26 -34.04 -13.22
C VAL A 768 12.51 -33.49 -14.62
N VAL A 769 13.75 -33.09 -14.89
CA VAL A 769 14.10 -32.55 -16.20
C VAL A 769 13.92 -33.60 -17.31
N ALA A 770 14.28 -34.84 -17.02
CA ALA A 770 14.13 -35.90 -18.01
C ALA A 770 12.64 -36.07 -18.35
N TYR A 771 11.80 -35.94 -17.33
CA TYR A 771 10.36 -36.07 -17.50
C TYR A 771 9.80 -34.93 -18.35
N LEU A 772 10.17 -33.70 -18.03
CA LEU A 772 9.69 -32.52 -18.75
C LEU A 772 10.18 -32.43 -20.19
N CYS A 773 11.41 -32.90 -20.43
CA CYS A 773 11.96 -32.83 -21.77
C CYS A 773 11.47 -33.95 -22.70
N GLY A 774 10.70 -34.88 -22.15
CA GLY A 774 10.17 -35.97 -22.95
C GLY A 774 11.21 -36.99 -23.37
N VAL A 775 12.29 -37.07 -22.61
CA VAL A 775 13.36 -38.02 -22.89
C VAL A 775 13.00 -39.35 -22.25
N ALA A 776 12.33 -39.28 -21.11
CA ALA A 776 11.92 -40.47 -20.39
C ALA A 776 10.55 -40.89 -20.89
N GLN A 777 10.51 -41.97 -21.67
CA GLN A 777 9.26 -42.48 -22.23
C GLN A 777 8.99 -43.90 -21.73
N GLY A 778 7.76 -44.36 -21.95
CA GLY A 778 7.38 -45.70 -21.53
C GLY A 778 7.71 -46.01 -20.08
N GLU A 779 8.25 -47.21 -19.86
CA GLU A 779 8.61 -47.68 -18.54
C GLU A 779 9.35 -46.63 -17.71
N ARG A 780 10.38 -46.03 -18.30
CA ARG A 780 11.17 -45.02 -17.60
C ARG A 780 10.32 -43.81 -17.21
N GLU A 781 9.31 -43.51 -18.01
CA GLU A 781 8.44 -42.38 -17.73
C GLU A 781 7.66 -42.70 -16.46
N ALA A 782 7.07 -43.89 -16.43
CA ALA A 782 6.29 -44.35 -15.29
C ALA A 782 7.14 -44.32 -14.02
N VAL A 783 8.39 -44.75 -14.15
CA VAL A 783 9.30 -44.77 -13.02
C VAL A 783 9.52 -43.35 -12.49
N ILE A 784 9.77 -42.41 -13.40
CA ILE A 784 9.98 -41.03 -13.01
C ILE A 784 8.75 -40.47 -12.29
N GLU A 785 7.58 -40.80 -12.81
CA GLU A 785 6.33 -40.34 -12.19
C GLU A 785 6.20 -40.82 -10.75
N GLY A 786 6.75 -41.99 -10.47
CA GLY A 786 6.70 -42.50 -9.11
C GLY A 786 7.54 -41.62 -8.21
N TYR A 787 8.69 -41.19 -8.73
CA TYR A 787 9.59 -40.32 -7.99
C TYR A 787 8.92 -38.98 -7.73
N LEU A 788 8.18 -38.49 -8.72
CA LEU A 788 7.48 -37.22 -8.60
C LEU A 788 6.51 -37.25 -7.42
N SER A 789 5.71 -38.31 -7.33
CA SER A 789 4.74 -38.44 -6.24
C SER A 789 5.38 -38.83 -4.92
N SER A 790 6.54 -39.50 -4.98
CA SER A 790 7.25 -39.93 -3.78
C SER A 790 8.75 -39.83 -3.99
N PRO A 791 9.31 -38.63 -3.81
CA PRO A 791 10.75 -38.40 -3.99
C PRO A 791 11.63 -39.24 -3.04
N PRO A 792 12.54 -40.04 -3.61
CA PRO A 792 13.42 -40.87 -2.78
C PRO A 792 14.30 -39.99 -1.89
N PRO A 793 14.14 -40.11 -0.56
CA PRO A 793 14.92 -39.30 0.37
C PRO A 793 16.43 -39.42 0.21
N ALA A 794 16.88 -40.46 -0.50
CA ALA A 794 18.30 -40.69 -0.72
C ALA A 794 18.80 -39.81 -1.86
N PHE A 795 17.87 -39.39 -2.71
CA PHE A 795 18.21 -38.53 -3.85
C PHE A 795 18.46 -37.11 -3.36
N VAL A 796 19.23 -36.35 -4.15
CA VAL A 796 19.50 -34.96 -3.81
C VAL A 796 18.12 -34.32 -3.98
N GLN A 797 17.76 -33.40 -3.08
CA GLN A 797 16.46 -32.75 -3.14
C GLN A 797 16.50 -31.37 -3.80
N ILE A 798 15.33 -30.87 -4.18
CA ILE A 798 15.21 -29.55 -4.81
C ILE A 798 15.66 -28.49 -3.81
N GLY A 799 16.56 -27.61 -4.24
CA GLY A 799 17.07 -26.60 -3.34
C GLY A 799 16.56 -25.18 -3.49
N SER A 800 15.72 -24.91 -4.48
CA SER A 800 15.19 -23.56 -4.67
C SER A 800 13.81 -23.58 -5.29
N PRO A 801 13.00 -22.54 -5.02
CA PRO A 801 11.65 -22.49 -5.59
C PRO A 801 11.76 -22.39 -7.11
N PHE A 802 12.95 -22.01 -7.58
CA PHE A 802 13.23 -21.91 -9.01
C PHE A 802 13.03 -23.29 -9.61
N MET A 803 13.69 -24.27 -8.99
CA MET A 803 13.59 -25.65 -9.44
C MET A 803 12.17 -26.16 -9.19
N SER A 804 11.54 -25.67 -8.12
CA SER A 804 10.18 -26.08 -7.80
C SER A 804 9.25 -25.78 -8.98
N PHE A 805 9.53 -24.70 -9.69
CA PHE A 805 8.71 -24.30 -10.84
C PHE A 805 8.67 -25.43 -11.87
N PHE A 806 9.85 -25.96 -12.21
CA PHE A 806 9.94 -27.04 -13.17
C PHE A 806 9.25 -28.29 -12.62
N TYR A 807 9.38 -28.49 -11.30
CA TYR A 807 8.76 -29.64 -10.66
C TYR A 807 7.23 -29.55 -10.78
N TYR A 808 6.69 -28.35 -10.63
CA TYR A 808 5.24 -28.17 -10.74
C TYR A 808 4.78 -28.40 -12.18
N GLU A 809 5.60 -27.99 -13.15
CA GLU A 809 5.23 -28.21 -14.54
C GLU A 809 5.13 -29.72 -14.77
N ALA A 810 6.00 -30.47 -14.10
CA ALA A 810 5.99 -31.92 -14.21
C ALA A 810 4.75 -32.50 -13.53
N LEU A 811 4.39 -31.97 -12.37
CA LEU A 811 3.20 -32.45 -11.66
C LEU A 811 1.95 -32.16 -12.47
N GLU A 812 1.94 -31.05 -13.19
CA GLU A 812 0.79 -30.69 -14.02
C GLU A 812 0.68 -31.71 -15.15
N LYS A 813 1.82 -32.01 -15.78
CA LYS A 813 1.88 -32.98 -16.87
C LYS A 813 1.44 -34.36 -16.38
N ALA A 814 1.78 -34.67 -15.14
CA ALA A 814 1.43 -35.97 -14.55
C ALA A 814 0.04 -35.97 -13.95
N GLY A 815 -0.64 -34.82 -13.97
CA GLY A 815 -1.97 -34.73 -13.41
C GLY A 815 -2.00 -34.86 -11.90
N ARG A 816 -1.00 -34.29 -11.22
CA ARG A 816 -0.94 -34.38 -9.76
C ARG A 816 -1.05 -32.98 -9.14
N GLN A 817 -2.16 -32.30 -9.42
CA GLN A 817 -2.39 -30.97 -8.90
C GLN A 817 -2.47 -30.89 -7.38
N THR A 818 -3.06 -31.89 -6.75
CA THR A 818 -3.18 -31.88 -5.30
C THR A 818 -1.79 -31.92 -4.64
N LEU A 819 -0.89 -32.73 -5.20
CA LEU A 819 0.46 -32.83 -4.68
C LEU A 819 1.16 -31.48 -4.86
N MET A 820 0.85 -30.81 -5.97
CA MET A 820 1.42 -29.50 -6.27
C MET A 820 0.97 -28.52 -5.20
N LEU A 821 -0.32 -28.51 -4.89
CA LEU A 821 -0.84 -27.62 -3.86
C LEU A 821 -0.22 -27.87 -2.50
N ASP A 822 -0.09 -29.14 -2.12
CA ASP A 822 0.51 -29.45 -0.83
C ASP A 822 1.97 -29.03 -0.77
N ASP A 823 2.67 -29.13 -1.90
CA ASP A 823 4.08 -28.73 -1.93
C ASP A 823 4.15 -27.22 -1.75
N ILE A 824 3.29 -26.50 -2.46
CA ILE A 824 3.27 -25.05 -2.35
C ILE A 824 2.97 -24.65 -0.91
N ARG A 825 1.95 -25.26 -0.32
CA ARG A 825 1.59 -24.97 1.06
C ARG A 825 2.77 -25.14 2.00
N ARG A 826 3.49 -26.25 1.87
CA ARG A 826 4.64 -26.53 2.72
C ARG A 826 5.81 -25.59 2.49
N ASN A 827 6.25 -25.52 1.24
CA ASN A 827 7.40 -24.71 0.89
C ASN A 827 7.26 -23.20 0.91
N TYR A 828 6.11 -22.70 0.48
CA TYR A 828 5.91 -21.27 0.51
C TYR A 828 5.36 -20.91 1.88
N GLY A 829 4.68 -21.87 2.51
CA GLY A 829 4.15 -21.62 3.84
C GLY A 829 5.28 -21.35 4.83
N GLN A 830 6.42 -22.02 4.63
CA GLN A 830 7.57 -21.83 5.52
C GLN A 830 8.12 -20.40 5.36
N MET A 831 7.98 -19.84 4.16
CA MET A 831 8.45 -18.48 3.91
C MET A 831 7.57 -17.53 4.72
N LEU A 832 6.26 -17.74 4.62
CA LEU A 832 5.29 -16.92 5.32
C LEU A 832 5.45 -17.04 6.84
N ARG A 833 5.92 -18.20 7.31
CA ARG A 833 6.10 -18.40 8.73
C ARG A 833 7.07 -17.34 9.26
N TYR A 834 8.07 -17.01 8.45
CA TYR A 834 9.06 -16.01 8.83
C TYR A 834 8.70 -14.61 8.33
N ASP A 835 7.40 -14.40 8.12
CA ASP A 835 6.87 -13.11 7.66
C ASP A 835 7.41 -12.61 6.32
N ALA A 836 7.67 -13.52 5.41
CA ALA A 836 8.16 -13.13 4.09
C ALA A 836 7.06 -12.33 3.35
N THR A 837 7.48 -11.34 2.57
CA THR A 837 6.51 -10.55 1.81
C THR A 837 6.85 -10.73 0.34
N THR A 838 7.87 -11.55 0.09
CA THR A 838 8.34 -11.87 -1.25
C THR A 838 8.88 -13.31 -1.22
N CYS A 839 9.10 -13.90 -2.39
CA CYS A 839 9.59 -15.26 -2.49
C CYS A 839 11.11 -15.39 -2.41
N TRP A 840 11.55 -16.30 -1.55
CA TRP A 840 12.97 -16.55 -1.32
C TRP A 840 13.71 -17.09 -2.52
N GLU A 841 14.97 -16.73 -2.63
CA GLU A 841 15.83 -17.19 -3.71
C GLU A 841 16.04 -18.70 -3.60
N MET A 842 16.24 -19.17 -2.38
CA MET A 842 16.49 -20.58 -2.13
C MET A 842 15.77 -21.06 -0.88
N TYR A 843 15.78 -22.37 -0.68
CA TYR A 843 15.16 -22.98 0.48
C TYR A 843 16.19 -23.08 1.60
N PRO A 844 15.74 -23.15 2.85
CA PRO A 844 16.66 -23.26 3.99
C PRO A 844 17.33 -24.63 4.01
N ASN A 845 18.40 -24.74 4.80
CA ASN A 845 19.13 -25.99 4.98
C ASN A 845 19.95 -26.50 3.80
N PHE A 846 20.40 -25.58 2.94
CA PHE A 846 21.26 -25.91 1.81
C PHE A 846 22.42 -24.93 1.99
N ALA A 847 23.65 -25.43 1.90
CA ALA A 847 24.82 -24.59 2.09
C ALA A 847 25.18 -23.70 0.90
N GLU A 848 24.70 -24.04 -0.29
CA GLU A 848 25.03 -23.27 -1.49
C GLU A 848 24.54 -21.81 -1.54
N ASN A 849 25.30 -21.01 -2.27
CA ASN A 849 24.99 -19.62 -2.53
C ASN A 849 24.59 -18.72 -1.36
N ARG A 850 25.23 -18.87 -0.20
CA ARG A 850 24.91 -18.03 0.95
C ARG A 850 26.11 -17.90 1.90
N SER A 851 26.26 -16.72 2.50
CA SER A 851 27.38 -16.45 3.41
C SER A 851 27.44 -17.31 4.66
N ASN A 852 26.28 -17.75 5.14
CA ASN A 852 26.21 -18.58 6.33
C ASN A 852 25.15 -19.66 6.10
N PRO A 853 25.51 -20.93 6.34
CA PRO A 853 24.59 -22.06 6.14
C PRO A 853 23.31 -22.02 6.98
N ASP A 854 23.30 -21.17 8.01
CA ASP A 854 22.13 -21.06 8.88
C ASP A 854 21.12 -20.07 8.30
N MET A 855 21.54 -19.31 7.30
CA MET A 855 20.64 -18.33 6.67
C MET A 855 19.50 -19.04 5.97
N LEU A 856 18.31 -18.46 6.06
CA LEU A 856 17.14 -19.04 5.42
C LEU A 856 17.37 -19.05 3.91
N THR A 857 18.02 -17.99 3.42
CA THR A 857 18.30 -17.81 1.99
C THR A 857 19.19 -16.58 1.87
N ARG A 858 19.80 -16.37 0.71
CA ARG A 858 20.62 -15.17 0.53
C ARG A 858 19.63 -14.04 0.25
N SER A 859 19.11 -14.01 -0.97
CA SER A 859 18.13 -13.02 -1.37
C SER A 859 16.74 -13.48 -0.94
N HIS A 860 15.96 -12.56 -0.37
CA HIS A 860 14.61 -12.89 0.09
C HIS A 860 13.57 -12.52 -0.96
N CYS A 861 14.01 -12.02 -2.10
CA CYS A 861 13.09 -11.61 -3.16
C CYS A 861 13.65 -11.95 -4.54
N HIS A 862 13.31 -13.13 -5.04
CA HIS A 862 13.77 -13.62 -6.34
C HIS A 862 12.52 -14.06 -7.12
N ALA A 863 12.15 -13.30 -8.14
CA ALA A 863 10.96 -13.63 -8.91
C ALA A 863 11.05 -14.97 -9.62
N TRP A 864 12.24 -15.55 -9.72
CA TRP A 864 12.33 -16.85 -10.38
C TRP A 864 11.68 -17.90 -9.47
N SER A 865 11.34 -17.46 -8.26
CA SER A 865 10.70 -18.31 -7.25
C SER A 865 9.20 -18.05 -7.10
N ALA A 866 8.63 -17.21 -7.97
CA ALA A 866 7.20 -16.86 -7.86
C ALA A 866 6.20 -17.82 -8.53
N ALA A 867 6.59 -19.09 -8.63
CA ALA A 867 5.75 -20.11 -9.24
C ALA A 867 4.23 -20.05 -8.97
N PRO A 868 3.83 -19.91 -7.69
CA PRO A 868 2.38 -19.85 -7.41
C PRO A 868 1.62 -18.83 -8.24
N GLY A 869 2.28 -17.73 -8.58
CA GLY A 869 1.64 -16.69 -9.37
C GLY A 869 1.21 -17.17 -10.74
N TYR A 870 1.83 -18.26 -11.20
CA TYR A 870 1.51 -18.84 -12.49
C TYR A 870 0.63 -20.09 -12.35
N PHE A 871 1.04 -21.03 -11.50
CA PHE A 871 0.29 -22.26 -11.34
C PHE A 871 -1.10 -22.20 -10.75
N LEU A 872 -1.34 -21.27 -9.82
CA LEU A 872 -2.67 -21.18 -9.21
C LEU A 872 -3.70 -20.78 -10.27
N GLY A 873 -3.34 -19.82 -11.12
CA GLY A 873 -4.27 -19.40 -12.15
C GLY A 873 -4.36 -20.39 -13.32
N SER A 874 -3.25 -21.05 -13.63
CA SER A 874 -3.22 -21.99 -14.75
C SER A 874 -3.64 -23.43 -14.42
N SER A 875 -2.97 -24.02 -13.43
CA SER A 875 -3.27 -25.40 -13.06
C SER A 875 -4.51 -25.62 -12.21
N ILE A 876 -4.79 -24.68 -11.31
CA ILE A 876 -5.92 -24.79 -10.38
C ILE A 876 -7.19 -24.07 -10.80
N LEU A 877 -7.12 -22.74 -10.97
CA LEU A 877 -8.29 -21.99 -11.39
C LEU A 877 -8.75 -22.62 -12.71
N GLY A 878 -7.79 -23.01 -13.54
CA GLY A 878 -8.11 -23.67 -14.80
C GLY A 878 -7.95 -22.91 -16.10
N VAL A 879 -7.30 -21.74 -16.07
CA VAL A 879 -7.14 -20.95 -17.29
C VAL A 879 -5.84 -21.22 -18.03
N LYS A 880 -5.96 -21.72 -19.27
CA LYS A 880 -4.79 -22.01 -20.10
C LYS A 880 -4.96 -21.48 -21.52
N ARG A 881 -3.86 -21.01 -22.11
CA ARG A 881 -3.87 -20.50 -23.48
C ARG A 881 -4.19 -21.70 -24.38
N GLY A 882 -5.13 -21.53 -25.31
CA GLY A 882 -5.51 -22.63 -26.19
C GLY A 882 -4.99 -22.58 -27.61
N ALA A 883 -4.53 -21.40 -28.02
CA ALA A 883 -3.98 -21.19 -29.36
C ALA A 883 -3.11 -19.96 -29.24
N ASP A 884 -2.20 -19.78 -30.19
CA ASP A 884 -1.33 -18.62 -30.15
C ASP A 884 -2.13 -17.33 -30.05
N GLY A 885 -1.62 -16.38 -29.28
CA GLY A 885 -2.29 -15.11 -29.11
C GLY A 885 -3.60 -15.22 -28.34
N TRP A 886 -3.80 -16.34 -27.66
CA TRP A 886 -5.02 -16.56 -26.89
C TRP A 886 -6.29 -16.46 -27.72
N ARG A 887 -6.21 -16.86 -29.00
CA ARG A 887 -7.37 -16.81 -29.87
C ARG A 887 -8.43 -17.80 -29.35
N THR A 888 -7.97 -18.80 -28.61
CA THR A 888 -8.90 -19.74 -27.98
C THR A 888 -8.33 -19.96 -26.57
N VAL A 889 -9.20 -20.30 -25.63
CA VAL A 889 -8.76 -20.54 -24.27
C VAL A 889 -9.39 -21.81 -23.75
N ASP A 890 -8.60 -22.59 -23.02
CA ASP A 890 -9.07 -23.83 -22.45
C ASP A 890 -9.33 -23.60 -20.97
N ILE A 891 -10.56 -23.85 -20.53
CA ILE A 891 -10.93 -23.70 -19.13
C ILE A 891 -11.14 -25.12 -18.57
N ALA A 892 -10.22 -25.53 -17.70
CA ALA A 892 -10.30 -26.87 -17.11
C ALA A 892 -9.86 -26.80 -15.65
N PRO A 893 -10.78 -26.44 -14.74
CA PRO A 893 -10.48 -26.33 -13.31
C PRO A 893 -10.04 -27.65 -12.68
N GLN A 894 -9.20 -27.54 -11.65
CA GLN A 894 -8.72 -28.69 -10.89
C GLN A 894 -8.79 -28.20 -9.44
N PRO A 895 -10.01 -28.19 -8.86
CA PRO A 895 -10.27 -27.75 -7.49
C PRO A 895 -9.48 -28.46 -6.39
N CYS A 896 -9.10 -29.71 -6.63
CA CYS A 896 -8.38 -30.48 -5.64
C CYS A 896 -9.21 -30.45 -4.37
N ASP A 897 -8.66 -29.95 -3.26
CA ASP A 897 -9.42 -29.90 -2.02
C ASP A 897 -10.03 -28.53 -1.69
N LEU A 898 -10.07 -27.65 -2.69
CA LEU A 898 -10.63 -26.31 -2.50
C LEU A 898 -12.15 -26.31 -2.69
N THR A 899 -12.86 -25.40 -2.02
CA THR A 899 -14.31 -25.33 -2.16
C THR A 899 -14.72 -24.27 -3.18
N TRP A 900 -13.83 -23.31 -3.41
CA TRP A 900 -14.08 -22.24 -4.39
C TRP A 900 -12.79 -21.55 -4.77
N ALA A 901 -12.82 -20.87 -5.91
CA ALA A 901 -11.67 -20.12 -6.40
C ALA A 901 -12.15 -19.18 -7.49
N GLU A 902 -11.41 -18.10 -7.70
CA GLU A 902 -11.77 -17.14 -8.73
C GLU A 902 -10.53 -16.32 -9.08
N GLY A 903 -10.50 -15.80 -10.31
CA GLY A 903 -9.35 -15.03 -10.71
C GLY A 903 -9.57 -14.41 -12.07
N VAL A 904 -8.56 -13.69 -12.52
CA VAL A 904 -8.59 -13.00 -13.80
C VAL A 904 -7.22 -13.10 -14.43
N VAL A 905 -7.18 -13.42 -15.72
CA VAL A 905 -5.94 -13.52 -16.46
C VAL A 905 -6.04 -12.48 -17.58
N PRO A 906 -5.11 -11.53 -17.61
CA PRO A 906 -5.17 -10.51 -18.67
C PRO A 906 -4.79 -11.12 -20.01
N LEU A 907 -5.23 -10.49 -21.10
CA LEU A 907 -4.93 -10.98 -22.44
C LEU A 907 -4.00 -10.00 -23.15
N PRO A 908 -3.02 -10.51 -23.90
CA PRO A 908 -2.09 -9.62 -24.61
C PRO A 908 -2.75 -8.69 -25.62
N GLN A 909 -3.82 -9.15 -26.25
CA GLN A 909 -4.53 -8.32 -27.23
C GLN A 909 -5.48 -7.34 -26.56
N GLY A 910 -5.57 -7.42 -25.23
CA GLY A 910 -6.45 -6.54 -24.49
C GLY A 910 -7.62 -7.34 -23.96
N GLY A 911 -8.22 -6.86 -22.87
CA GLY A 911 -9.33 -7.57 -22.29
C GLY A 911 -8.80 -8.62 -21.33
N HIS A 912 -9.67 -9.49 -20.83
CA HIS A 912 -9.20 -10.52 -19.92
C HIS A 912 -10.12 -11.73 -19.88
N ILE A 913 -9.66 -12.76 -19.17
CA ILE A 913 -10.42 -13.99 -18.99
C ILE A 913 -10.72 -14.03 -17.49
N ALA A 914 -11.98 -13.96 -17.11
CA ALA A 914 -12.35 -14.02 -15.69
C ALA A 914 -13.05 -15.34 -15.43
N VAL A 915 -12.62 -16.04 -14.40
CA VAL A 915 -13.21 -17.33 -14.05
C VAL A 915 -13.49 -17.45 -12.55
N SER A 916 -14.64 -18.01 -12.21
CA SER A 916 -14.97 -18.23 -10.81
C SER A 916 -15.73 -19.53 -10.71
N TRP A 917 -15.48 -20.29 -9.65
CA TRP A 917 -16.20 -21.53 -9.45
C TRP A 917 -16.27 -21.88 -7.97
N GLU A 918 -17.27 -22.68 -7.62
CA GLU A 918 -17.43 -23.12 -6.25
C GLU A 918 -18.33 -24.34 -6.24
N PHE A 919 -18.12 -25.24 -5.28
CA PHE A 919 -18.96 -26.42 -5.18
C PHE A 919 -20.26 -26.01 -4.50
N VAL A 920 -21.39 -26.28 -5.14
CA VAL A 920 -22.68 -25.92 -4.57
C VAL A 920 -23.28 -27.10 -3.81
N SER A 921 -22.74 -28.28 -4.08
CA SER A 921 -23.15 -29.52 -3.43
C SER A 921 -22.12 -30.57 -3.84
N ALA A 922 -22.19 -31.75 -3.24
CA ALA A 922 -21.23 -32.81 -3.52
C ALA A 922 -21.10 -33.14 -5.01
N GLY A 923 -19.87 -33.07 -5.51
CA GLY A 923 -19.60 -33.38 -6.91
C GLY A 923 -20.24 -32.45 -7.92
N LYS A 924 -20.71 -31.30 -7.46
CA LYS A 924 -21.36 -30.36 -8.37
C LYS A 924 -20.81 -28.94 -8.25
N LEU A 925 -20.32 -28.41 -9.37
CA LEU A 925 -19.76 -27.08 -9.42
C LEU A 925 -20.64 -26.06 -10.11
N LYS A 926 -20.40 -24.80 -9.78
CA LYS A 926 -21.06 -23.68 -10.41
C LYS A 926 -19.83 -22.98 -10.98
N LEU A 927 -19.84 -22.66 -12.27
CA LEU A 927 -18.69 -22.04 -12.91
C LEU A 927 -19.10 -20.89 -13.82
N ARG A 928 -18.40 -19.76 -13.70
CA ARG A 928 -18.67 -18.59 -14.53
C ARG A 928 -17.39 -18.22 -15.28
N ILE A 929 -17.53 -17.93 -16.57
CA ILE A 929 -16.42 -17.57 -17.42
C ILE A 929 -16.79 -16.30 -18.19
N GLU A 930 -15.91 -15.31 -18.19
CA GLU A 930 -16.17 -14.08 -18.90
C GLU A 930 -14.96 -13.79 -19.78
N ALA A 931 -15.20 -13.53 -21.06
CA ALA A 931 -14.09 -13.25 -21.98
C ALA A 931 -14.61 -12.50 -23.20
N PRO A 932 -13.70 -11.89 -23.97
CA PRO A 932 -14.08 -11.14 -25.18
C PRO A 932 -14.80 -12.09 -26.14
N GLU A 933 -15.82 -11.59 -26.82
CA GLU A 933 -16.63 -12.38 -27.75
C GLU A 933 -15.91 -13.14 -28.85
N ASP A 934 -14.79 -12.61 -29.33
CA ASP A 934 -14.05 -13.26 -30.42
C ASP A 934 -13.10 -14.36 -29.97
N ILE A 935 -13.11 -14.71 -28.68
CA ILE A 935 -12.25 -15.76 -28.19
C ILE A 935 -13.04 -17.04 -27.97
N GLU A 936 -12.58 -18.13 -28.58
CA GLU A 936 -13.25 -19.41 -28.44
C GLU A 936 -12.87 -20.01 -27.09
N VAL A 937 -13.88 -20.47 -26.34
CA VAL A 937 -13.66 -21.06 -25.03
C VAL A 937 -14.03 -22.53 -24.99
N ASN A 938 -13.08 -23.38 -24.60
CA ASN A 938 -13.33 -24.81 -24.47
C ASN A 938 -13.44 -25.11 -22.98
N VAL A 939 -14.57 -25.64 -22.54
CA VAL A 939 -14.78 -25.92 -21.11
C VAL A 939 -14.79 -27.40 -20.77
N THR A 940 -14.02 -27.78 -19.76
CA THR A 940 -13.96 -29.17 -19.30
C THR A 940 -14.04 -29.22 -17.79
N LEU A 941 -15.15 -29.73 -17.25
CA LEU A 941 -15.26 -29.85 -15.80
C LEU A 941 -14.34 -30.98 -15.38
N PRO A 942 -13.77 -30.91 -14.16
CA PRO A 942 -12.87 -31.96 -13.68
C PRO A 942 -13.52 -33.34 -13.56
N GLU A 943 -12.69 -34.38 -13.54
CA GLU A 943 -13.15 -35.76 -13.49
C GLU A 943 -14.31 -36.02 -12.54
N GLY A 944 -15.37 -36.60 -13.09
CA GLY A 944 -16.56 -36.95 -12.32
C GLY A 944 -17.38 -35.83 -11.73
N ILE A 945 -17.07 -34.59 -12.10
CA ILE A 945 -17.80 -33.44 -11.58
C ILE A 945 -18.83 -32.92 -12.58
N GLU A 946 -20.03 -32.62 -12.10
CA GLU A 946 -21.08 -32.09 -12.96
C GLU A 946 -21.28 -30.64 -12.53
N GLY A 947 -22.16 -29.92 -13.18
CA GLY A 947 -22.35 -28.54 -12.78
C GLY A 947 -23.03 -27.61 -13.77
N GLU A 948 -23.08 -26.34 -13.38
CA GLU A 948 -23.69 -25.30 -14.18
C GLU A 948 -22.64 -24.30 -14.64
N VAL A 949 -22.50 -24.14 -15.94
CA VAL A 949 -21.50 -23.21 -16.49
C VAL A 949 -22.17 -21.99 -17.13
N THR A 950 -21.80 -20.81 -16.68
CA THR A 950 -22.32 -19.57 -17.23
C THR A 950 -21.20 -18.90 -18.00
N GLN A 951 -21.33 -18.85 -19.32
CA GLN A 951 -20.32 -18.23 -20.14
C GLN A 951 -20.82 -16.89 -20.67
N VAL A 952 -20.07 -15.85 -20.32
CA VAL A 952 -20.41 -14.49 -20.72
C VAL A 952 -19.37 -13.94 -21.70
N LYS A 953 -19.85 -13.35 -22.79
CA LYS A 953 -18.95 -12.75 -23.78
C LYS A 953 -19.21 -11.25 -23.83
N TYR A 954 -18.15 -10.46 -23.90
CA TYR A 954 -18.32 -9.01 -23.99
C TYR A 954 -17.57 -8.48 -25.21
N MET A 955 -17.88 -7.26 -25.60
CA MET A 955 -17.26 -6.65 -26.77
C MET A 955 -15.79 -6.31 -26.60
N SER A 956 -15.05 -6.46 -27.70
CA SER A 956 -13.62 -6.15 -27.71
C SER A 956 -13.45 -4.63 -27.67
N GLY B 3 -8.07 27.97 26.03
CA GLY B 3 -8.16 28.91 24.89
C GLY B 3 -7.02 29.91 24.86
N ARG B 4 -7.07 30.85 23.92
CA ARG B 4 -6.03 31.86 23.80
C ARG B 4 -6.70 33.21 23.63
N ASN B 5 -5.91 34.27 23.66
CA ASN B 5 -6.45 35.61 23.47
C ASN B 5 -6.41 35.83 21.99
N TRP B 6 -7.54 36.14 21.37
CA TRP B 6 -7.56 36.36 19.92
C TRP B 6 -7.51 37.83 19.54
N ASN B 7 -6.75 38.11 18.49
CA ASN B 7 -6.61 39.47 17.98
C ASN B 7 -7.09 39.47 16.53
N ALA B 8 -8.07 38.61 16.25
CA ALA B 8 -8.64 38.50 14.91
C ALA B 8 -10.16 38.49 15.04
N SER B 9 -10.84 38.72 13.93
CA SER B 9 -12.30 38.73 13.94
C SER B 9 -12.89 37.64 13.05
N TRP B 10 -14.08 37.16 13.42
CA TRP B 10 -14.76 36.16 12.62
C TRP B 10 -15.21 36.96 11.40
N ILE B 11 -15.00 36.42 10.20
CA ILE B 11 -15.41 37.11 8.99
C ILE B 11 -16.16 36.20 8.04
N TRP B 12 -16.93 36.82 7.14
CA TRP B 12 -17.69 36.11 6.14
C TRP B 12 -17.85 37.05 4.95
N GLY B 13 -18.75 36.70 4.04
CA GLY B 13 -19.00 37.51 2.87
C GLY B 13 -20.40 37.22 2.37
N GLY B 14 -20.89 38.04 1.44
CA GLY B 14 -22.23 37.82 0.92
C GLY B 14 -23.29 38.37 1.85
N GLN B 15 -24.53 38.34 1.42
CA GLN B 15 -25.64 38.87 2.21
C GLN B 15 -26.20 37.86 3.21
N GLU B 16 -26.28 36.60 2.79
CA GLU B 16 -26.81 35.55 3.65
C GLU B 16 -25.83 35.18 4.76
N GLU B 17 -26.34 35.09 5.99
CA GLU B 17 -25.51 34.74 7.14
C GLU B 17 -25.13 33.26 7.12
N SER B 18 -26.08 32.41 6.75
CA SER B 18 -25.85 30.97 6.71
C SER B 18 -26.43 30.36 5.44
N PRO B 19 -25.74 30.54 4.31
CA PRO B 19 -26.21 30.00 3.03
C PRO B 19 -26.09 28.48 2.94
N ARG B 20 -26.97 27.88 2.15
CA ARG B 20 -26.95 26.44 1.97
C ARG B 20 -25.83 26.03 1.03
N ASN B 21 -25.08 25.01 1.44
CA ASN B 21 -24.02 24.45 0.61
C ASN B 21 -23.21 25.49 -0.19
N GLU B 22 -22.55 26.40 0.53
CA GLU B 22 -21.73 27.43 -0.13
C GLU B 22 -20.25 27.33 0.21
N TRP B 23 -19.43 27.27 -0.83
CA TRP B 23 -17.98 27.21 -0.67
C TRP B 23 -17.46 28.61 -0.99
N ARG B 24 -16.82 29.23 0.01
CA ARG B 24 -16.32 30.59 -0.14
C ARG B 24 -14.81 30.73 0.07
N CYS B 25 -14.20 31.58 -0.75
CA CYS B 25 -12.76 31.81 -0.67
C CYS B 25 -12.41 33.07 0.10
N PHE B 26 -11.29 33.03 0.81
CA PHE B 26 -10.81 34.19 1.58
C PHE B 26 -9.31 34.36 1.31
N ARG B 27 -8.89 35.60 1.11
CA ARG B 27 -7.48 35.90 0.88
C ARG B 27 -7.01 37.02 1.79
N GLY B 28 -5.83 36.83 2.38
CA GLY B 28 -5.27 37.82 3.27
C GLY B 28 -3.76 37.80 3.10
N SER B 29 -3.12 38.96 3.26
CA SER B 29 -1.68 39.05 3.11
C SER B 29 -1.02 39.78 4.26
N PHE B 30 0.30 39.61 4.37
CA PHE B 30 1.06 40.29 5.40
C PHE B 30 2.54 40.23 5.04
N ASP B 31 3.29 41.22 5.48
CA ASP B 31 4.72 41.26 5.23
C ASP B 31 5.39 40.66 6.45
N ALA B 32 6.01 39.49 6.27
CA ALA B 32 6.68 38.82 7.37
C ALA B 32 8.00 39.49 7.72
N PRO B 33 8.33 39.54 9.03
CA PRO B 33 9.57 40.16 9.52
C PRO B 33 10.80 39.56 8.84
N ALA B 34 11.87 40.34 8.80
CA ALA B 34 13.12 39.89 8.19
C ALA B 34 13.56 38.57 8.82
N SER B 35 13.37 38.45 10.13
CA SER B 35 13.75 37.24 10.85
C SER B 35 12.77 36.95 11.97
N VAL B 36 12.59 35.67 12.26
CA VAL B 36 11.69 35.24 13.33
C VAL B 36 12.39 34.28 14.26
N GLU B 37 12.21 34.48 15.56
CA GLU B 37 12.82 33.63 16.58
C GLU B 37 11.96 32.39 16.82
N GLY B 38 11.00 32.53 17.73
CA GLY B 38 10.12 31.42 18.05
C GLY B 38 9.34 30.96 16.82
N PRO B 39 8.50 29.92 16.97
CA PRO B 39 7.71 29.42 15.84
C PRO B 39 6.58 30.33 15.41
N ALA B 40 6.35 30.40 14.10
CA ALA B 40 5.26 31.21 13.57
C ALA B 40 4.04 30.30 13.61
N MET B 41 3.09 30.63 14.46
CA MET B 41 1.87 29.82 14.60
C MET B 41 0.65 30.44 13.95
N LEU B 42 -0.09 29.63 13.20
CA LEU B 42 -1.31 30.09 12.56
C LEU B 42 -2.47 29.36 13.21
N HIS B 43 -3.29 30.11 13.95
CA HIS B 43 -4.45 29.56 14.65
C HIS B 43 -5.66 29.79 13.78
N ILE B 44 -6.52 28.78 13.65
CA ILE B 44 -7.69 28.91 12.78
C ILE B 44 -8.82 27.93 13.02
N THR B 45 -10.03 28.38 12.73
CA THR B 45 -11.22 27.55 12.82
C THR B 45 -12.24 28.18 11.87
N ALA B 46 -13.27 27.44 11.53
CA ALA B 46 -14.27 27.97 10.60
C ALA B 46 -15.58 27.21 10.73
N ASP B 47 -16.61 27.77 10.12
CA ASP B 47 -17.95 27.18 10.12
C ASP B 47 -18.35 27.16 8.65
N SER B 48 -18.55 25.97 8.06
CA SER B 48 -18.45 24.68 8.73
C SER B 48 -17.09 23.98 8.72
N ARG B 49 -16.38 24.04 7.59
CA ARG B 49 -15.08 23.39 7.44
C ARG B 49 -14.18 24.26 6.56
N TYR B 50 -12.87 24.03 6.64
CA TYR B 50 -11.92 24.81 5.84
C TYR B 50 -10.78 23.98 5.24
N VAL B 51 -10.13 24.58 4.25
CA VAL B 51 -8.94 24.01 3.61
C VAL B 51 -7.99 25.20 3.61
N LEU B 52 -6.84 25.04 4.25
CA LEU B 52 -5.86 26.11 4.39
C LEU B 52 -4.68 26.12 3.42
N PHE B 53 -4.38 27.30 2.89
CA PHE B 53 -3.25 27.47 1.98
C PHE B 53 -2.36 28.60 2.49
N VAL B 54 -1.06 28.36 2.53
CA VAL B 54 -0.10 29.36 2.95
C VAL B 54 0.85 29.52 1.78
N ASN B 55 0.80 30.68 1.15
CA ASN B 55 1.63 30.96 -0.01
C ASN B 55 1.37 29.95 -1.13
N GLY B 56 0.09 29.63 -1.31
CA GLY B 56 -0.30 28.69 -2.36
C GLY B 56 -0.20 27.22 -2.02
N GLU B 57 0.53 26.89 -0.96
CA GLU B 57 0.68 25.50 -0.56
C GLU B 57 -0.39 25.07 0.43
N GLN B 58 -1.05 23.95 0.14
CA GLN B 58 -2.08 23.45 1.04
C GLN B 58 -1.44 22.93 2.31
N VAL B 59 -1.82 23.49 3.46
CA VAL B 59 -1.26 23.08 4.74
C VAL B 59 -2.13 22.14 5.55
N GLY B 60 -3.44 22.35 5.54
CA GLY B 60 -4.31 21.48 6.32
C GLY B 60 -5.79 21.65 6.08
N ARG B 61 -6.57 20.86 6.81
CA ARG B 61 -8.02 20.86 6.71
C ARG B 61 -8.57 20.79 8.13
N GLY B 62 -9.75 21.37 8.34
CA GLY B 62 -10.36 21.34 9.65
C GLY B 62 -11.65 22.13 9.65
N PRO B 63 -12.17 22.48 10.84
CA PRO B 63 -11.60 22.09 12.14
C PRO B 63 -12.14 20.71 12.47
N VAL B 64 -11.77 20.16 13.63
CA VAL B 64 -12.32 18.86 14.02
C VAL B 64 -13.78 19.13 14.39
N ARG B 65 -14.63 18.11 14.37
CA ARG B 65 -16.04 18.32 14.70
C ARG B 65 -16.18 18.88 16.11
N SER B 66 -17.11 19.84 16.26
CA SER B 66 -17.31 20.48 17.56
C SER B 66 -18.77 20.76 17.89
N TRP B 67 -19.01 21.00 19.18
CA TRP B 67 -20.32 21.44 19.64
C TRP B 67 -20.03 22.93 19.47
N PRO B 68 -20.93 23.69 18.82
CA PRO B 68 -20.67 25.13 18.63
C PRO B 68 -20.21 25.87 19.88
N LYS B 69 -20.75 25.50 21.04
CA LYS B 69 -20.39 26.16 22.29
C LYS B 69 -18.91 26.00 22.63
N GLU B 70 -18.29 24.98 22.06
CA GLU B 70 -16.86 24.72 22.27
C GLU B 70 -16.24 24.42 20.92
N GLN B 71 -16.16 25.46 20.09
CA GLN B 71 -15.61 25.39 18.74
C GLN B 71 -14.10 25.19 18.75
N PHE B 72 -13.66 24.03 18.27
CA PHE B 72 -12.24 23.71 18.23
C PHE B 72 -11.45 24.49 17.18
N TYR B 73 -10.28 24.99 17.56
CA TYR B 73 -9.45 25.70 16.60
C TYR B 73 -8.12 24.99 16.47
N ASP B 74 -7.57 25.02 15.27
CA ASP B 74 -6.30 24.37 14.96
C ASP B 74 -5.13 25.35 15.04
N SER B 75 -3.94 24.83 15.35
CA SER B 75 -2.75 25.66 15.44
C SER B 75 -1.61 25.02 14.65
N TYR B 76 -1.23 25.66 13.54
CA TYR B 76 -0.17 25.17 12.67
C TYR B 76 1.13 25.96 12.77
N ASP B 77 2.25 25.24 12.76
CA ASP B 77 3.56 25.88 12.77
C ASP B 77 3.84 26.07 11.28
N ILE B 78 3.68 27.29 10.77
CA ILE B 78 3.88 27.54 9.35
C ILE B 78 5.30 27.99 8.97
N GLY B 79 6.27 27.74 9.85
CA GLY B 79 7.63 28.14 9.56
C GLY B 79 8.11 27.65 8.21
N GLY B 80 7.69 26.44 7.84
CA GLY B 80 8.10 25.87 6.57
C GLY B 80 7.54 26.51 5.31
N GLN B 81 6.35 27.11 5.41
CA GLN B 81 5.74 27.75 4.26
C GLN B 81 6.00 29.25 4.27
N LEU B 82 6.38 29.77 5.44
CA LEU B 82 6.65 31.19 5.63
C LEU B 82 7.82 31.73 4.79
N ARG B 83 7.60 32.89 4.17
CA ARG B 83 8.62 33.55 3.35
C ARG B 83 9.10 34.80 4.09
N PRO B 84 10.23 34.69 4.81
CA PRO B 84 10.84 35.78 5.58
C PRO B 84 11.06 37.10 4.86
N GLY B 85 10.90 38.20 5.60
CA GLY B 85 11.11 39.54 5.07
C GLY B 85 10.37 39.94 3.81
N VAL B 86 9.35 39.17 3.41
CA VAL B 86 8.60 39.51 2.21
C VAL B 86 7.10 39.36 2.42
N ARG B 87 6.35 39.61 1.36
CA ARG B 87 4.90 39.51 1.40
C ARG B 87 4.46 38.05 1.37
N ASN B 88 3.61 37.68 2.31
CA ASN B 88 3.09 36.33 2.40
C ASN B 88 1.57 36.36 2.19
N THR B 89 1.04 35.32 1.57
CA THR B 89 -0.38 35.24 1.29
C THR B 89 -1.06 34.07 1.99
N ILE B 90 -2.23 34.33 2.56
CA ILE B 90 -3.01 33.30 3.23
C ILE B 90 -4.32 33.14 2.48
N ALA B 91 -4.59 31.94 2.01
CA ALA B 91 -5.81 31.66 1.28
C ALA B 91 -6.57 30.55 1.97
N VAL B 92 -7.88 30.74 2.12
CA VAL B 92 -8.69 29.74 2.79
C VAL B 92 -9.99 29.46 2.06
N LEU B 93 -10.33 28.18 1.96
CA LEU B 93 -11.57 27.78 1.34
C LEU B 93 -12.46 27.36 2.50
N VAL B 94 -13.64 27.94 2.60
CA VAL B 94 -14.55 27.57 3.68
C VAL B 94 -15.81 26.97 3.12
N LEU B 95 -16.15 25.79 3.61
CA LEU B 95 -17.37 25.12 3.20
C LEU B 95 -18.39 25.37 4.30
N HIS B 96 -19.50 26.02 3.97
CA HIS B 96 -20.55 26.24 4.95
C HIS B 96 -21.76 25.44 4.50
N PHE B 97 -22.17 24.48 5.33
CA PHE B 97 -23.31 23.63 4.99
C PHE B 97 -24.66 24.34 5.06
N GLY B 98 -24.84 25.21 6.06
CA GLY B 98 -26.11 25.91 6.19
C GLY B 98 -27.24 24.96 6.58
N VAL B 99 -26.86 23.74 6.93
CA VAL B 99 -27.81 22.70 7.32
C VAL B 99 -27.12 21.82 8.37
N SER B 100 -27.83 21.52 9.45
CA SER B 100 -27.28 20.67 10.51
C SER B 100 -27.21 19.21 10.09
N ASN B 101 -26.27 18.45 10.66
CA ASN B 101 -26.15 17.03 10.36
C ASN B 101 -25.64 16.29 11.60
N PHE B 102 -25.14 15.06 11.43
CA PHE B 102 -24.68 14.25 12.55
C PHE B 102 -23.29 14.59 13.09
N TYR B 103 -22.62 15.57 12.49
CA TYR B 103 -21.31 15.97 12.99
C TYR B 103 -21.10 17.47 12.88
N TYR B 104 -22.22 18.18 12.74
CA TYR B 104 -22.20 19.62 12.62
C TYR B 104 -23.56 20.22 12.96
N LEU B 105 -23.55 21.21 13.84
CA LEU B 105 -24.78 21.90 14.23
C LEU B 105 -24.75 23.27 13.55
N ARG B 106 -25.81 23.57 12.81
CA ARG B 106 -25.89 24.82 12.07
C ARG B 106 -25.58 26.08 12.87
N GLY B 107 -24.67 26.87 12.34
CA GLY B 107 -24.28 28.13 12.96
C GLY B 107 -24.46 29.16 11.87
N ARG B 108 -23.35 29.70 11.37
CA ARG B 108 -23.39 30.68 10.29
C ARG B 108 -22.03 30.68 9.58
N GLY B 109 -21.99 31.18 8.36
CA GLY B 109 -20.73 31.22 7.63
C GLY B 109 -19.69 31.97 8.43
N GLY B 110 -18.50 31.41 8.56
CA GLY B 110 -17.48 32.10 9.33
C GLY B 110 -16.07 31.56 9.22
N LEU B 111 -15.11 32.47 9.39
CA LEU B 111 -13.70 32.13 9.33
C LEU B 111 -12.96 33.07 10.28
N ILE B 112 -12.09 32.51 11.11
CA ILE B 112 -11.28 33.32 12.01
C ILE B 112 -9.90 32.70 12.00
N ALA B 113 -8.88 33.51 11.71
CA ALA B 113 -7.51 33.02 11.66
C ALA B 113 -6.53 34.11 12.10
N GLU B 114 -5.46 33.69 12.76
CA GLU B 114 -4.46 34.63 13.24
C GLU B 114 -3.07 34.01 13.22
N ILE B 115 -2.10 34.76 12.72
CA ILE B 115 -0.72 34.29 12.67
C ILE B 115 0.02 35.07 13.76
N GLU B 116 0.58 34.33 14.71
CA GLU B 116 1.30 34.94 15.82
C GLU B 116 2.73 34.41 15.94
N ALA B 117 3.67 35.33 16.14
CA ALA B 117 5.07 34.99 16.28
C ALA B 117 5.72 35.98 17.24
N ASP B 118 6.41 35.46 18.24
CA ASP B 118 7.06 36.30 19.23
C ASP B 118 6.05 37.21 19.91
N GLY B 119 5.07 36.61 20.55
CA GLY B 119 4.04 37.37 21.25
C GLY B 119 3.32 38.46 20.47
N ARG B 120 3.58 38.58 19.17
CA ARG B 120 2.90 39.60 18.39
C ARG B 120 2.24 39.09 17.11
N THR B 121 1.08 39.66 16.81
CA THR B 121 0.27 39.28 15.65
C THR B 121 0.87 39.73 14.31
N LEU B 122 1.00 38.80 13.38
CA LEU B 122 1.54 39.11 12.06
C LEU B 122 0.41 39.26 11.05
N ALA B 123 -0.72 38.62 11.34
CA ALA B 123 -1.87 38.68 10.46
C ALA B 123 -3.10 38.23 11.22
N ALA B 124 -4.25 38.73 10.82
CA ALA B 124 -5.50 38.39 11.47
C ALA B 124 -6.66 38.71 10.54
N THR B 125 -7.65 37.84 10.53
CA THR B 125 -8.82 38.02 9.69
C THR B 125 -9.65 39.23 10.12
N ASP B 126 -10.01 40.05 9.14
CA ASP B 126 -10.81 41.24 9.37
C ASP B 126 -11.29 41.78 8.02
N ALA B 127 -11.99 42.90 8.04
CA ALA B 127 -12.54 43.52 6.83
C ALA B 127 -11.52 43.80 5.74
N ALA B 128 -10.23 43.77 6.09
CA ALA B 128 -9.17 44.02 5.12
C ALA B 128 -9.02 42.81 4.19
N TRP B 129 -9.45 41.65 4.66
CA TRP B 129 -9.36 40.43 3.87
C TRP B 129 -10.37 40.47 2.72
N ARG B 130 -10.05 39.76 1.64
CA ARG B 130 -10.89 39.70 0.44
C ARG B 130 -11.64 38.38 0.40
N THR B 131 -12.83 38.39 -0.21
CA THR B 131 -13.62 37.17 -0.30
C THR B 131 -14.59 37.14 -1.48
N GLU B 132 -14.77 35.95 -2.02
CA GLU B 132 -15.69 35.71 -3.13
C GLU B 132 -16.04 34.23 -3.08
N ARG B 133 -17.21 33.86 -3.59
CA ARG B 133 -17.58 32.45 -3.59
C ARG B 133 -16.63 31.72 -4.54
N LEU B 134 -16.47 30.42 -4.35
CA LEU B 134 -15.62 29.63 -5.22
C LEU B 134 -16.38 29.58 -6.55
N GLY B 135 -15.78 30.10 -7.61
CA GLY B 135 -16.45 30.11 -8.89
C GLY B 135 -16.80 28.73 -9.42
N GLY B 136 -18.02 28.59 -9.94
CA GLY B 136 -18.44 27.31 -10.49
C GLY B 136 -19.02 26.30 -9.50
N GLN B 137 -18.86 26.55 -8.21
CA GLN B 137 -19.39 25.63 -7.21
C GLN B 137 -20.91 25.82 -7.14
N ARG B 138 -21.67 24.79 -7.49
CA ARG B 138 -23.13 24.87 -7.50
C ARG B 138 -23.75 24.59 -6.14
N SER B 139 -24.39 25.61 -5.57
CA SER B 139 -25.00 25.49 -4.26
C SER B 139 -26.27 24.65 -4.27
N ASN B 140 -26.67 24.16 -5.44
CA ASN B 140 -27.86 23.32 -5.51
C ASN B 140 -27.47 21.84 -5.64
N SER B 141 -26.19 21.54 -5.46
CA SER B 141 -25.74 20.15 -5.59
C SER B 141 -26.42 19.26 -4.55
N PRO B 142 -26.45 17.94 -4.79
CA PRO B 142 -27.08 16.97 -3.89
C PRO B 142 -26.63 16.92 -2.44
N ARG B 143 -27.59 16.79 -1.54
CA ARG B 143 -27.29 16.64 -0.12
C ARG B 143 -26.67 15.23 -0.14
N MET B 144 -25.52 15.06 0.50
CA MET B 144 -24.84 13.77 0.49
C MET B 144 -25.58 12.64 1.20
N ALA B 145 -26.05 12.90 2.41
CA ALA B 145 -26.77 11.91 3.20
C ALA B 145 -27.34 12.61 4.42
N CYS B 146 -28.26 11.95 5.14
CA CYS B 146 -28.85 12.57 6.32
C CYS B 146 -27.79 12.85 7.38
N GLN B 147 -26.71 12.08 7.33
CA GLN B 147 -25.64 12.24 8.32
C GLN B 147 -24.55 13.23 7.92
N GLN B 148 -24.44 13.53 6.64
CA GLN B 148 -23.34 14.39 6.19
C GLN B 148 -23.65 15.70 5.47
N GLY B 149 -22.66 16.17 4.71
CA GLY B 149 -22.78 17.42 3.98
C GLY B 149 -23.37 17.32 2.59
N PHE B 150 -22.61 17.75 1.59
CA PHE B 150 -23.04 17.74 0.19
C PHE B 150 -22.02 17.18 -0.79
N GLY B 151 -22.51 16.52 -1.83
CA GLY B 151 -21.65 16.02 -2.89
C GLY B 151 -21.60 17.19 -3.85
N GLU B 152 -20.42 17.65 -4.22
CA GLU B 152 -20.32 18.84 -5.07
C GLU B 152 -20.45 18.71 -6.58
N VAL B 153 -20.74 19.83 -7.22
CA VAL B 153 -20.82 19.94 -8.66
C VAL B 153 -20.02 21.22 -8.92
N ILE B 154 -18.90 21.08 -9.63
CA ILE B 154 -18.02 22.20 -9.91
C ILE B 154 -17.84 22.42 -11.40
N ASP B 155 -18.19 23.60 -11.89
CA ASP B 155 -17.99 23.91 -13.30
C ASP B 155 -16.71 24.73 -13.36
N ALA B 156 -15.61 24.07 -13.66
CA ALA B 156 -14.30 24.72 -13.72
C ALA B 156 -14.20 25.86 -14.72
N ARG B 157 -15.15 25.96 -15.64
CA ARG B 157 -15.14 27.04 -16.62
C ARG B 157 -15.43 28.39 -15.96
N GLU B 158 -15.87 28.35 -14.72
CA GLU B 158 -16.19 29.57 -13.97
C GLU B 158 -15.28 29.74 -12.76
N LEU B 159 -14.34 28.81 -12.60
CA LEU B 159 -13.42 28.84 -11.48
C LEU B 159 -12.05 29.43 -11.78
N ALA B 160 -11.60 30.32 -10.91
CA ALA B 160 -10.29 30.93 -11.04
C ALA B 160 -9.32 29.96 -10.38
N GLU B 161 -8.80 29.03 -11.18
CA GLU B 161 -7.89 27.99 -10.72
C GLU B 161 -6.78 28.40 -9.76
N ASP B 162 -6.19 29.57 -9.96
CA ASP B 162 -5.09 30.03 -9.11
C ASP B 162 -5.48 30.97 -7.97
N TRP B 163 -6.75 30.96 -7.59
CA TRP B 163 -7.22 31.86 -6.53
C TRP B 163 -6.44 31.83 -5.22
N ALA B 164 -5.80 30.70 -4.92
CA ALA B 164 -5.05 30.57 -3.67
C ALA B 164 -3.57 30.93 -3.76
N LEU B 165 -3.10 31.22 -4.97
CA LEU B 165 -1.69 31.56 -5.15
C LEU B 165 -1.37 33.01 -4.79
N PRO B 166 -0.13 33.27 -4.36
CA PRO B 166 0.33 34.61 -3.97
C PRO B 166 0.13 35.65 -5.06
N ALA B 167 0.59 35.34 -6.27
CA ALA B 167 0.50 36.27 -7.39
C ALA B 167 -0.89 36.46 -7.97
N PHE B 168 -1.89 35.76 -7.44
CA PHE B 168 -3.25 35.91 -7.95
C PHE B 168 -3.79 37.30 -7.69
N ASP B 169 -4.47 37.87 -8.68
CA ASP B 169 -5.02 39.22 -8.54
C ASP B 169 -6.46 39.24 -8.03
N ASP B 170 -6.63 39.56 -6.76
CA ASP B 170 -7.94 39.63 -6.15
C ASP B 170 -8.44 41.07 -6.03
N GLY B 171 -7.91 41.95 -6.86
CA GLY B 171 -8.31 43.34 -6.83
C GLY B 171 -9.81 43.55 -6.97
N GLY B 172 -10.45 42.68 -7.75
CA GLY B 172 -11.88 42.78 -7.96
C GLY B 172 -12.74 42.09 -6.92
N TRP B 173 -12.10 41.45 -5.95
CA TRP B 173 -12.82 40.75 -4.89
C TRP B 173 -13.36 41.72 -3.85
N ALA B 174 -14.56 41.43 -3.35
CA ALA B 174 -15.18 42.26 -2.34
C ALA B 174 -14.43 42.10 -1.02
N GLN B 175 -14.64 43.03 -0.10
CA GLN B 175 -13.99 42.97 1.19
C GLN B 175 -14.82 42.08 2.10
N ALA B 176 -14.16 41.32 2.96
CA ALA B 176 -14.85 40.46 3.90
C ALA B 176 -15.54 41.34 4.92
N ARG B 177 -16.60 40.82 5.54
CA ARG B 177 -17.34 41.57 6.55
C ARG B 177 -17.08 40.92 7.91
N SER B 178 -16.74 41.74 8.90
CA SER B 178 -16.48 41.24 10.24
C SER B 178 -17.80 40.91 10.95
N ILE B 179 -17.83 39.75 11.60
CA ILE B 179 -19.00 39.29 12.33
C ILE B 179 -18.84 39.66 13.80
N GLY B 180 -17.61 39.63 14.28
CA GLY B 180 -17.33 39.96 15.66
C GLY B 180 -16.05 39.31 16.13
N PRO B 181 -15.62 39.60 17.36
CA PRO B 181 -14.39 39.01 17.90
C PRO B 181 -14.63 37.60 18.41
N ALA B 182 -13.57 36.92 18.82
CA ALA B 182 -13.70 35.57 19.34
C ALA B 182 -14.65 35.65 20.52
N GLY B 183 -15.56 34.70 20.61
CA GLY B 183 -16.52 34.70 21.71
C GLY B 183 -17.91 35.08 21.24
N THR B 184 -17.98 35.66 20.04
CA THR B 184 -19.26 36.08 19.47
C THR B 184 -20.10 34.85 19.16
N ALA B 185 -21.41 34.95 19.37
CA ALA B 185 -22.33 33.85 19.11
C ALA B 185 -22.23 33.47 17.64
N PRO B 186 -22.48 32.18 17.31
CA PRO B 186 -22.85 31.07 18.19
C PRO B 186 -21.68 30.28 18.79
N TRP B 187 -20.46 30.66 18.43
CA TRP B 187 -19.27 29.97 18.91
C TRP B 187 -18.83 30.52 20.26
N THR B 188 -19.66 30.27 21.27
CA THR B 188 -19.44 30.74 22.63
C THR B 188 -17.98 30.76 23.07
N SER B 189 -17.28 29.65 22.86
CA SER B 189 -15.87 29.59 23.24
C SER B 189 -15.05 28.87 22.19
N LEU B 190 -13.81 29.31 21.99
CA LEU B 190 -12.92 28.69 21.03
C LEU B 190 -11.90 27.91 21.85
N VAL B 191 -11.88 26.59 21.68
CA VAL B 191 -10.95 25.74 22.42
C VAL B 191 -9.96 25.06 21.49
N PRO B 192 -8.72 24.87 21.97
CA PRO B 192 -7.67 24.23 21.16
C PRO B 192 -7.90 22.77 20.79
N ARG B 193 -7.60 22.45 19.54
CA ARG B 193 -7.73 21.10 19.00
C ARG B 193 -7.10 20.14 20.01
N ASP B 194 -7.81 19.08 20.38
CA ASP B 194 -7.28 18.14 21.36
C ASP B 194 -6.68 16.84 20.81
N ILE B 195 -6.23 16.87 19.56
CA ILE B 195 -5.59 15.71 18.92
C ILE B 195 -4.61 16.24 17.86
N PRO B 196 -3.68 15.39 17.41
CA PRO B 196 -2.74 15.84 16.39
C PRO B 196 -3.49 15.97 15.05
N PHE B 197 -2.78 16.42 14.03
CA PHE B 197 -3.39 16.58 12.72
C PHE B 197 -3.54 15.23 12.03
N LEU B 198 -4.49 15.15 11.10
CA LEU B 198 -4.72 13.91 10.39
C LEU B 198 -3.70 13.73 9.28
N THR B 199 -3.56 12.51 8.79
CA THR B 199 -2.62 12.22 7.72
C THR B 199 -3.30 12.63 6.42
N GLU B 200 -2.50 12.72 5.35
CA GLU B 200 -3.03 12.99 4.02
C GLU B 200 -1.95 12.36 3.15
N GLU B 201 -2.27 11.16 2.68
CA GLU B 201 -1.38 10.31 1.92
C GLU B 201 -1.88 10.01 0.50
N LYS B 202 -1.12 10.45 -0.50
CA LYS B 202 -1.50 10.22 -1.89
C LYS B 202 -1.29 8.76 -2.25
N LEU B 203 -2.38 8.08 -2.62
CA LEU B 203 -2.29 6.67 -2.99
C LEU B 203 -2.92 6.39 -4.35
N TYR B 204 -2.20 5.69 -5.20
CA TYR B 204 -2.71 5.37 -6.53
C TYR B 204 -3.58 4.12 -6.48
N PRO B 205 -4.51 3.98 -7.43
CA PRO B 205 -5.40 2.81 -7.49
C PRO B 205 -4.61 1.54 -7.79
N ALA B 206 -5.24 0.39 -7.62
CA ALA B 206 -4.58 -0.89 -7.87
C ALA B 206 -4.75 -1.38 -9.29
N SER B 207 -5.96 -1.23 -9.83
CA SER B 207 -6.25 -1.70 -11.18
C SER B 207 -7.46 -1.04 -11.80
N ILE B 208 -7.66 -1.31 -13.08
CA ILE B 208 -8.83 -0.81 -13.78
C ILE B 208 -9.67 -2.05 -14.01
N GLN B 209 -10.83 -2.09 -13.36
CA GLN B 209 -11.70 -3.24 -13.44
C GLN B 209 -12.45 -3.38 -14.77
N SER B 210 -12.91 -2.25 -15.30
CA SER B 210 -13.64 -2.32 -16.56
C SER B 210 -13.75 -0.97 -17.22
N LEU B 211 -14.21 -1.00 -18.46
CA LEU B 211 -14.43 0.19 -19.25
C LEU B 211 -15.71 -0.13 -20.00
N SER B 212 -16.66 0.80 -19.99
CA SER B 212 -17.92 0.58 -20.68
C SER B 212 -18.41 1.83 -21.39
N ARG B 213 -19.24 1.62 -22.40
CA ARG B 213 -19.86 2.71 -23.15
C ARG B 213 -21.21 2.79 -22.45
N VAL B 214 -21.54 3.94 -21.88
CA VAL B 214 -22.80 4.05 -21.15
C VAL B 214 -23.59 5.32 -21.44
N LYS B 215 -24.84 5.32 -20.98
CA LYS B 215 -25.73 6.46 -21.13
C LYS B 215 -26.57 6.62 -19.88
N ALA B 216 -26.70 7.86 -19.43
CA ALA B 216 -27.52 8.17 -18.26
C ALA B 216 -28.93 8.43 -18.78
N PRO B 217 -29.93 8.48 -17.88
CA PRO B 217 -31.30 8.74 -18.35
C PRO B 217 -31.37 10.14 -18.93
N LYS B 218 -32.30 10.37 -19.85
CA LYS B 218 -32.45 11.69 -20.46
C LYS B 218 -32.67 12.73 -19.36
N TYR B 219 -33.41 12.34 -18.33
CA TYR B 219 -33.71 13.23 -17.21
C TYR B 219 -33.43 12.52 -15.89
N ALA B 220 -32.59 13.12 -15.05
CA ALA B 220 -32.26 12.56 -13.76
C ALA B 220 -32.06 13.72 -12.79
N ALA B 221 -32.77 13.70 -11.67
CA ALA B 221 -32.66 14.79 -10.72
C ALA B 221 -32.59 14.35 -9.26
N ALA B 222 -31.87 15.13 -8.47
CA ALA B 222 -31.72 14.87 -7.05
C ALA B 222 -32.55 15.94 -6.34
N LEU B 223 -33.47 15.49 -5.48
CA LEU B 223 -34.35 16.41 -4.77
C LEU B 223 -34.21 16.31 -3.25
N ASP B 224 -34.13 17.44 -2.58
CA ASP B 224 -34.04 17.44 -1.12
C ASP B 224 -35.46 17.66 -0.64
N LEU B 225 -36.25 16.59 -0.61
CA LEU B 225 -37.64 16.65 -0.20
C LEU B 225 -37.83 17.02 1.26
N ARG B 226 -36.88 16.61 2.10
CA ARG B 226 -36.95 16.92 3.53
C ARG B 226 -37.03 18.44 3.75
N ASN B 227 -36.07 19.18 3.18
CA ASN B 227 -36.06 20.63 3.36
C ASN B 227 -37.11 21.36 2.52
N GLN B 228 -37.55 20.74 1.42
CA GLN B 228 -38.56 21.34 0.57
C GLN B 228 -39.93 21.27 1.26
N MET B 229 -40.26 20.10 1.80
CA MET B 229 -41.55 19.88 2.46
C MET B 229 -41.61 20.44 3.88
N VAL B 230 -40.48 20.45 4.58
CA VAL B 230 -40.42 20.97 5.94
C VAL B 230 -39.21 21.91 6.03
N PRO B 231 -39.39 23.16 5.56
CA PRO B 231 -38.33 24.17 5.57
C PRO B 231 -37.55 24.33 6.87
N GLU B 232 -38.25 24.18 8.00
CA GLU B 232 -37.62 24.32 9.30
C GLU B 232 -36.65 23.18 9.65
N SER B 233 -36.73 22.07 8.91
CA SER B 233 -35.87 20.92 9.20
C SER B 233 -34.37 21.19 8.97
N VAL B 234 -34.04 22.29 8.30
CA VAL B 234 -32.64 22.62 8.04
C VAL B 234 -31.88 22.92 9.34
N ASN B 235 -32.61 23.25 10.40
CA ASN B 235 -31.98 23.59 11.66
C ASN B 235 -31.73 22.43 12.62
N HIS B 236 -32.05 21.22 12.21
CA HIS B 236 -31.82 20.06 13.07
C HIS B 236 -31.61 18.82 12.21
N ALA B 237 -31.23 17.72 12.86
CA ALA B 237 -30.99 16.48 12.14
C ALA B 237 -31.88 15.37 12.67
N ASN B 238 -33.05 15.73 13.19
CA ASN B 238 -33.98 14.71 13.68
C ASN B 238 -34.83 14.27 12.51
N PRO B 239 -35.29 13.03 12.53
CA PRO B 239 -36.13 12.56 11.43
C PRO B 239 -37.43 13.37 11.43
N VAL B 240 -37.97 13.63 10.24
CA VAL B 240 -39.24 14.34 10.14
C VAL B 240 -40.08 13.52 9.18
N SER B 241 -41.39 13.72 9.24
CA SER B 241 -42.29 13.03 8.34
C SER B 241 -43.11 14.11 7.67
N TYR B 242 -43.47 13.87 6.41
CA TYR B 242 -44.29 14.83 5.70
C TYR B 242 -45.28 14.07 4.85
N CYS B 243 -46.37 14.73 4.50
CA CYS B 243 -47.42 14.13 3.69
C CYS B 243 -47.65 15.02 2.47
N GLY B 244 -47.50 14.44 1.28
CA GLY B 244 -47.69 15.22 0.08
C GLY B 244 -47.24 14.52 -1.17
N TYR B 245 -47.14 15.27 -2.26
CA TYR B 245 -46.73 14.72 -3.55
C TYR B 245 -45.74 15.59 -4.27
N VAL B 246 -45.11 15.01 -5.29
CA VAL B 246 -44.21 15.74 -6.16
C VAL B 246 -45.03 15.65 -7.44
N ALA B 247 -45.12 16.74 -8.19
CA ALA B 247 -45.92 16.70 -9.40
C ALA B 247 -45.25 17.44 -10.54
N THR B 248 -45.49 16.94 -11.75
CA THR B 248 -44.92 17.58 -12.94
C THR B 248 -45.80 17.26 -14.14
N ILE B 249 -45.76 18.13 -15.14
CA ILE B 249 -46.53 17.92 -16.35
C ILE B 249 -45.58 17.45 -17.43
N LEU B 250 -45.80 16.23 -17.90
CA LEU B 250 -44.98 15.60 -18.93
C LEU B 250 -45.62 15.76 -20.31
N THR B 251 -44.89 16.37 -21.24
CA THR B 251 -45.41 16.59 -22.59
C THR B 251 -44.61 15.84 -23.66
N LEU B 252 -45.31 15.00 -24.42
CA LEU B 252 -44.71 14.22 -25.51
C LEU B 252 -45.06 14.83 -26.86
N GLU B 253 -44.04 15.03 -27.70
CA GLU B 253 -44.28 15.60 -29.03
C GLU B 253 -45.00 14.54 -29.87
N THR B 254 -44.68 13.28 -29.62
CA THR B 254 -45.30 12.17 -30.33
C THR B 254 -45.56 11.02 -29.35
N SER B 255 -46.47 10.12 -29.71
CA SER B 255 -46.78 8.99 -28.86
C SER B 255 -45.56 8.10 -28.70
N GLY B 256 -45.46 7.43 -27.56
CA GLY B 256 -44.31 6.56 -27.33
C GLY B 256 -44.26 6.05 -25.91
N VAL B 257 -43.27 5.20 -25.64
CA VAL B 257 -43.11 4.63 -24.31
C VAL B 257 -42.19 5.48 -23.46
N VAL B 258 -42.62 5.76 -22.23
CA VAL B 258 -41.81 6.54 -21.31
C VAL B 258 -41.55 5.71 -20.07
N THR B 259 -40.33 5.80 -19.53
CA THR B 259 -40.00 5.05 -18.33
C THR B 259 -39.72 6.00 -17.19
N LEU B 260 -40.40 5.80 -16.06
CA LEU B 260 -40.17 6.62 -14.88
C LEU B 260 -39.19 5.83 -14.03
N GLY B 261 -38.14 6.49 -13.56
CA GLY B 261 -37.14 5.81 -12.74
C GLY B 261 -37.01 6.37 -11.34
N PHE B 262 -36.89 5.48 -10.38
CA PHE B 262 -36.74 5.84 -8.98
C PHE B 262 -35.56 5.07 -8.39
N PRO B 263 -34.34 5.59 -8.58
CA PRO B 263 -33.08 5.00 -8.09
C PRO B 263 -33.15 4.57 -6.64
N THR B 264 -33.87 5.34 -5.82
CA THR B 264 -34.00 5.03 -4.41
C THR B 264 -35.42 4.63 -4.02
N GLY B 265 -36.24 4.33 -5.03
CA GLY B 265 -37.61 3.90 -4.79
C GLY B 265 -38.63 5.01 -4.61
N VAL B 266 -39.89 4.62 -4.48
CA VAL B 266 -40.99 5.56 -4.27
C VAL B 266 -41.30 5.67 -2.78
N ARG B 267 -41.17 6.88 -2.25
CA ARG B 267 -41.40 7.15 -0.83
C ARG B 267 -42.79 6.84 -0.33
N GLY B 268 -43.80 7.34 -1.04
CA GLY B 268 -45.17 7.15 -0.64
C GLY B 268 -45.89 5.91 -1.14
N SER B 269 -47.22 5.99 -1.19
CA SER B 269 -48.09 4.90 -1.60
C SER B 269 -48.05 4.50 -3.07
N GLY B 270 -47.47 5.34 -3.92
CA GLY B 270 -47.42 4.99 -5.33
C GLY B 270 -47.26 6.15 -6.29
N VAL B 271 -47.46 5.86 -7.57
CA VAL B 271 -47.34 6.85 -8.63
C VAL B 271 -48.61 6.89 -9.47
N TRP B 272 -49.06 8.09 -9.79
CA TRP B 272 -50.26 8.29 -10.59
C TRP B 272 -49.93 9.05 -11.87
N VAL B 273 -50.56 8.64 -12.97
CA VAL B 273 -50.36 9.29 -14.26
C VAL B 273 -51.75 9.54 -14.84
N ASP B 274 -52.03 10.79 -15.16
CA ASP B 274 -53.33 11.17 -15.69
C ASP B 274 -54.44 10.71 -14.76
N GLY B 275 -54.17 10.80 -13.46
CA GLY B 275 -55.15 10.40 -12.46
C GLY B 275 -55.32 8.91 -12.25
N VAL B 276 -54.50 8.10 -12.91
CA VAL B 276 -54.60 6.66 -12.76
C VAL B 276 -53.41 6.04 -12.03
N LEU B 277 -53.70 5.25 -11.01
CA LEU B 277 -52.65 4.60 -10.23
C LEU B 277 -51.92 3.57 -11.09
N GLN B 278 -50.59 3.67 -11.14
CA GLN B 278 -49.78 2.73 -11.89
C GLN B 278 -49.55 1.54 -10.98
N THR B 279 -50.13 0.40 -11.34
CA THR B 279 -50.04 -0.81 -10.53
C THR B 279 -48.91 -1.77 -10.89
N GLU B 280 -48.30 -1.59 -12.05
CA GLU B 280 -47.22 -2.48 -12.46
C GLU B 280 -45.87 -1.77 -12.54
N TRP B 281 -44.81 -2.48 -12.18
CA TRP B 281 -43.47 -1.90 -12.22
C TRP B 281 -42.40 -2.99 -12.12
N THR B 282 -41.15 -2.59 -12.35
CA THR B 282 -40.02 -3.51 -12.28
C THR B 282 -38.92 -2.91 -11.42
N GLY B 283 -37.82 -3.65 -11.26
CA GLY B 283 -36.71 -3.15 -10.48
C GLY B 283 -36.39 -3.97 -9.25
N VAL B 284 -35.11 -3.98 -8.89
CA VAL B 284 -34.66 -4.71 -7.71
C VAL B 284 -34.68 -3.74 -6.52
N GLN B 285 -35.46 -4.08 -5.50
CA GLN B 285 -35.59 -3.26 -4.30
C GLN B 285 -34.23 -2.69 -3.88
N PRO B 286 -34.17 -1.40 -3.51
CA PRO B 286 -35.26 -0.44 -3.43
C PRO B 286 -35.59 0.30 -4.73
N GLU B 287 -34.96 -0.08 -5.83
CA GLU B 287 -35.20 0.60 -7.10
C GLU B 287 -36.57 0.25 -7.68
N ARG B 288 -37.16 1.17 -8.43
CA ARG B 288 -38.44 0.91 -9.06
C ARG B 288 -38.52 1.65 -10.38
N TYR B 289 -39.06 0.99 -11.40
CA TYR B 289 -39.22 1.58 -12.72
C TYR B 289 -40.62 1.32 -13.23
N TYR B 290 -41.25 2.35 -13.79
CA TYR B 290 -42.59 2.24 -14.33
C TYR B 290 -42.55 2.45 -15.84
N SER B 291 -43.27 1.60 -16.58
CA SER B 291 -43.33 1.72 -18.03
C SER B 291 -44.65 2.38 -18.41
N LEU B 292 -44.58 3.44 -19.20
CA LEU B 292 -45.79 4.16 -19.60
C LEU B 292 -45.98 4.20 -21.11
N ASN B 293 -47.16 3.76 -21.55
CA ASN B 293 -47.51 3.77 -22.97
C ASN B 293 -48.37 5.02 -23.15
N LEU B 294 -47.74 6.12 -23.56
CA LEU B 294 -48.44 7.40 -23.70
C LEU B 294 -48.60 7.97 -25.10
N ALA B 295 -49.72 8.66 -25.31
CA ALA B 295 -50.01 9.30 -26.59
C ALA B 295 -49.44 10.70 -26.51
N ALA B 296 -49.28 11.35 -27.66
CA ALA B 296 -48.74 12.72 -27.67
C ALA B 296 -49.61 13.64 -26.83
N GLY B 297 -49.03 14.73 -26.34
CA GLY B 297 -49.78 15.66 -25.52
C GLY B 297 -49.24 15.78 -24.10
N GLU B 298 -50.05 16.37 -23.21
CA GLU B 298 -49.63 16.55 -21.83
C GLU B 298 -50.16 15.46 -20.91
N HIS B 299 -49.37 15.13 -19.89
CA HIS B 299 -49.77 14.13 -18.91
C HIS B 299 -49.34 14.58 -17.53
N LEU B 300 -50.23 14.46 -16.57
CA LEU B 300 -49.93 14.87 -15.20
C LEU B 300 -49.37 13.68 -14.43
N VAL B 301 -48.15 13.83 -13.93
CA VAL B 301 -47.51 12.76 -13.16
C VAL B 301 -47.48 13.16 -11.69
N LEU B 302 -48.05 12.32 -10.83
CA LEU B 302 -48.09 12.60 -9.40
C LEU B 302 -47.38 11.47 -8.63
N VAL B 303 -46.41 11.85 -7.82
CA VAL B 303 -45.68 10.86 -7.04
C VAL B 303 -45.93 11.10 -5.55
N ASP B 304 -46.49 10.10 -4.87
CA ASP B 304 -46.76 10.23 -3.45
C ASP B 304 -45.42 10.09 -2.72
N ILE B 305 -45.05 11.09 -1.95
CA ILE B 305 -43.79 11.06 -1.22
C ILE B 305 -44.00 11.02 0.30
N THR B 306 -45.25 10.81 0.70
CA THR B 306 -45.60 10.74 2.12
C THR B 306 -44.74 9.70 2.81
N SER B 307 -43.94 10.15 3.77
CA SER B 307 -43.04 9.24 4.46
C SER B 307 -42.22 9.94 5.53
N SER B 308 -41.33 9.16 6.13
CA SER B 308 -40.41 9.67 7.13
C SER B 308 -39.16 9.95 6.30
N ASP B 309 -38.43 11.01 6.63
CA ASP B 309 -37.23 11.36 5.87
C ASP B 309 -36.18 11.96 6.80
N HIS B 310 -35.13 11.19 7.08
CA HIS B 310 -34.06 11.65 7.97
C HIS B 310 -33.17 12.66 7.25
N GLY B 311 -33.27 12.72 5.93
CA GLY B 311 -32.44 13.63 5.18
C GLY B 311 -31.68 12.92 4.07
N GLY B 312 -31.13 13.70 3.15
CA GLY B 312 -30.40 13.11 2.04
C GLY B 312 -31.22 13.31 0.79
N SER B 313 -30.64 13.02 -0.36
CA SER B 313 -31.33 13.22 -1.62
C SER B 313 -32.32 12.14 -2.01
N SER B 314 -33.42 12.56 -2.63
CA SER B 314 -34.43 11.65 -3.15
C SER B 314 -34.18 11.75 -4.66
N HIS B 315 -34.35 10.65 -5.39
CA HIS B 315 -34.08 10.65 -6.82
C HIS B 315 -35.27 10.38 -7.72
N PHE B 316 -35.29 11.07 -8.86
CA PHE B 316 -36.37 10.95 -9.83
C PHE B 316 -35.75 11.04 -11.22
N ALA B 317 -36.07 10.08 -12.09
CA ALA B 317 -35.51 10.10 -13.43
C ALA B 317 -36.54 9.69 -14.48
N ILE B 318 -36.33 10.13 -15.71
CA ILE B 318 -37.24 9.80 -16.80
C ILE B 318 -36.46 9.59 -18.08
N ASP B 319 -36.90 8.63 -18.89
CA ASP B 319 -36.22 8.36 -20.15
C ASP B 319 -37.23 7.87 -21.19
N SER B 320 -36.93 8.17 -22.45
CA SER B 320 -37.81 7.77 -23.54
C SER B 320 -37.10 7.96 -24.86
N GLU B 321 -37.52 7.20 -25.87
CA GLU B 321 -36.95 7.31 -27.20
C GLU B 321 -37.54 8.58 -27.81
N ALA B 322 -38.77 8.88 -27.41
CA ALA B 322 -39.48 10.06 -27.89
C ALA B 322 -39.04 11.31 -27.13
N ALA B 323 -39.10 12.45 -27.80
CA ALA B 323 -38.72 13.71 -27.19
C ALA B 323 -39.79 14.15 -26.21
N PHE B 324 -39.39 14.68 -25.06
CA PHE B 324 -40.35 15.14 -24.07
C PHE B 324 -39.81 16.32 -23.28
N THR B 325 -40.72 17.02 -22.62
CA THR B 325 -40.35 18.17 -21.80
C THR B 325 -41.14 18.08 -20.50
N LEU B 326 -40.71 18.84 -19.51
CA LEU B 326 -41.39 18.86 -18.22
C LEU B 326 -41.59 20.30 -17.79
N ARG B 327 -42.67 20.54 -17.06
CA ARG B 327 -42.92 21.88 -16.56
C ARG B 327 -43.76 21.75 -15.29
N SER B 328 -43.61 22.71 -14.39
CA SER B 328 -44.32 22.70 -13.12
C SER B 328 -45.79 23.11 -13.23
N PRO B 329 -46.66 22.48 -12.44
CA PRO B 329 -48.09 22.82 -12.47
C PRO B 329 -48.31 24.14 -11.72
N ALA B 330 -47.23 24.65 -11.14
CA ALA B 330 -47.27 25.91 -10.42
C ALA B 330 -46.56 26.95 -11.28
N GLY B 331 -46.15 28.06 -10.68
CA GLY B 331 -45.47 29.08 -11.46
C GLY B 331 -44.18 28.58 -12.07
N ASP B 332 -43.54 29.43 -12.87
CA ASP B 332 -42.28 29.06 -13.51
C ASP B 332 -41.11 29.67 -12.76
N ASN B 333 -40.34 28.84 -12.06
CA ASN B 333 -39.19 29.33 -11.32
C ASN B 333 -37.92 28.63 -11.77
N GLY B 334 -37.99 27.97 -12.92
CA GLY B 334 -36.82 27.27 -13.44
C GLY B 334 -36.80 25.79 -13.12
N VAL B 335 -37.62 25.36 -12.16
CA VAL B 335 -37.68 23.95 -11.77
C VAL B 335 -39.00 23.37 -12.26
N PRO B 336 -38.92 22.39 -13.18
CA PRO B 336 -40.08 21.72 -13.77
C PRO B 336 -40.94 20.85 -12.85
N LEU B 337 -40.59 20.82 -11.56
CA LEU B 337 -41.36 20.03 -10.61
C LEU B 337 -41.97 20.95 -9.56
N ALA B 338 -43.06 20.48 -8.94
CA ALA B 338 -43.72 21.22 -7.88
C ALA B 338 -44.09 20.17 -6.82
N THR B 339 -44.31 20.63 -5.59
CA THR B 339 -44.71 19.71 -4.54
C THR B 339 -46.13 20.08 -4.13
N ILE B 340 -46.86 19.11 -3.59
CA ILE B 340 -48.23 19.34 -3.15
C ILE B 340 -48.29 18.95 -1.68
N GLY B 341 -48.66 19.91 -0.85
CA GLY B 341 -48.74 19.69 0.59
C GLY B 341 -48.29 20.98 1.25
N THR B 342 -47.76 20.91 2.48
CA THR B 342 -47.59 19.68 3.23
C THR B 342 -48.85 19.45 4.04
N PHE B 343 -49.60 18.39 3.72
CA PHE B 343 -50.85 18.10 4.41
C PHE B 343 -50.71 17.88 5.90
N ASP B 344 -49.62 17.25 6.31
CA ASP B 344 -49.36 16.99 7.71
C ASP B 344 -47.87 16.70 7.83
N GLN B 345 -47.36 16.75 9.06
CA GLN B 345 -45.94 16.50 9.30
C GLN B 345 -45.69 16.21 10.76
N SER B 346 -44.47 15.81 11.08
CA SER B 346 -44.08 15.51 12.45
C SER B 346 -42.57 15.46 12.58
N GLU B 347 -42.10 15.44 13.82
CA GLU B 347 -40.66 15.37 14.11
C GLU B 347 -40.50 14.26 15.14
N TYR B 348 -39.45 13.46 14.99
CA TYR B 348 -39.23 12.35 15.91
C TYR B 348 -37.99 12.44 16.79
N ILE B 349 -38.22 12.51 18.10
CA ILE B 349 -37.17 12.55 19.10
C ILE B 349 -37.43 11.26 19.85
N ASP B 350 -36.69 10.21 19.51
CA ASP B 350 -36.89 8.90 20.10
C ASP B 350 -36.96 8.81 21.63
N HIS B 351 -36.40 9.80 22.32
CA HIS B 351 -36.42 9.78 23.78
C HIS B 351 -37.44 10.77 24.35
N ARG B 352 -38.23 11.37 23.46
CA ARG B 352 -39.26 12.32 23.86
C ARG B 352 -40.43 12.20 22.88
N PRO B 353 -41.19 11.09 22.95
CA PRO B 353 -42.33 10.82 22.09
C PRO B 353 -43.27 12.03 21.92
N GLY B 354 -43.59 12.35 20.67
CA GLY B 354 -44.47 13.47 20.39
C GLY B 354 -45.64 13.05 19.52
N ARG B 355 -46.20 13.99 18.75
CA ARG B 355 -47.32 13.68 17.89
C ARG B 355 -46.91 12.92 16.64
N ARG B 356 -47.69 11.90 16.30
CA ARG B 356 -47.43 11.08 15.13
C ARG B 356 -48.17 11.67 13.93
N MET B 357 -47.48 11.79 12.79
CA MET B 357 -48.10 12.33 11.59
C MET B 357 -49.27 11.48 11.14
N GLN B 358 -50.34 12.15 10.68
CA GLN B 358 -51.52 11.44 10.20
C GLN B 358 -51.56 11.58 8.68
N THR B 359 -52.12 10.58 8.01
CA THR B 359 -52.21 10.59 6.56
C THR B 359 -53.66 10.48 6.12
N ASP B 360 -54.57 11.04 6.92
CA ASP B 360 -55.99 10.98 6.61
C ASP B 360 -56.56 12.31 6.15
N HIS B 361 -55.70 13.24 5.73
CA HIS B 361 -56.20 14.53 5.28
C HIS B 361 -57.08 14.30 4.05
N PRO B 362 -58.29 14.87 4.04
CA PRO B 362 -59.24 14.73 2.94
C PRO B 362 -58.70 15.07 1.55
N ASP B 363 -58.03 16.20 1.43
CA ASP B 363 -57.49 16.60 0.13
C ASP B 363 -56.37 15.68 -0.31
N TYR B 364 -55.60 15.18 0.64
CA TYR B 364 -54.51 14.25 0.33
C TYR B 364 -55.06 12.96 -0.28
N ARG B 365 -56.10 12.42 0.35
CA ARG B 365 -56.70 11.17 -0.12
C ARG B 365 -57.49 11.27 -1.42
N ALA B 366 -58.09 12.43 -1.68
CA ALA B 366 -58.88 12.60 -2.88
C ALA B 366 -58.09 13.10 -4.10
N LEU B 367 -57.06 13.87 -3.84
CA LEU B 367 -56.26 14.48 -4.89
C LEU B 367 -55.84 13.64 -6.11
N PRO B 368 -55.19 12.48 -5.89
CA PRO B 368 -54.79 11.67 -7.06
C PRO B 368 -55.88 11.51 -8.12
N GLU B 369 -56.97 10.83 -7.75
CA GLU B 369 -58.07 10.60 -8.67
C GLU B 369 -58.85 11.88 -9.02
N ALA B 370 -58.94 12.79 -8.07
CA ALA B 370 -59.67 14.04 -8.27
C ALA B 370 -59.04 15.00 -9.26
N ALA B 371 -57.73 14.93 -9.45
CA ALA B 371 -57.05 15.83 -10.37
C ALA B 371 -56.29 15.10 -11.47
N PRO B 372 -57.01 14.52 -12.43
CA PRO B 372 -56.39 13.79 -13.56
C PRO B 372 -55.67 14.67 -14.56
N THR B 373 -55.88 15.99 -14.46
CA THR B 373 -55.27 16.93 -15.38
C THR B 373 -54.76 18.17 -14.66
N ALA B 374 -53.90 18.94 -15.34
CA ALA B 374 -53.36 20.16 -14.77
C ALA B 374 -54.51 21.13 -14.48
N ALA B 375 -55.52 21.11 -15.33
CA ALA B 375 -56.69 21.96 -15.17
C ALA B 375 -57.45 21.58 -13.91
N ALA B 376 -57.70 20.29 -13.73
CA ALA B 376 -58.42 19.81 -12.56
C ALA B 376 -57.62 20.05 -11.28
N LEU B 377 -56.29 20.01 -11.39
CA LEU B 377 -55.41 20.22 -10.24
C LEU B 377 -55.52 21.65 -9.71
N GLU B 378 -56.01 22.55 -10.54
CA GLU B 378 -56.18 23.95 -10.14
C GLU B 378 -57.05 24.06 -8.90
N ALA B 379 -57.93 23.09 -8.70
CA ALA B 379 -58.82 23.08 -7.54
C ALA B 379 -58.01 22.96 -6.25
N PHE B 380 -56.80 22.41 -6.36
CA PHE B 380 -55.94 22.22 -5.20
C PHE B 380 -54.75 23.17 -5.22
N ALA B 381 -54.84 24.23 -6.01
CA ALA B 381 -53.76 25.20 -6.14
C ALA B 381 -53.20 25.69 -4.81
N SER B 382 -54.06 25.79 -3.79
CA SER B 382 -53.61 26.26 -2.48
C SER B 382 -52.56 25.32 -1.87
N TRP B 383 -52.51 24.08 -2.35
CA TRP B 383 -51.55 23.09 -1.85
C TRP B 383 -50.32 22.95 -2.75
N VAL B 384 -50.40 23.47 -3.97
CA VAL B 384 -49.29 23.37 -4.92
C VAL B 384 -48.25 24.46 -4.72
N LYS B 385 -47.00 24.04 -4.52
CA LYS B 385 -45.90 24.97 -4.27
C LYS B 385 -44.75 24.78 -5.25
N PRO B 386 -44.02 25.87 -5.55
CA PRO B 386 -42.90 25.70 -6.46
C PRO B 386 -41.80 24.96 -5.70
N PHE B 387 -40.88 24.34 -6.43
CA PHE B 387 -39.78 23.62 -5.79
C PHE B 387 -38.62 24.60 -5.61
N GLU B 388 -38.11 24.74 -4.39
CA GLU B 388 -36.99 25.64 -4.16
C GLU B 388 -35.82 25.23 -5.04
N PRO B 389 -35.30 26.15 -5.86
CA PRO B 389 -34.18 25.86 -6.76
C PRO B 389 -32.95 25.26 -6.09
N SER B 390 -32.55 25.79 -4.94
CA SER B 390 -31.36 25.29 -4.26
C SER B 390 -31.51 23.86 -3.72
N LEU B 391 -32.73 23.33 -3.73
CA LEU B 391 -32.99 21.98 -3.24
C LEU B 391 -33.20 21.02 -4.40
N TYR B 392 -32.87 21.48 -5.60
CA TYR B 392 -33.10 20.68 -6.80
C TYR B 392 -31.97 20.80 -7.81
N THR B 393 -31.58 19.68 -8.39
CA THR B 393 -30.54 19.68 -9.41
C THR B 393 -30.72 18.55 -10.42
N GLU B 394 -30.45 18.86 -11.69
CA GLU B 394 -30.55 17.86 -12.74
C GLU B 394 -29.16 17.31 -13.07
N GLU B 395 -28.19 17.67 -12.24
CA GLU B 395 -26.80 17.22 -12.37
C GLU B 395 -26.73 16.15 -11.28
N ASN B 396 -27.24 14.98 -11.63
CA ASN B 396 -27.37 13.84 -10.72
C ASN B 396 -26.46 12.65 -11.05
N VAL B 397 -25.26 12.66 -10.49
CA VAL B 397 -24.31 11.58 -10.73
C VAL B 397 -24.82 10.23 -10.21
N PHE B 398 -25.35 10.22 -8.99
CA PHE B 398 -25.82 8.98 -8.40
C PHE B 398 -26.94 8.34 -9.24
N GLY B 399 -27.94 9.15 -9.59
CA GLY B 399 -29.04 8.64 -10.39
C GLY B 399 -28.57 8.18 -11.75
N SER B 400 -27.60 8.88 -12.31
CA SER B 400 -27.07 8.54 -13.63
C SER B 400 -26.25 7.25 -13.62
N ASN B 401 -25.87 6.79 -12.41
CA ASN B 401 -25.11 5.56 -12.26
C ASN B 401 -26.01 4.37 -11.89
N VAL B 402 -27.01 4.62 -11.07
CA VAL B 402 -27.93 3.56 -10.67
C VAL B 402 -28.74 3.13 -11.88
N TRP B 403 -29.18 4.09 -12.69
CA TRP B 403 -29.93 3.76 -13.88
C TRP B 403 -29.18 4.20 -15.12
N ARG B 404 -28.56 3.25 -15.80
CA ARG B 404 -27.84 3.51 -17.03
C ARG B 404 -28.74 2.88 -18.09
N THR B 405 -29.19 3.69 -19.04
CA THR B 405 -30.07 3.18 -20.10
C THR B 405 -29.24 2.36 -21.08
N LEU B 406 -27.92 2.51 -20.99
CA LEU B 406 -26.98 1.77 -21.82
C LEU B 406 -25.77 1.46 -20.97
N ALA B 407 -25.34 0.21 -20.97
CA ALA B 407 -24.18 -0.22 -20.20
C ALA B 407 -23.51 -1.31 -21.04
N GLU B 408 -22.56 -0.90 -21.87
CA GLU B 408 -21.89 -1.83 -22.76
C GLU B 408 -20.40 -1.96 -22.45
N ARG B 409 -20.06 -3.11 -21.87
CA ARG B 409 -18.71 -3.45 -21.49
C ARG B 409 -17.77 -3.52 -22.70
N ARG B 410 -16.58 -2.95 -22.58
CA ARG B 410 -15.56 -2.97 -23.64
C ARG B 410 -14.25 -3.41 -23.02
N ALA B 411 -13.36 -3.97 -23.82
CA ALA B 411 -12.05 -4.39 -23.30
C ALA B 411 -11.30 -3.12 -22.89
N VAL B 412 -10.53 -3.22 -21.82
CA VAL B 412 -9.75 -2.07 -21.36
C VAL B 412 -8.44 -1.99 -22.15
N PRO B 413 -8.24 -0.91 -22.92
CA PRO B 413 -6.99 -0.81 -23.69
C PRO B 413 -5.80 -0.51 -22.78
N ARG B 414 -4.64 -1.06 -23.12
CA ARG B 414 -3.43 -0.87 -22.31
C ARG B 414 -3.17 0.59 -21.94
N SER B 415 -3.38 1.50 -22.88
CA SER B 415 -3.13 2.92 -22.62
C SER B 415 -3.87 3.46 -21.39
N VAL B 416 -5.14 3.08 -21.26
CA VAL B 416 -5.93 3.57 -20.13
C VAL B 416 -5.32 3.22 -18.78
N LEU B 417 -4.53 2.15 -18.75
CA LEU B 417 -3.89 1.71 -17.51
C LEU B 417 -2.99 2.80 -16.92
N ASN B 418 -2.44 3.64 -17.80
CA ASN B 418 -1.55 4.72 -17.37
C ASN B 418 -2.25 5.70 -16.44
N ALA B 419 -3.57 5.78 -16.55
CA ALA B 419 -4.34 6.70 -15.72
C ALA B 419 -4.22 6.43 -14.22
N ILE B 420 -3.88 5.19 -13.85
CA ILE B 420 -3.76 4.87 -12.43
C ILE B 420 -2.33 4.59 -11.99
N LEU B 421 -1.37 4.87 -12.86
CA LEU B 421 0.04 4.63 -12.55
C LEU B 421 0.82 5.93 -12.44
N PRO B 422 1.78 5.98 -11.50
CA PRO B 422 2.59 7.19 -11.32
C PRO B 422 3.68 7.21 -12.38
N VAL B 423 3.27 7.44 -13.62
CA VAL B 423 4.19 7.46 -14.75
C VAL B 423 3.94 8.72 -15.57
N PRO B 424 4.92 9.14 -16.39
CA PRO B 424 4.74 10.34 -17.20
C PRO B 424 3.70 10.22 -18.33
N GLU B 425 3.55 9.02 -18.90
CA GLU B 425 2.58 8.85 -19.97
C GLU B 425 1.15 8.85 -19.44
N PRO B 426 0.26 9.67 -20.03
CA PRO B 426 -1.12 9.68 -19.55
C PRO B 426 -1.93 8.56 -20.18
N GLY B 427 -3.12 8.33 -19.65
CA GLY B 427 -3.98 7.29 -20.20
C GLY B 427 -4.95 7.97 -21.15
N VAL B 428 -4.97 7.55 -22.41
CA VAL B 428 -5.87 8.16 -23.39
C VAL B 428 -7.19 7.39 -23.43
N LEU B 429 -8.27 8.06 -23.05
CA LEU B 429 -9.58 7.42 -23.03
C LEU B 429 -10.24 7.41 -24.40
N PRO B 430 -10.92 6.30 -24.74
CA PRO B 430 -11.58 6.21 -26.03
C PRO B 430 -12.83 7.10 -26.06
N VAL B 431 -13.11 7.66 -27.23
CA VAL B 431 -14.26 8.51 -27.41
C VAL B 431 -15.28 7.67 -28.17
N PHE B 432 -16.48 7.53 -27.65
CA PHE B 432 -17.51 6.77 -28.32
C PHE B 432 -18.38 7.75 -29.10
N GLU B 433 -18.81 7.36 -30.30
CA GLU B 433 -19.63 8.25 -31.10
C GLU B 433 -21.00 8.43 -30.47
N ASP B 434 -21.48 7.41 -29.78
CA ASP B 434 -22.79 7.48 -29.13
C ASP B 434 -22.72 6.92 -27.71
N GLY B 435 -22.42 7.77 -26.74
CA GLY B 435 -22.36 7.32 -25.37
C GLY B 435 -21.19 7.88 -24.60
N ASP B 436 -21.21 7.67 -23.29
CA ASP B 436 -20.16 8.16 -22.40
C ASP B 436 -19.16 7.06 -22.12
N CYS B 437 -17.99 7.44 -21.58
CA CYS B 437 -16.96 6.47 -21.27
C CYS B 437 -16.85 6.27 -19.77
N GLU B 438 -17.26 5.09 -19.31
CA GLU B 438 -17.21 4.76 -17.90
C GLU B 438 -16.04 3.84 -17.56
N LEU B 439 -15.25 4.27 -16.58
CA LEU B 439 -14.11 3.49 -16.10
C LEU B 439 -14.44 3.07 -14.67
N VAL B 440 -14.16 1.83 -14.32
CA VAL B 440 -14.36 1.39 -12.95
C VAL B 440 -12.95 1.16 -12.42
N ILE B 441 -12.54 2.05 -11.52
CA ILE B 441 -11.22 2.01 -10.93
C ILE B 441 -11.26 1.31 -9.57
N ASP B 442 -10.39 0.32 -9.39
CA ASP B 442 -10.33 -0.43 -8.14
C ASP B 442 -9.13 0.02 -7.30
N LEU B 443 -9.39 0.59 -6.12
CA LEU B 443 -8.32 1.02 -5.26
C LEU B 443 -7.58 -0.19 -4.71
N GLY B 444 -8.22 -1.36 -4.78
CA GLY B 444 -7.58 -2.57 -4.27
C GLY B 444 -8.08 -2.89 -2.87
N ALA B 445 -8.62 -1.88 -2.21
CA ALA B 445 -9.19 -2.03 -0.87
C ALA B 445 -10.00 -0.79 -0.54
N GLU B 446 -10.79 -0.87 0.52
CA GLU B 446 -11.58 0.26 0.95
C GLU B 446 -10.61 1.35 1.40
N ARG B 447 -10.91 2.59 1.06
CA ARG B 447 -10.06 3.69 1.52
C ARG B 447 -10.98 4.84 1.91
N SER B 448 -10.44 5.84 2.57
CA SER B 448 -11.23 6.98 2.99
C SER B 448 -10.42 8.24 2.79
N GLY B 449 -10.97 9.19 2.05
CA GLY B 449 -10.22 10.41 1.83
C GLY B 449 -10.72 11.27 0.69
N PHE B 450 -9.80 12.03 0.12
CA PHE B 450 -10.12 12.98 -0.95
C PHE B 450 -9.67 12.56 -2.34
N ILE B 451 -10.65 12.34 -3.20
CA ILE B 451 -10.40 11.94 -4.59
C ILE B 451 -9.72 13.08 -5.33
N GLY B 452 -8.72 12.73 -6.14
CA GLY B 452 -8.02 13.74 -6.90
C GLY B 452 -7.68 13.25 -8.29
N PHE B 453 -7.42 14.17 -9.21
CA PHE B 453 -7.06 13.79 -10.56
C PHE B 453 -6.45 14.96 -11.33
N GLU B 454 -5.81 14.63 -12.45
CA GLU B 454 -5.21 15.62 -13.31
C GLU B 454 -5.48 15.09 -14.71
N LEU B 455 -5.95 15.95 -15.60
CA LEU B 455 -6.27 15.53 -16.95
C LEU B 455 -6.23 16.67 -17.95
N GLU B 456 -6.43 16.32 -19.21
CA GLU B 456 -6.50 17.27 -20.31
C GLU B 456 -7.79 16.95 -21.01
N ALA B 457 -8.62 17.95 -21.23
CA ALA B 457 -9.90 17.73 -21.89
C ALA B 457 -10.45 19.01 -22.48
N PRO B 458 -11.34 18.89 -23.47
CA PRO B 458 -11.92 20.10 -24.05
C PRO B 458 -12.92 20.68 -23.06
N ALA B 459 -13.08 22.00 -23.10
CA ALA B 459 -14.01 22.67 -22.21
C ALA B 459 -15.39 22.01 -22.27
N GLY B 460 -16.07 21.96 -21.12
CA GLY B 460 -17.40 21.37 -21.08
C GLY B 460 -17.46 19.88 -20.80
N THR B 461 -16.33 19.20 -20.85
CA THR B 461 -16.29 17.77 -20.58
C THR B 461 -16.74 17.49 -19.16
N ILE B 462 -17.67 16.57 -19.01
CA ILE B 462 -18.18 16.20 -17.69
C ILE B 462 -17.38 15.05 -17.09
N ILE B 463 -16.88 15.24 -15.88
CA ILE B 463 -16.14 14.20 -15.18
C ILE B 463 -16.95 13.81 -13.95
N ASP B 464 -17.60 12.65 -13.99
CA ASP B 464 -18.42 12.17 -12.88
C ASP B 464 -17.68 11.12 -12.06
N ALA B 465 -17.72 11.28 -10.74
CA ALA B 465 -17.06 10.35 -9.83
C ALA B 465 -18.09 9.80 -8.83
N TYR B 466 -18.11 8.48 -8.66
CA TYR B 466 -19.06 7.81 -7.77
C TYR B 466 -18.38 6.63 -7.11
N GLY B 467 -18.33 6.60 -5.78
CA GLY B 467 -17.66 5.49 -5.12
C GLY B 467 -18.57 4.49 -4.42
N VAL B 468 -18.28 3.20 -4.62
CA VAL B 468 -19.04 2.13 -3.97
C VAL B 468 -18.07 1.22 -3.22
N GLU B 469 -18.61 0.42 -2.33
CA GLU B 469 -17.80 -0.49 -1.51
C GLU B 469 -17.72 -1.91 -2.03
N TYR B 470 -18.77 -2.34 -2.71
CA TYR B 470 -18.83 -3.72 -3.16
C TYR B 470 -19.47 -3.96 -4.52
N MET B 471 -18.85 -4.84 -5.29
CA MET B 471 -19.36 -5.24 -6.59
C MET B 471 -18.79 -6.61 -6.90
N ARG B 472 -19.60 -7.44 -7.56
CA ARG B 472 -19.16 -8.78 -7.88
C ARG B 472 -19.93 -9.36 -9.06
N GLU B 473 -19.18 -9.78 -10.08
CA GLU B 473 -19.74 -10.41 -11.27
C GLU B 473 -21.03 -9.81 -11.84
N GLY B 474 -21.00 -8.52 -12.17
CA GLY B 474 -22.18 -7.90 -12.74
C GLY B 474 -23.10 -7.22 -11.74
N TYR B 475 -22.84 -7.43 -10.46
CA TYR B 475 -23.65 -6.81 -9.44
C TYR B 475 -22.88 -5.69 -8.75
N THR B 476 -23.52 -4.54 -8.65
CA THR B 476 -22.94 -3.38 -7.99
C THR B 476 -23.84 -3.07 -6.80
N GLN B 477 -23.29 -3.02 -5.60
CA GLN B 477 -24.12 -2.66 -4.46
C GLN B 477 -24.10 -1.14 -4.39
N HIS B 478 -25.13 -0.50 -4.94
CA HIS B 478 -25.17 0.95 -4.91
C HIS B 478 -25.35 1.46 -3.48
N THR B 479 -24.80 2.65 -3.23
CA THR B 479 -24.87 3.25 -1.91
C THR B 479 -26.17 4.03 -1.69
N TYR B 480 -27.29 3.32 -1.80
CA TYR B 480 -28.61 3.94 -1.59
C TYR B 480 -28.55 4.72 -0.28
N GLY B 481 -29.03 5.96 -0.29
CA GLY B 481 -29.01 6.77 0.92
C GLY B 481 -27.72 7.58 1.03
N LEU B 482 -26.85 7.43 0.04
CA LEU B 482 -25.57 8.13 0.02
C LEU B 482 -25.15 8.58 -1.39
N ASP B 483 -25.25 9.88 -1.66
CA ASP B 483 -24.82 10.39 -2.96
C ASP B 483 -23.31 10.56 -2.83
N ASN B 484 -22.61 9.44 -2.94
CA ASN B 484 -21.15 9.38 -2.79
C ASN B 484 -20.52 9.82 -4.09
N THR B 485 -20.79 11.06 -4.48
CA THR B 485 -20.36 11.56 -5.78
C THR B 485 -19.96 13.04 -5.86
N PHE B 486 -19.45 13.39 -7.05
CA PHE B 486 -19.14 14.77 -7.40
C PHE B 486 -19.09 14.83 -8.92
N ARG B 487 -19.47 15.97 -9.47
CA ARG B 487 -19.41 16.14 -10.92
C ARG B 487 -18.47 17.31 -11.12
N TYR B 488 -17.56 17.17 -12.07
CA TYR B 488 -16.60 18.21 -12.37
C TYR B 488 -16.68 18.50 -13.87
N ILE B 489 -16.97 19.75 -14.20
CA ILE B 489 -17.08 20.17 -15.59
C ILE B 489 -15.77 20.88 -15.94
N CYS B 490 -15.08 20.35 -16.93
CA CYS B 490 -13.78 20.84 -17.34
C CYS B 490 -13.68 22.18 -18.04
N ARG B 491 -12.58 22.88 -17.79
CA ARG B 491 -12.31 24.12 -18.49
C ARG B 491 -11.48 23.56 -19.64
N GLU B 492 -10.96 24.42 -20.51
CA GLU B 492 -10.17 23.93 -21.63
C GLU B 492 -8.73 23.58 -21.24
N GLY B 493 -8.25 22.44 -21.73
CA GLY B 493 -6.88 22.05 -21.46
C GLY B 493 -6.55 21.22 -20.23
N ARG B 494 -5.35 21.41 -19.70
CA ARG B 494 -4.87 20.67 -18.56
C ARG B 494 -5.34 21.27 -17.25
N GLN B 495 -5.75 20.41 -16.31
CA GLN B 495 -6.24 20.88 -15.02
C GLN B 495 -6.21 19.76 -13.99
N SER B 496 -6.23 20.16 -12.72
CA SER B 496 -6.20 19.22 -11.60
C SER B 496 -7.26 19.62 -10.58
N TYR B 497 -7.82 18.62 -9.89
CA TYR B 497 -8.83 18.88 -8.88
C TYR B 497 -8.74 17.83 -7.78
N VAL B 498 -8.97 18.26 -6.55
CA VAL B 498 -8.98 17.36 -5.41
C VAL B 498 -10.25 17.70 -4.64
N SER B 499 -11.17 16.76 -4.54
CA SER B 499 -12.42 17.01 -3.83
C SER B 499 -12.15 17.22 -2.34
N PRO B 500 -12.69 18.31 -1.76
CA PRO B 500 -12.47 18.56 -0.33
C PRO B 500 -13.50 17.83 0.53
N VAL B 501 -14.33 17.00 -0.11
CA VAL B 501 -15.35 16.24 0.60
C VAL B 501 -14.86 14.81 0.80
N ARG B 502 -14.79 14.36 2.05
CA ARG B 502 -14.32 13.01 2.33
C ARG B 502 -15.31 11.96 1.83
N ARG B 503 -14.78 10.92 1.18
CA ARG B 503 -15.59 9.81 0.70
C ARG B 503 -14.90 8.49 1.02
N GLY B 504 -15.69 7.48 1.33
CA GLY B 504 -15.15 6.16 1.65
C GLY B 504 -15.68 5.22 0.58
N PHE B 505 -14.80 4.40 0.02
CA PHE B 505 -15.19 3.47 -1.04
C PHE B 505 -13.98 2.64 -1.46
N ARG B 506 -14.21 1.63 -2.30
CA ARG B 506 -13.11 0.82 -2.82
C ARG B 506 -13.06 0.97 -4.34
N TYR B 507 -14.24 1.01 -4.97
CA TYR B 507 -14.33 1.12 -6.42
C TYR B 507 -14.86 2.49 -6.81
N LEU B 508 -14.22 3.11 -7.79
CA LEU B 508 -14.64 4.42 -8.26
C LEU B 508 -15.15 4.38 -9.70
N PHE B 509 -16.39 4.80 -9.90
CA PHE B 509 -16.94 4.89 -11.25
C PHE B 509 -16.54 6.28 -11.72
N LEU B 510 -15.70 6.34 -12.76
CA LEU B 510 -15.28 7.63 -13.29
C LEU B 510 -15.84 7.65 -14.70
N THR B 511 -16.87 8.48 -14.89
CA THR B 511 -17.55 8.55 -16.17
C THR B 511 -17.34 9.89 -16.87
N VAL B 512 -16.81 9.82 -18.08
CA VAL B 512 -16.52 11.00 -18.87
C VAL B 512 -17.60 11.18 -19.93
N ARG B 513 -18.21 12.36 -19.97
CA ARG B 513 -19.29 12.65 -20.92
C ARG B 513 -19.14 14.00 -21.64
N GLY B 514 -19.78 14.10 -22.81
CA GLY B 514 -19.77 15.34 -23.56
C GLY B 514 -18.52 15.82 -24.27
N ASN B 515 -17.50 14.99 -24.33
CA ASN B 515 -16.27 15.37 -25.02
C ASN B 515 -16.30 14.84 -26.45
N SER B 516 -15.90 15.69 -27.40
CA SER B 516 -15.87 15.31 -28.80
C SER B 516 -14.44 14.86 -29.10
N ALA B 517 -13.49 15.48 -28.40
CA ALA B 517 -12.08 15.17 -28.54
C ALA B 517 -11.67 14.23 -27.40
N PRO B 518 -10.58 13.48 -27.58
CA PRO B 518 -10.13 12.56 -26.53
C PRO B 518 -9.64 13.22 -25.25
N VAL B 519 -9.92 12.56 -24.12
CA VAL B 519 -9.50 13.05 -22.82
C VAL B 519 -8.23 12.30 -22.43
N LYS B 520 -7.23 13.03 -21.92
CA LYS B 520 -5.99 12.43 -21.48
C LYS B 520 -5.99 12.46 -19.95
N LEU B 521 -6.16 11.31 -19.33
CA LEU B 521 -6.17 11.23 -17.88
C LEU B 521 -4.76 10.97 -17.40
N HIS B 522 -4.14 12.00 -16.83
CA HIS B 522 -2.78 11.89 -16.33
C HIS B 522 -2.69 11.08 -15.05
N GLU B 523 -3.75 11.14 -14.23
CA GLU B 523 -3.79 10.37 -13.00
C GLU B 523 -5.09 10.53 -12.24
N ILE B 524 -5.52 9.44 -11.61
CA ILE B 524 -6.73 9.41 -10.79
C ILE B 524 -6.24 8.70 -9.52
N TYR B 525 -6.53 9.28 -8.36
CA TYR B 525 -6.04 8.69 -7.12
C TYR B 525 -6.85 9.20 -5.95
N ILE B 526 -6.45 8.80 -4.74
CA ILE B 526 -7.13 9.29 -3.56
C ILE B 526 -6.11 9.74 -2.53
N ARG B 527 -6.41 10.84 -1.86
CA ARG B 527 -5.52 11.31 -0.80
C ARG B 527 -6.15 10.74 0.45
N GLN B 528 -5.67 9.58 0.89
CA GLN B 528 -6.23 8.96 2.08
C GLN B 528 -5.90 9.79 3.31
N SER B 529 -6.88 9.93 4.19
CA SER B 529 -6.71 10.71 5.40
C SER B 529 -7.33 10.01 6.61
N THR B 530 -6.53 9.77 7.64
CA THR B 530 -7.02 9.12 8.87
C THR B 530 -6.28 9.71 10.05
N TYR B 531 -6.68 9.27 11.25
CA TYR B 531 -5.99 9.71 12.45
C TYR B 531 -4.55 9.21 12.23
N PRO B 532 -3.55 9.94 12.74
CA PRO B 532 -2.17 9.49 12.55
C PRO B 532 -1.81 8.21 13.30
N VAL B 533 -1.84 7.08 12.59
CA VAL B 533 -1.50 5.80 13.20
C VAL B 533 -0.36 5.12 12.46
N ALA B 534 0.49 4.44 13.20
CA ALA B 534 1.60 3.68 12.61
C ALA B 534 1.29 2.23 12.99
N GLU B 535 1.72 1.28 12.18
CA GLU B 535 1.45 -0.13 12.46
C GLU B 535 2.37 -0.66 13.54
N GLN B 536 2.23 -0.12 14.74
CA GLN B 536 3.06 -0.50 15.88
C GLN B 536 2.63 -1.80 16.55
N GLY B 537 1.40 -2.23 16.29
CA GLY B 537 0.92 -3.47 16.85
C GLY B 537 0.93 -4.51 15.73
N SER B 538 0.93 -5.78 16.09
CA SER B 538 0.92 -6.83 15.07
C SER B 538 0.53 -8.18 15.62
N PHE B 539 0.20 -9.09 14.72
CA PHE B 539 -0.18 -10.45 15.07
C PHE B 539 -0.16 -11.31 13.82
N ARG B 540 0.48 -12.47 13.94
CA ARG B 540 0.57 -13.45 12.87
C ARG B 540 0.65 -14.80 13.54
N CYS B 541 0.06 -15.82 12.93
CA CYS B 541 0.10 -17.16 13.50
C CYS B 541 0.12 -18.20 12.39
N SER B 542 0.15 -19.47 12.78
CA SER B 542 0.20 -20.59 11.83
C SER B 542 -1.04 -20.73 10.96
N ASP B 543 -2.12 -20.06 11.34
CA ASP B 543 -3.39 -20.12 10.61
C ASP B 543 -3.51 -18.87 9.70
N ALA B 544 -3.30 -19.06 8.40
CA ALA B 544 -3.37 -17.94 7.45
C ALA B 544 -4.72 -17.23 7.43
N LEU B 545 -5.79 -17.96 7.71
CA LEU B 545 -7.11 -17.36 7.72
C LEU B 545 -7.19 -16.34 8.87
N LEU B 546 -6.75 -16.75 10.06
CA LEU B 546 -6.79 -15.82 11.17
C LEU B 546 -5.90 -14.60 10.87
N ASN B 547 -4.78 -14.80 10.18
CA ASN B 547 -3.90 -13.68 9.85
C ASN B 547 -4.65 -12.67 8.99
N ALA B 548 -5.40 -13.18 8.02
CA ALA B 548 -6.18 -12.32 7.14
C ALA B 548 -7.28 -11.60 7.90
N THR B 549 -7.93 -12.27 8.85
CA THR B 549 -8.97 -11.62 9.60
C THR B 549 -8.37 -10.50 10.46
N TRP B 550 -7.14 -10.69 10.93
CA TRP B 550 -6.49 -9.65 11.73
C TRP B 550 -6.20 -8.45 10.84
N GLU B 551 -5.71 -8.73 9.63
CA GLU B 551 -5.38 -7.68 8.68
C GLU B 551 -6.58 -6.81 8.32
N ILE B 552 -7.72 -7.42 8.02
CA ILE B 552 -8.88 -6.60 7.69
C ILE B 552 -9.40 -5.86 8.91
N SER B 553 -9.22 -6.44 10.09
CA SER B 553 -9.68 -5.78 11.31
C SER B 553 -8.84 -4.52 11.53
N ARG B 554 -7.53 -4.64 11.31
CA ARG B 554 -6.62 -3.53 11.46
C ARG B 554 -6.98 -2.43 10.47
N HIS B 555 -7.17 -2.80 9.21
CA HIS B 555 -7.51 -1.81 8.20
C HIS B 555 -8.85 -1.12 8.46
N THR B 556 -9.84 -1.88 8.90
CA THR B 556 -11.15 -1.31 9.22
C THR B 556 -11.02 -0.27 10.33
N THR B 557 -10.24 -0.60 11.35
CA THR B 557 -10.02 0.31 12.48
C THR B 557 -9.35 1.60 12.00
N ARG B 558 -8.35 1.46 11.14
CA ARG B 558 -7.63 2.62 10.60
C ARG B 558 -8.58 3.58 9.86
N LEU B 559 -9.42 3.03 8.99
CA LEU B 559 -10.35 3.86 8.22
C LEU B 559 -11.45 4.48 9.07
N CYS B 560 -11.73 3.88 10.22
CA CYS B 560 -12.77 4.41 11.10
C CYS B 560 -12.19 5.32 12.19
N MET B 561 -10.98 5.82 11.95
CA MET B 561 -10.35 6.74 12.88
C MET B 561 -10.06 8.03 12.11
N GLU B 562 -10.90 9.04 12.32
CA GLU B 562 -10.73 10.35 11.69
C GLU B 562 -10.34 11.26 12.85
N ASP B 563 -10.98 12.42 12.98
CA ASP B 563 -10.68 13.32 14.09
C ASP B 563 -11.31 12.70 15.34
N THR B 564 -12.19 11.74 15.10
CA THR B 564 -12.85 10.99 16.15
C THR B 564 -13.05 9.60 15.57
N PHE B 565 -13.43 8.65 16.40
CA PHE B 565 -13.71 7.34 15.89
C PHE B 565 -15.02 7.58 15.13
N VAL B 566 -15.30 6.75 14.12
CA VAL B 566 -16.53 6.89 13.37
C VAL B 566 -17.08 5.49 13.12
N ASP B 567 -18.37 5.40 12.83
CA ASP B 567 -18.98 4.11 12.56
C ASP B 567 -18.47 3.51 11.26
N CYS B 568 -18.38 4.34 10.22
CA CYS B 568 -17.91 3.87 8.92
C CYS B 568 -17.42 5.04 8.08
N PRO B 569 -16.58 4.78 7.07
CA PRO B 569 -16.05 5.85 6.22
C PRO B 569 -16.93 6.23 5.04
N SER B 570 -17.90 5.38 4.71
CA SER B 570 -18.77 5.63 3.56
C SER B 570 -20.07 6.35 3.86
N TYR B 571 -21.06 5.60 4.36
CA TYR B 571 -22.36 6.19 4.63
C TYR B 571 -22.45 7.33 5.63
N GLU B 572 -21.74 7.21 6.75
CA GLU B 572 -21.86 8.22 7.80
C GLU B 572 -20.68 9.06 8.25
N GLN B 573 -19.55 8.44 8.59
CA GLN B 573 -18.38 9.17 9.05
C GLN B 573 -18.79 9.92 10.33
N VAL B 574 -19.67 9.28 11.10
CA VAL B 574 -20.19 9.84 12.35
C VAL B 574 -19.60 9.17 13.58
N PHE B 575 -19.35 9.96 14.63
CA PHE B 575 -18.82 9.41 15.88
C PHE B 575 -19.97 8.83 16.68
N TRP B 576 -20.20 7.53 16.51
CA TRP B 576 -21.24 6.82 17.24
C TRP B 576 -20.60 6.30 18.52
N VAL B 577 -21.18 6.66 19.67
CA VAL B 577 -20.66 6.29 20.98
C VAL B 577 -20.47 4.79 21.23
N GLY B 578 -21.53 4.01 21.02
CA GLY B 578 -21.44 2.58 21.23
C GLY B 578 -20.31 1.94 20.46
N ASP B 579 -20.19 2.30 19.18
CA ASP B 579 -19.15 1.74 18.32
C ASP B 579 -17.74 2.01 18.85
N SER B 580 -17.51 3.20 19.38
CA SER B 580 -16.19 3.59 19.85
C SER B 580 -15.62 2.76 20.98
N ARG B 581 -16.49 2.16 21.80
CA ARG B 581 -15.99 1.34 22.91
C ARG B 581 -15.17 0.17 22.38
N ASN B 582 -15.71 -0.52 21.37
CA ASN B 582 -15.00 -1.64 20.77
C ASN B 582 -13.83 -1.17 19.93
N GLU B 583 -14.02 -0.08 19.20
CA GLU B 583 -12.97 0.46 18.35
C GLU B 583 -11.76 0.88 19.18
N ALA B 584 -12.01 1.46 20.34
CA ALA B 584 -10.91 1.89 21.20
C ALA B 584 -10.06 0.69 21.63
N LEU B 585 -10.72 -0.40 22.01
CA LEU B 585 -10.00 -1.59 22.43
C LEU B 585 -9.15 -2.18 21.32
N VAL B 586 -9.72 -2.25 20.12
CA VAL B 586 -8.97 -2.79 18.99
C VAL B 586 -7.78 -1.86 18.73
N ASN B 587 -8.05 -0.56 18.77
CA ASN B 587 -7.00 0.42 18.56
C ASN B 587 -5.82 0.22 19.55
N TYR B 588 -6.14 -0.05 20.80
CA TYR B 588 -5.08 -0.25 21.81
C TYR B 588 -4.12 -1.36 21.38
N TYR B 589 -4.66 -2.43 20.80
CA TYR B 589 -3.83 -3.55 20.38
C TYR B 589 -3.16 -3.43 19.02
N VAL B 590 -3.79 -2.74 18.07
CA VAL B 590 -3.21 -2.62 16.74
C VAL B 590 -2.41 -1.34 16.46
N PHE B 591 -2.81 -0.23 17.09
CA PHE B 591 -2.12 1.03 16.86
C PHE B 591 -1.54 1.66 18.12
N GLY B 592 -2.31 1.64 19.20
CA GLY B 592 -1.84 2.20 20.45
C GLY B 592 -2.15 3.67 20.72
N GLU B 593 -3.05 4.26 19.96
CA GLU B 593 -3.38 5.68 20.15
C GLU B 593 -4.23 5.90 21.41
N THR B 594 -4.03 7.03 22.07
CA THR B 594 -4.81 7.34 23.26
C THR B 594 -5.51 8.70 23.18
N GLU B 595 -4.87 9.67 22.55
CA GLU B 595 -5.47 11.00 22.47
C GLU B 595 -6.83 11.00 21.79
N ILE B 596 -6.97 10.20 20.73
CA ILE B 596 -8.24 10.12 20.02
C ILE B 596 -9.33 9.57 20.93
N VAL B 597 -8.97 8.63 21.80
CA VAL B 597 -9.96 8.04 22.69
C VAL B 597 -10.46 9.06 23.72
N GLU B 598 -9.55 9.77 24.39
CA GLU B 598 -10.00 10.75 25.38
C GLU B 598 -10.83 11.85 24.72
N ARG B 599 -10.44 12.25 23.50
CA ARG B 599 -11.18 13.29 22.80
C ARG B 599 -12.64 12.88 22.62
N CYS B 600 -12.85 11.64 22.18
CA CYS B 600 -14.20 11.15 21.97
C CYS B 600 -14.97 11.03 23.28
N LEU B 601 -14.31 10.51 24.31
CA LEU B 601 -14.98 10.37 25.60
C LEU B 601 -15.41 11.73 26.15
N ASN B 602 -14.58 12.76 25.94
CA ASN B 602 -14.89 14.10 26.43
C ASN B 602 -15.99 14.81 25.65
N LEU B 603 -16.27 14.35 24.44
CA LEU B 603 -17.31 14.97 23.60
C LEU B 603 -18.73 14.61 24.02
N VAL B 604 -18.91 13.38 24.51
CA VAL B 604 -20.23 12.91 24.90
C VAL B 604 -20.96 13.79 25.92
N PRO B 605 -20.34 14.09 27.08
CA PRO B 605 -20.99 14.93 28.09
C PRO B 605 -21.51 16.27 27.53
N GLY B 606 -20.98 16.67 26.37
CA GLY B 606 -21.40 17.91 25.77
C GLY B 606 -22.86 17.90 25.35
N SER B 607 -23.48 16.72 25.34
CA SER B 607 -24.88 16.58 24.95
C SER B 607 -25.81 16.63 26.17
N ALA B 608 -25.24 16.91 27.34
CA ALA B 608 -26.00 16.98 28.58
C ALA B 608 -27.18 17.94 28.52
N ASP B 609 -26.96 19.12 27.94
CA ASP B 609 -28.03 20.11 27.84
C ASP B 609 -29.21 19.58 27.04
N GLU B 610 -28.93 18.75 26.02
CA GLU B 610 -30.01 18.19 25.21
C GLU B 610 -30.76 17.12 26.00
N THR B 611 -30.01 16.30 26.73
CA THR B 611 -30.60 15.25 27.55
C THR B 611 -29.54 14.65 28.46
N PRO B 612 -29.89 14.41 29.74
CA PRO B 612 -28.95 13.85 30.72
C PRO B 612 -28.64 12.38 30.45
N LEU B 613 -29.35 11.78 29.49
CA LEU B 613 -29.15 10.39 29.13
C LEU B 613 -28.03 10.29 28.08
N TYR B 614 -27.61 11.45 27.57
CA TYR B 614 -26.54 11.56 26.57
C TYR B 614 -26.88 10.96 25.21
N LEU B 615 -26.47 11.64 24.15
CA LEU B 615 -26.74 11.21 22.78
C LEU B 615 -25.89 10.02 22.34
N ASP B 616 -26.45 9.21 21.43
CA ASP B 616 -25.76 8.03 20.91
C ASP B 616 -24.68 8.38 19.88
N GLN B 617 -24.69 9.62 19.38
CA GLN B 617 -23.68 10.09 18.44
C GLN B 617 -23.52 11.60 18.63
N VAL B 618 -22.27 12.07 18.65
CA VAL B 618 -21.97 13.49 18.89
C VAL B 618 -20.73 13.97 18.12
N PRO B 619 -20.60 15.30 17.90
CA PRO B 619 -21.53 16.36 18.28
C PRO B 619 -22.57 16.32 17.17
N SER B 620 -23.82 16.10 17.51
CA SER B 620 -24.86 15.96 16.49
C SER B 620 -26.13 16.76 16.72
N ALA B 621 -26.85 17.02 15.64
CA ALA B 621 -28.11 17.74 15.70
C ALA B 621 -29.26 16.73 15.77
N TRP B 622 -28.91 15.44 15.83
CA TRP B 622 -29.93 14.41 15.95
C TRP B 622 -30.02 14.02 17.41
N SER B 623 -31.04 14.54 18.09
CA SER B 623 -31.25 14.25 19.50
C SER B 623 -31.77 12.82 19.62
N SER B 624 -30.85 11.87 19.70
CA SER B 624 -31.19 10.46 19.79
C SER B 624 -30.48 9.80 20.96
N VAL B 625 -31.19 8.89 21.63
CA VAL B 625 -30.63 8.18 22.78
C VAL B 625 -30.76 6.67 22.68
N ILE B 626 -29.65 5.98 22.93
CA ILE B 626 -29.63 4.53 22.96
C ILE B 626 -28.98 4.24 24.31
N PRO B 627 -29.78 3.83 25.30
CA PRO B 627 -29.25 3.53 26.64
C PRO B 627 -27.94 2.76 26.62
N ASN B 628 -27.92 1.64 25.89
CA ASN B 628 -26.70 0.85 25.84
C ASN B 628 -25.47 1.60 25.34
N TRP B 629 -25.67 2.55 24.43
CA TRP B 629 -24.54 3.31 23.90
C TRP B 629 -23.92 4.16 25.01
N THR B 630 -24.77 4.77 25.83
CA THR B 630 -24.28 5.59 26.92
C THR B 630 -23.61 4.69 27.96
N PHE B 631 -24.12 3.48 28.14
CA PHE B 631 -23.50 2.58 29.10
C PHE B 631 -22.13 2.18 28.56
N PHE B 632 -22.04 1.95 27.25
CA PHE B 632 -20.77 1.57 26.66
C PHE B 632 -19.79 2.74 26.81
N TRP B 633 -20.32 3.96 26.83
CA TRP B 633 -19.47 5.14 27.01
C TRP B 633 -18.86 5.08 28.41
N ILE B 634 -19.65 4.65 29.38
CA ILE B 634 -19.16 4.53 30.76
C ILE B 634 -18.07 3.46 30.80
N LEU B 635 -18.34 2.32 30.16
CA LEU B 635 -17.38 1.23 30.11
C LEU B 635 -16.09 1.71 29.45
N ALA B 636 -16.22 2.44 28.35
CA ALA B 636 -15.07 2.96 27.62
C ALA B 636 -14.23 3.89 28.50
N CYS B 637 -14.90 4.69 29.33
CA CYS B 637 -14.21 5.60 30.22
C CYS B 637 -13.38 4.80 31.23
N ARG B 638 -13.98 3.77 31.81
CA ARG B 638 -13.28 2.93 32.77
C ARG B 638 -12.09 2.26 32.09
N GLU B 639 -12.32 1.71 30.91
CA GLU B 639 -11.27 1.04 30.17
C GLU B 639 -10.13 1.99 29.78
N TYR B 640 -10.48 3.24 29.43
CA TYR B 640 -9.46 4.21 29.08
C TYR B 640 -8.62 4.58 30.31
N ALA B 641 -9.28 4.84 31.43
CA ALA B 641 -8.58 5.21 32.66
C ALA B 641 -7.64 4.08 33.09
N ALA B 642 -8.10 2.84 32.97
CA ALA B 642 -7.28 1.68 33.35
C ALA B 642 -6.12 1.49 32.36
N HIS B 643 -6.41 1.64 31.07
CA HIS B 643 -5.39 1.49 30.04
C HIS B 643 -4.26 2.48 30.25
N THR B 644 -4.61 3.75 30.44
CA THR B 644 -3.64 4.82 30.63
C THR B 644 -3.20 5.05 32.08
N GLY B 645 -4.05 4.68 33.03
CA GLY B 645 -3.73 4.91 34.43
C GLY B 645 -3.84 6.40 34.69
N ASN B 646 -4.56 7.10 33.83
CA ASN B 646 -4.74 8.55 33.94
C ASN B 646 -5.81 8.91 34.96
N GLU B 647 -5.42 9.04 36.22
CA GLU B 647 -6.36 9.38 37.28
C GLU B 647 -6.93 10.79 37.14
N ALA B 648 -6.16 11.69 36.54
CA ALA B 648 -6.63 13.07 36.33
C ALA B 648 -7.88 13.04 35.45
N PHE B 649 -7.84 12.21 34.40
CA PHE B 649 -9.00 12.09 33.51
C PHE B 649 -10.19 11.52 34.27
N ALA B 650 -9.95 10.50 35.09
CA ALA B 650 -11.02 9.87 35.85
C ALA B 650 -11.72 10.91 36.72
N ALA B 651 -10.93 11.75 37.37
CA ALA B 651 -11.47 12.80 38.23
C ALA B 651 -12.28 13.80 37.42
N ARG B 652 -11.80 14.12 36.22
CA ARG B 652 -12.49 15.06 35.36
C ARG B 652 -13.81 14.54 34.81
N ILE B 653 -13.86 13.25 34.50
CA ILE B 653 -15.05 12.66 33.91
C ILE B 653 -16.08 12.10 34.89
N TRP B 654 -15.66 11.83 36.13
CA TRP B 654 -16.58 11.27 37.12
C TRP B 654 -17.93 11.99 37.21
N PRO B 655 -17.94 13.32 37.38
CA PRO B 655 -19.19 14.06 37.47
C PRO B 655 -20.18 13.75 36.33
N ALA B 656 -19.66 13.69 35.11
CA ALA B 656 -20.49 13.40 33.95
C ALA B 656 -21.05 11.99 34.00
N VAL B 657 -20.25 11.05 34.49
CA VAL B 657 -20.67 9.66 34.61
C VAL B 657 -21.76 9.54 35.68
N LYS B 658 -21.52 10.17 36.82
CA LYS B 658 -22.48 10.15 37.92
C LYS B 658 -23.80 10.79 37.50
N HIS B 659 -23.70 11.93 36.82
CA HIS B 659 -24.87 12.66 36.35
C HIS B 659 -25.80 11.78 35.52
N THR B 660 -25.30 11.22 34.42
CA THR B 660 -26.13 10.39 33.55
C THR B 660 -26.69 9.15 34.26
N LEU B 661 -25.86 8.52 35.09
CA LEU B 661 -26.29 7.33 35.81
C LEU B 661 -27.44 7.68 36.76
N THR B 662 -27.34 8.84 37.39
CA THR B 662 -28.37 9.30 38.31
C THR B 662 -29.74 9.38 37.62
N HIS B 663 -29.75 9.88 36.38
CA HIS B 663 -30.99 10.00 35.63
C HIS B 663 -31.50 8.68 35.07
N TYR B 664 -30.61 7.75 34.73
CA TYR B 664 -31.07 6.46 34.24
C TYR B 664 -31.82 5.75 35.35
N LEU B 665 -31.36 5.95 36.58
CA LEU B 665 -32.00 5.32 37.74
C LEU B 665 -33.43 5.81 37.93
N GLU B 666 -33.68 7.07 37.59
CA GLU B 666 -35.01 7.66 37.71
C GLU B 666 -36.00 7.00 36.76
N HIS B 667 -35.48 6.23 35.81
CA HIS B 667 -36.32 5.54 34.84
C HIS B 667 -36.66 4.11 35.25
N ILE B 668 -36.34 3.76 36.50
CA ILE B 668 -36.65 2.45 37.04
C ILE B 668 -37.95 2.62 37.79
N ASP B 669 -39.03 2.07 37.24
CA ASP B 669 -40.36 2.19 37.85
C ASP B 669 -40.54 1.36 39.12
N ASP B 670 -41.79 1.28 39.59
CA ASP B 670 -42.12 0.53 40.80
C ASP B 670 -41.74 -0.94 40.74
N SER B 671 -41.72 -1.51 39.54
CA SER B 671 -41.38 -2.92 39.39
C SER B 671 -39.90 -3.17 39.69
N GLY B 672 -39.14 -2.08 39.84
CA GLY B 672 -37.73 -2.20 40.12
C GLY B 672 -36.88 -2.48 38.89
N LEU B 673 -37.49 -2.32 37.72
CA LEU B 673 -36.79 -2.56 36.45
C LEU B 673 -36.76 -1.30 35.59
N LEU B 674 -35.73 -1.20 34.75
CA LEU B 674 -35.57 -0.07 33.84
C LEU B 674 -36.66 -0.10 32.79
N ASN B 675 -37.56 0.86 32.85
CA ASN B 675 -38.68 0.95 31.91
C ASN B 675 -38.57 2.29 31.17
N MET B 676 -38.22 2.23 29.89
CA MET B 676 -38.05 3.45 29.11
C MET B 676 -38.69 3.42 27.72
N ALA B 677 -39.00 4.62 27.24
CA ALA B 677 -39.57 4.78 25.91
C ALA B 677 -38.48 5.47 25.09
N GLY B 678 -37.85 4.71 24.22
CA GLY B 678 -36.78 5.25 23.40
C GLY B 678 -36.17 4.17 22.53
N TRP B 679 -35.07 4.48 21.86
CA TRP B 679 -34.40 3.50 21.00
C TRP B 679 -33.63 2.52 21.88
N ASN B 680 -34.30 1.47 22.32
CA ASN B 680 -33.73 0.44 23.19
C ASN B 680 -33.01 -0.62 22.38
N LEU B 681 -31.99 -0.20 21.64
CA LEU B 681 -31.23 -1.10 20.77
C LEU B 681 -29.98 -1.75 21.34
N LEU B 682 -29.64 -2.90 20.77
CA LEU B 682 -28.43 -3.63 21.10
C LEU B 682 -27.82 -4.23 19.84
N ASP B 683 -28.58 -5.07 19.14
CA ASP B 683 -28.09 -5.73 17.93
C ASP B 683 -29.06 -5.66 16.75
N TRP B 684 -28.52 -5.80 15.53
CA TRP B 684 -29.35 -5.78 14.33
C TRP B 684 -29.86 -7.18 14.07
N ALA B 685 -30.81 -7.61 14.90
CA ALA B 685 -31.41 -8.94 14.78
C ALA B 685 -32.84 -8.88 15.33
N PRO B 686 -33.64 -9.92 15.05
CA PRO B 686 -35.04 -10.03 15.48
C PRO B 686 -35.28 -10.08 16.99
N ILE B 687 -34.41 -9.45 17.77
CA ILE B 687 -34.55 -9.41 19.22
C ILE B 687 -35.84 -8.67 19.56
N ASP B 688 -36.56 -9.11 20.59
CA ASP B 688 -37.77 -8.40 20.98
C ASP B 688 -37.29 -7.22 21.81
N GLN B 689 -36.94 -6.14 21.13
CA GLN B 689 -36.42 -4.94 21.79
C GLN B 689 -37.27 -3.72 21.46
N PRO B 690 -38.54 -3.73 21.89
CA PRO B 690 -39.46 -2.61 21.62
C PRO B 690 -38.89 -1.28 22.12
N ASN B 691 -39.26 -0.20 21.45
CA ASN B 691 -38.77 1.11 21.82
C ASN B 691 -39.56 1.71 22.99
N GLU B 692 -40.34 0.85 23.64
CA GLU B 692 -41.14 1.23 24.79
C GLU B 692 -41.31 0.01 25.68
N GLY B 693 -40.92 0.13 26.94
CA GLY B 693 -41.05 -0.98 27.85
C GLY B 693 -39.77 -1.36 28.58
N ILE B 694 -39.75 -2.58 29.08
CA ILE B 694 -38.62 -3.10 29.83
C ILE B 694 -37.78 -4.04 28.98
N VAL B 695 -36.65 -3.54 28.48
CA VAL B 695 -35.76 -4.34 27.64
C VAL B 695 -34.68 -4.95 28.53
N THR B 696 -34.59 -6.28 28.49
CA THR B 696 -33.64 -7.01 29.32
C THR B 696 -32.15 -6.70 29.12
N HIS B 697 -31.71 -6.61 27.86
CA HIS B 697 -30.29 -6.35 27.62
C HIS B 697 -29.78 -5.04 28.22
N GLN B 698 -30.55 -3.97 28.12
CA GLN B 698 -30.11 -2.69 28.69
C GLN B 698 -30.30 -2.65 30.21
N ASN B 699 -31.16 -3.51 30.73
CA ASN B 699 -31.38 -3.57 32.17
C ASN B 699 -30.13 -4.23 32.75
N LEU B 700 -29.65 -5.24 32.03
CA LEU B 700 -28.46 -5.97 32.44
C LEU B 700 -27.23 -5.06 32.36
N PHE B 701 -27.11 -4.31 31.26
CA PHE B 701 -25.98 -3.41 31.10
C PHE B 701 -26.01 -2.25 32.08
N LEU B 702 -27.20 -1.89 32.55
CA LEU B 702 -27.29 -0.80 33.52
C LEU B 702 -26.69 -1.28 34.85
N VAL B 703 -26.87 -2.55 35.14
CA VAL B 703 -26.32 -3.13 36.37
C VAL B 703 -24.79 -3.03 36.31
N LYS B 704 -24.23 -3.48 35.19
CA LYS B 704 -22.78 -3.46 35.02
C LYS B 704 -22.25 -2.02 34.93
N ALA B 705 -23.04 -1.12 34.36
CA ALA B 705 -22.64 0.27 34.24
C ALA B 705 -22.50 0.88 35.63
N LEU B 706 -23.51 0.66 36.47
CA LEU B 706 -23.51 1.18 37.83
C LEU B 706 -22.27 0.70 38.59
N ARG B 707 -21.86 -0.54 38.32
CA ARG B 707 -20.70 -1.11 38.99
C ARG B 707 -19.37 -0.64 38.39
N ASP B 708 -19.31 -0.53 37.08
CA ASP B 708 -18.07 -0.07 36.44
C ASP B 708 -17.77 1.36 36.85
N SER B 709 -18.80 2.12 37.19
CA SER B 709 -18.62 3.51 37.60
C SER B 709 -17.72 3.58 38.84
N ARG B 710 -17.68 2.50 39.60
CA ARG B 710 -16.87 2.41 40.80
C ARG B 710 -15.41 2.75 40.50
N ALA B 711 -14.87 2.14 39.45
CA ALA B 711 -13.49 2.34 39.04
C ALA B 711 -13.18 3.82 38.78
N LEU B 712 -14.11 4.53 38.14
CA LEU B 712 -13.91 5.94 37.84
C LEU B 712 -13.93 6.79 39.11
N ALA B 713 -14.91 6.53 39.96
CA ALA B 713 -15.03 7.28 41.21
C ALA B 713 -13.79 7.00 42.06
N ALA B 714 -13.40 5.74 42.11
CA ALA B 714 -12.23 5.33 42.88
C ALA B 714 -10.97 6.04 42.36
N ALA B 715 -10.73 5.91 41.06
CA ALA B 715 -9.57 6.55 40.44
C ALA B 715 -9.66 8.06 40.60
N ALA B 716 -10.89 8.56 40.76
CA ALA B 716 -11.12 9.99 40.93
C ALA B 716 -10.82 10.40 42.36
N GLY B 717 -10.77 9.41 43.25
CA GLY B 717 -10.49 9.69 44.65
C GLY B 717 -11.75 9.99 45.45
N ALA B 718 -12.86 9.40 45.04
CA ALA B 718 -14.15 9.60 45.72
C ALA B 718 -14.98 8.33 45.59
N THR B 719 -14.36 7.20 45.86
CA THR B 719 -15.02 5.89 45.76
C THR B 719 -16.36 5.81 46.47
N GLU B 720 -16.55 6.63 47.50
CA GLU B 720 -17.81 6.60 48.25
C GLU B 720 -19.00 7.08 47.43
N GLU B 721 -18.75 8.03 46.52
CA GLU B 721 -19.80 8.57 45.67
C GLU B 721 -20.42 7.53 44.74
N ALA B 722 -19.95 6.29 44.82
CA ALA B 722 -20.46 5.24 43.97
C ALA B 722 -21.10 4.10 44.77
N ASP B 723 -21.10 4.22 46.09
CA ASP B 723 -21.69 3.18 46.94
C ASP B 723 -23.18 3.03 46.67
N ALA B 724 -23.87 4.16 46.54
CA ALA B 724 -25.30 4.14 46.27
C ALA B 724 -25.56 3.39 44.98
N PHE B 725 -24.74 3.65 43.96
CA PHE B 725 -24.87 2.98 42.67
C PHE B 725 -24.68 1.48 42.87
N ALA B 726 -23.77 1.11 43.76
CA ALA B 726 -23.49 -0.29 44.05
C ALA B 726 -24.75 -0.96 44.61
N ALA B 727 -25.39 -0.29 45.56
CA ALA B 727 -26.61 -0.82 46.18
C ALA B 727 -27.68 -0.99 45.11
N ARG B 728 -27.87 0.04 44.31
CA ARG B 728 -28.86 0.01 43.23
C ARG B 728 -28.59 -1.16 42.30
N ALA B 729 -27.32 -1.37 41.96
CA ALA B 729 -26.93 -2.47 41.08
C ALA B 729 -27.44 -3.79 41.64
N ASP B 730 -27.28 -3.99 42.94
CA ASP B 730 -27.72 -5.21 43.58
C ASP B 730 -29.24 -5.37 43.50
N LEU B 731 -29.96 -4.31 43.88
CA LEU B 731 -31.41 -4.33 43.83
C LEU B 731 -31.91 -4.63 42.41
N LEU B 732 -31.24 -4.07 41.42
CA LEU B 732 -31.63 -4.28 40.02
C LEU B 732 -31.34 -5.70 39.56
N ALA B 733 -30.14 -6.18 39.85
CA ALA B 733 -29.75 -7.54 39.46
C ALA B 733 -30.71 -8.55 40.09
N GLU B 734 -31.05 -8.31 41.35
CA GLU B 734 -31.97 -9.17 42.08
C GLU B 734 -33.34 -9.25 41.41
N THR B 735 -33.87 -8.08 41.04
CA THR B 735 -35.17 -7.98 40.40
C THR B 735 -35.18 -8.62 39.02
N ILE B 736 -34.10 -8.47 38.27
CA ILE B 736 -34.00 -9.06 36.94
C ILE B 736 -34.12 -10.58 37.02
N ASN B 737 -33.36 -11.18 37.93
CA ASN B 737 -33.40 -12.63 38.10
C ASN B 737 -34.76 -13.14 38.54
N ALA B 738 -35.41 -12.37 39.41
CA ALA B 738 -36.71 -12.75 39.92
C ALA B 738 -37.87 -12.47 38.95
N VAL B 739 -37.66 -11.58 37.99
CA VAL B 739 -38.72 -11.23 37.06
C VAL B 739 -38.48 -11.58 35.58
N LEU B 740 -37.28 -11.30 35.09
CA LEU B 740 -36.98 -11.54 33.68
C LEU B 740 -36.48 -12.95 33.30
N TRP B 741 -36.39 -13.83 34.28
CA TRP B 741 -35.95 -15.20 34.01
C TRP B 741 -37.13 -16.16 33.91
N ASP B 742 -37.12 -16.99 32.88
CA ASP B 742 -38.19 -17.98 32.66
C ASP B 742 -37.65 -19.36 33.00
N GLU B 743 -38.15 -19.94 34.09
CA GLU B 743 -37.72 -21.26 34.54
C GLU B 743 -37.95 -22.36 33.52
N GLU B 744 -39.08 -22.29 32.81
CA GLU B 744 -39.43 -23.29 31.80
C GLU B 744 -38.38 -23.36 30.68
N LYS B 745 -37.98 -22.19 30.18
CA LYS B 745 -37.00 -22.09 29.11
C LYS B 745 -35.57 -22.09 29.64
N ARG B 746 -35.41 -21.74 30.92
CA ARG B 746 -34.10 -21.66 31.54
C ARG B 746 -33.26 -20.64 30.80
N ALA B 747 -33.79 -19.42 30.71
CA ALA B 747 -33.11 -18.32 30.03
C ALA B 747 -33.91 -17.05 30.27
N TYR B 748 -33.23 -15.90 30.18
CA TYR B 748 -33.91 -14.62 30.37
C TYR B 748 -34.70 -14.25 29.12
N ILE B 749 -35.88 -13.69 29.32
CA ILE B 749 -36.71 -13.29 28.19
C ILE B 749 -36.18 -11.96 27.65
N ASP B 750 -36.48 -11.68 26.39
CA ASP B 750 -36.01 -10.46 25.74
C ASP B 750 -36.58 -9.18 26.36
N CYS B 751 -37.82 -9.21 26.80
CA CYS B 751 -38.43 -8.02 27.36
C CYS B 751 -39.85 -8.23 27.89
N ILE B 752 -40.40 -7.14 28.41
CA ILE B 752 -41.76 -7.08 28.92
C ILE B 752 -42.29 -5.81 28.25
N HIS B 753 -43.28 -5.98 27.37
CA HIS B 753 -43.85 -4.86 26.65
C HIS B 753 -44.54 -3.84 27.54
N ALA B 754 -44.86 -2.68 26.98
CA ALA B 754 -45.50 -1.61 27.72
C ALA B 754 -46.83 -2.05 28.35
N ASP B 755 -47.55 -2.93 27.66
CA ASP B 755 -48.83 -3.42 28.17
C ASP B 755 -48.64 -4.47 29.26
N GLY B 756 -47.40 -4.70 29.65
CA GLY B 756 -47.10 -5.68 30.68
C GLY B 756 -46.92 -7.09 30.16
N ARG B 757 -47.18 -7.30 28.88
CA ARG B 757 -47.03 -8.62 28.28
C ARG B 757 -45.55 -8.98 28.14
N ARG B 758 -45.14 -10.05 28.81
CA ARG B 758 -43.76 -10.49 28.74
C ARG B 758 -43.46 -11.25 27.46
N SER B 759 -42.37 -10.87 26.81
CA SER B 759 -41.95 -11.49 25.55
C SER B 759 -41.74 -12.99 25.61
N ASP B 760 -42.03 -13.65 24.50
CA ASP B 760 -41.84 -15.08 24.37
C ASP B 760 -40.72 -15.31 23.36
N VAL B 761 -39.95 -14.24 23.12
CA VAL B 761 -38.83 -14.28 22.19
C VAL B 761 -37.54 -14.42 22.97
N TYR B 762 -36.76 -15.44 22.65
CA TYR B 762 -35.49 -15.69 23.32
C TYR B 762 -34.35 -15.50 22.33
N SER B 763 -33.30 -14.81 22.78
CA SER B 763 -32.16 -14.53 21.92
C SER B 763 -30.82 -14.84 22.60
N MET B 764 -29.83 -15.17 21.78
CA MET B 764 -28.50 -15.45 22.28
C MET B 764 -27.93 -14.19 22.91
N GLN B 765 -28.25 -13.05 22.29
CA GLN B 765 -27.77 -11.75 22.77
C GLN B 765 -28.04 -11.51 24.25
N THR B 766 -29.31 -11.57 24.64
CA THR B 766 -29.69 -11.35 26.02
C THR B 766 -28.94 -12.29 26.97
N GLN B 767 -28.81 -13.56 26.58
CA GLN B 767 -28.11 -14.53 27.41
C GLN B 767 -26.64 -14.17 27.56
N VAL B 768 -26.00 -13.77 26.46
CA VAL B 768 -24.60 -13.40 26.48
C VAL B 768 -24.39 -12.19 27.39
N VAL B 769 -25.24 -11.19 27.25
CA VAL B 769 -25.15 -9.99 28.07
C VAL B 769 -25.34 -10.33 29.55
N ALA B 770 -26.28 -11.20 29.85
CA ALA B 770 -26.53 -11.60 31.24
C ALA B 770 -25.26 -12.19 31.82
N TYR B 771 -24.60 -13.03 31.04
CA TYR B 771 -23.36 -13.68 31.47
C TYR B 771 -22.24 -12.65 31.71
N LEU B 772 -22.03 -11.77 30.73
CA LEU B 772 -20.99 -10.75 30.84
C LEU B 772 -21.21 -9.79 32.02
N CYS B 773 -22.47 -9.44 32.28
CA CYS B 773 -22.77 -8.53 33.37
C CYS B 773 -22.79 -9.19 34.74
N GLY B 774 -22.55 -10.50 34.77
CA GLY B 774 -22.52 -11.23 36.02
C GLY B 774 -23.84 -11.30 36.77
N VAL B 775 -24.94 -10.99 36.10
CA VAL B 775 -26.26 -11.03 36.72
C VAL B 775 -26.64 -12.49 36.94
N ALA B 776 -26.17 -13.35 36.04
CA ALA B 776 -26.46 -14.77 36.12
C ALA B 776 -25.31 -15.47 36.84
N GLN B 777 -25.59 -15.99 38.02
CA GLN B 777 -24.57 -16.68 38.81
C GLN B 777 -25.07 -18.07 39.16
N GLY B 778 -24.21 -18.86 39.80
CA GLY B 778 -24.60 -20.20 40.19
C GLY B 778 -25.00 -21.10 39.03
N GLU B 779 -26.16 -21.71 39.13
CA GLU B 779 -26.65 -22.61 38.10
C GLU B 779 -27.09 -21.88 36.83
N ARG B 780 -27.62 -20.68 36.99
CA ARG B 780 -28.06 -19.91 35.84
C ARG B 780 -26.87 -19.51 34.98
N GLU B 781 -25.69 -19.51 35.59
CA GLU B 781 -24.47 -19.16 34.88
C GLU B 781 -24.01 -20.37 34.06
N ALA B 782 -24.19 -21.55 34.63
CA ALA B 782 -23.80 -22.79 33.96
C ALA B 782 -24.71 -23.05 32.77
N VAL B 783 -25.99 -22.80 32.92
CA VAL B 783 -26.95 -23.01 31.84
C VAL B 783 -26.58 -22.12 30.65
N ILE B 784 -26.21 -20.87 30.94
CA ILE B 784 -25.85 -19.94 29.89
C ILE B 784 -24.57 -20.39 29.19
N GLU B 785 -23.57 -20.79 29.97
CA GLU B 785 -22.32 -21.27 29.40
C GLU B 785 -22.59 -22.38 28.40
N GLY B 786 -23.66 -23.13 28.65
CA GLY B 786 -24.03 -24.21 27.75
C GLY B 786 -24.52 -23.63 26.44
N TYR B 787 -25.22 -22.49 26.52
CA TYR B 787 -25.73 -21.83 25.34
C TYR B 787 -24.57 -21.26 24.54
N LEU B 788 -23.58 -20.73 25.25
CA LEU B 788 -22.39 -20.16 24.60
C LEU B 788 -21.72 -21.26 23.79
N SER B 789 -21.67 -22.45 24.36
CA SER B 789 -21.04 -23.60 23.73
C SER B 789 -21.90 -24.15 22.59
N SER B 790 -23.21 -24.27 22.83
CA SER B 790 -24.13 -24.76 21.82
C SER B 790 -25.36 -23.86 21.76
N PRO B 791 -25.31 -22.82 20.93
CA PRO B 791 -26.42 -21.87 20.79
C PRO B 791 -27.70 -22.54 20.31
N PRO B 792 -28.78 -22.44 21.10
CA PRO B 792 -30.06 -23.05 20.70
C PRO B 792 -30.51 -22.47 19.36
N PRO B 793 -30.64 -23.32 18.33
CA PRO B 793 -31.07 -22.86 17.00
C PRO B 793 -32.39 -22.11 16.99
N ALA B 794 -33.24 -22.38 17.97
CA ALA B 794 -34.55 -21.74 18.07
C ALA B 794 -34.43 -20.31 18.58
N PHE B 795 -33.32 -20.02 19.24
CA PHE B 795 -33.08 -18.68 19.77
C PHE B 795 -32.72 -17.72 18.65
N VAL B 796 -32.93 -16.43 18.89
CA VAL B 796 -32.57 -15.43 17.90
C VAL B 796 -31.05 -15.49 17.89
N GLN B 797 -30.43 -15.33 16.72
CA GLN B 797 -28.98 -15.40 16.61
C GLN B 797 -28.31 -14.04 16.48
N ILE B 798 -27.00 -14.01 16.74
CA ILE B 798 -26.22 -12.79 16.64
C ILE B 798 -26.27 -12.29 15.20
N GLY B 799 -26.60 -11.02 15.03
CA GLY B 799 -26.70 -10.47 13.68
C GLY B 799 -25.58 -9.58 13.20
N SER B 800 -24.60 -9.28 14.05
CA SER B 800 -23.49 -8.42 13.65
C SER B 800 -22.18 -8.77 14.34
N PRO B 801 -21.04 -8.45 13.69
CA PRO B 801 -19.73 -8.73 14.28
C PRO B 801 -19.56 -7.89 15.55
N PHE B 802 -20.37 -6.84 15.66
CA PHE B 802 -20.36 -5.96 16.82
C PHE B 802 -20.78 -6.80 18.03
N MET B 803 -21.90 -7.49 17.88
CA MET B 803 -22.42 -8.35 18.94
C MET B 803 -21.46 -9.52 19.16
N SER B 804 -20.77 -9.94 18.10
CA SER B 804 -19.81 -11.03 18.20
C SER B 804 -18.72 -10.67 19.20
N PHE B 805 -18.37 -9.38 19.27
CA PHE B 805 -17.34 -8.91 20.20
C PHE B 805 -17.71 -9.31 21.63
N PHE B 806 -18.94 -9.02 22.02
CA PHE B 806 -19.41 -9.34 23.36
C PHE B 806 -19.45 -10.85 23.56
N TYR B 807 -19.82 -11.57 22.50
CA TYR B 807 -19.88 -13.03 22.56
C TYR B 807 -18.47 -13.55 22.84
N TYR B 808 -17.47 -12.96 22.18
CA TYR B 808 -16.09 -13.40 22.38
C TYR B 808 -15.61 -13.07 23.79
N GLU B 809 -16.03 -11.93 24.34
CA GLU B 809 -15.64 -11.59 25.70
C GLU B 809 -16.20 -12.65 26.63
N ALA B 810 -17.39 -13.14 26.32
CA ALA B 810 -18.04 -14.16 27.12
C ALA B 810 -17.27 -15.47 26.97
N LEU B 811 -16.88 -15.81 25.75
CA LEU B 811 -16.14 -17.04 25.51
C LEU B 811 -14.80 -17.03 26.25
N GLU B 812 -14.16 -15.86 26.31
CA GLU B 812 -12.88 -15.72 27.00
C GLU B 812 -13.08 -15.98 28.49
N LYS B 813 -14.14 -15.39 29.04
CA LYS B 813 -14.49 -15.56 30.45
C LYS B 813 -14.78 -17.03 30.74
N ALA B 814 -15.43 -17.69 29.80
CA ALA B 814 -15.78 -19.11 29.94
C ALA B 814 -14.63 -20.05 29.62
N GLY B 815 -13.50 -19.49 29.19
CA GLY B 815 -12.34 -20.31 28.84
C GLY B 815 -12.52 -21.14 27.58
N ARG B 816 -13.30 -20.64 26.62
CA ARG B 816 -13.53 -21.35 25.37
C ARG B 816 -12.87 -20.66 24.17
N GLN B 817 -11.55 -20.52 24.24
CA GLN B 817 -10.82 -19.86 23.16
C GLN B 817 -10.88 -20.61 21.82
N THR B 818 -10.89 -21.94 21.85
CA THR B 818 -10.96 -22.70 20.61
C THR B 818 -12.28 -22.42 19.89
N LEU B 819 -13.36 -22.33 20.65
CA LEU B 819 -14.66 -22.04 20.07
C LEU B 819 -14.63 -20.63 19.48
N MET B 820 -13.94 -19.73 20.17
CA MET B 820 -13.82 -18.35 19.71
C MET B 820 -13.13 -18.34 18.34
N LEU B 821 -12.01 -19.05 18.23
CA LEU B 821 -11.28 -19.12 16.95
C LEU B 821 -12.12 -19.71 15.83
N ASP B 822 -12.87 -20.76 16.13
CA ASP B 822 -13.71 -21.37 15.10
C ASP B 822 -14.81 -20.42 14.65
N ASP B 823 -15.33 -19.62 15.58
CA ASP B 823 -16.38 -18.67 15.23
C ASP B 823 -15.80 -17.59 14.33
N ILE B 824 -14.60 -17.13 14.67
CA ILE B 824 -13.93 -16.11 13.87
C ILE B 824 -13.64 -16.64 12.47
N ARG B 825 -13.08 -17.84 12.40
CA ARG B 825 -12.77 -18.45 11.11
C ARG B 825 -14.03 -18.57 10.25
N ARG B 826 -15.15 -18.93 10.86
CA ARG B 826 -16.38 -19.06 10.10
C ARG B 826 -17.01 -17.73 9.71
N ASN B 827 -17.17 -16.84 10.67
CA ASN B 827 -17.81 -15.55 10.41
C ASN B 827 -17.00 -14.51 9.66
N TYR B 828 -15.70 -14.42 9.92
CA TYR B 828 -14.89 -13.45 9.18
C TYR B 828 -14.41 -14.11 7.90
N GLY B 829 -14.33 -15.43 7.91
CA GLY B 829 -13.93 -16.15 6.72
C GLY B 829 -14.92 -15.92 5.59
N GLN B 830 -16.20 -15.77 5.95
CA GLN B 830 -17.24 -15.54 4.95
C GLN B 830 -17.07 -14.16 4.32
N MET B 831 -16.51 -13.22 5.07
CA MET B 831 -16.28 -11.88 4.52
C MET B 831 -15.18 -11.96 3.49
N LEU B 832 -14.10 -12.66 3.84
CA LEU B 832 -12.96 -12.84 2.95
C LEU B 832 -13.36 -13.63 1.72
N ARG B 833 -14.38 -14.47 1.86
CA ARG B 833 -14.85 -15.25 0.72
C ARG B 833 -15.29 -14.28 -0.38
N TYR B 834 -15.86 -13.15 0.03
CA TYR B 834 -16.31 -12.15 -0.92
C TYR B 834 -15.32 -10.99 -1.12
N ASP B 835 -14.05 -11.27 -0.88
CA ASP B 835 -12.96 -10.32 -1.06
C ASP B 835 -13.02 -9.09 -0.16
N ALA B 836 -13.58 -9.24 1.02
CA ALA B 836 -13.65 -8.11 1.94
C ALA B 836 -12.23 -7.69 2.30
N THR B 837 -12.01 -6.37 2.41
CA THR B 837 -10.70 -5.85 2.81
C THR B 837 -10.92 -5.10 4.12
N THR B 838 -12.16 -5.13 4.59
CA THR B 838 -12.56 -4.50 5.85
C THR B 838 -13.70 -5.34 6.44
N CYS B 839 -14.01 -5.13 7.73
CA CYS B 839 -15.06 -5.87 8.42
C CYS B 839 -16.47 -5.29 8.22
N TRP B 840 -17.40 -6.15 7.85
CA TRP B 840 -18.78 -5.75 7.62
C TRP B 840 -19.53 -5.28 8.85
N GLU B 841 -20.46 -4.35 8.63
CA GLU B 841 -21.30 -3.80 9.69
C GLU B 841 -22.20 -4.90 10.28
N MET B 842 -22.72 -5.77 9.41
CA MET B 842 -23.61 -6.84 9.84
C MET B 842 -23.31 -8.15 9.11
N TYR B 843 -23.98 -9.21 9.53
CA TYR B 843 -23.81 -10.51 8.90
C TYR B 843 -24.89 -10.70 7.85
N PRO B 844 -24.66 -11.59 6.86
CA PRO B 844 -25.64 -11.82 5.80
C PRO B 844 -26.89 -12.53 6.35
N ASN B 845 -27.95 -12.55 5.54
CA ASN B 845 -29.19 -13.21 5.89
C ASN B 845 -30.00 -12.63 7.05
N PHE B 846 -29.87 -11.32 7.25
CA PHE B 846 -30.63 -10.61 8.27
C PHE B 846 -31.25 -9.45 7.51
N ALA B 847 -32.54 -9.20 7.73
CA ALA B 847 -33.25 -8.14 7.02
C ALA B 847 -32.97 -6.73 7.54
N GLU B 848 -32.58 -6.63 8.81
CA GLU B 848 -32.32 -5.33 9.43
C GLU B 848 -31.25 -4.42 8.79
N ASN B 849 -31.47 -3.12 8.96
CA ASN B 849 -30.55 -2.08 8.53
C ASN B 849 -29.96 -2.15 7.13
N ARG B 850 -30.74 -2.57 6.13
CA ARG B 850 -30.23 -2.65 4.76
C ARG B 850 -31.34 -2.44 3.72
N SER B 851 -30.98 -1.86 2.58
CA SER B 851 -31.94 -1.57 1.51
C SER B 851 -32.57 -2.79 0.83
N ASN B 852 -31.84 -3.90 0.80
CA ASN B 852 -32.33 -5.12 0.17
C ASN B 852 -31.89 -6.30 1.03
N PRO B 853 -32.82 -7.24 1.33
CA PRO B 853 -32.49 -8.41 2.15
C PRO B 853 -31.38 -9.33 1.63
N ASP B 854 -31.10 -9.25 0.33
CA ASP B 854 -30.06 -10.09 -0.24
C ASP B 854 -28.65 -9.51 -0.10
N MET B 855 -28.57 -8.25 0.33
CA MET B 855 -27.27 -7.61 0.50
C MET B 855 -26.52 -8.30 1.65
N LEU B 856 -25.22 -8.49 1.46
CA LEU B 856 -24.40 -9.13 2.49
C LEU B 856 -24.41 -8.28 3.76
N THR B 857 -24.42 -6.96 3.56
CA THR B 857 -24.39 -6.00 4.66
C THR B 857 -24.62 -4.61 4.06
N ARG B 858 -24.95 -3.62 4.89
CA ARG B 858 -25.13 -2.27 4.36
C ARG B 858 -23.73 -1.73 4.17
N SER B 859 -23.09 -1.38 5.28
CA SER B 859 -21.72 -0.87 5.27
C SER B 859 -20.74 -2.04 5.28
N HIS B 860 -19.75 -1.97 4.41
CA HIS B 860 -18.74 -3.03 4.34
C HIS B 860 -17.53 -2.73 5.20
N CYS B 861 -17.58 -1.63 5.94
CA CYS B 861 -16.46 -1.21 6.79
C CYS B 861 -16.91 -0.54 8.09
N HIS B 862 -17.10 -1.33 9.13
CA HIS B 862 -17.51 -0.84 10.43
C HIS B 862 -16.51 -1.36 11.46
N ALA B 863 -15.70 -0.47 12.02
CA ALA B 863 -14.69 -0.89 12.98
C ALA B 863 -15.28 -1.49 14.26
N TRP B 864 -16.58 -1.32 14.49
CA TRP B 864 -17.16 -1.91 15.70
C TRP B 864 -17.16 -3.44 15.51
N SER B 865 -16.86 -3.87 14.28
CA SER B 865 -16.81 -5.29 13.92
C SER B 865 -15.39 -5.84 13.82
N ALA B 866 -14.39 -5.06 14.24
CA ALA B 866 -13.00 -5.52 14.14
C ALA B 866 -12.48 -6.35 15.30
N ALA B 867 -13.37 -7.09 15.97
CA ALA B 867 -13.00 -7.92 17.11
C ALA B 867 -11.68 -8.69 17.03
N PRO B 868 -11.40 -9.39 15.92
CA PRO B 868 -10.13 -10.14 15.84
C PRO B 868 -8.89 -9.33 16.16
N GLY B 869 -8.92 -8.03 15.85
CA GLY B 869 -7.77 -7.18 16.13
C GLY B 869 -7.49 -7.07 17.62
N TYR B 870 -8.48 -7.36 18.44
CA TYR B 870 -8.34 -7.30 19.88
C TYR B 870 -8.11 -8.68 20.49
N PHE B 871 -9.01 -9.62 20.19
CA PHE B 871 -8.90 -10.96 20.76
C PHE B 871 -7.72 -11.81 20.34
N LEU B 872 -7.26 -11.70 19.11
CA LEU B 872 -6.12 -12.52 18.72
C LEU B 872 -4.89 -12.16 19.53
N GLY B 873 -4.68 -10.87 19.79
CA GLY B 873 -3.54 -10.46 20.58
C GLY B 873 -3.72 -10.70 22.07
N SER B 874 -4.94 -10.49 22.55
CA SER B 874 -5.24 -10.67 23.97
C SER B 874 -5.49 -12.11 24.40
N SER B 875 -6.55 -12.71 23.86
CA SER B 875 -6.94 -14.08 24.20
C SER B 875 -6.03 -15.22 23.74
N ILE B 876 -5.50 -15.10 22.52
CA ILE B 876 -4.68 -16.14 21.93
C ILE B 876 -3.18 -15.97 22.09
N LEU B 877 -2.64 -14.86 21.59
CA LEU B 877 -1.21 -14.61 21.73
C LEU B 877 -0.89 -14.65 23.22
N GLY B 878 -1.80 -14.08 24.01
CA GLY B 878 -1.65 -14.10 25.46
C GLY B 878 -1.25 -12.82 26.17
N VAL B 879 -1.32 -11.67 25.50
CA VAL B 879 -0.95 -10.41 26.13
C VAL B 879 -2.12 -9.64 26.73
N LYS B 880 -2.11 -9.50 28.06
CA LYS B 880 -3.16 -8.78 28.76
C LYS B 880 -2.58 -7.77 29.76
N ARG B 881 -3.26 -6.64 29.91
CA ARG B 881 -2.83 -5.61 30.84
C ARG B 881 -2.95 -6.21 32.24
N GLY B 882 -1.90 -6.09 33.04
CA GLY B 882 -1.94 -6.65 34.39
C GLY B 882 -2.25 -5.65 35.49
N ALA B 883 -1.94 -4.39 35.25
CA ALA B 883 -2.20 -3.32 36.22
C ALA B 883 -2.51 -2.06 35.43
N ASP B 884 -3.10 -1.06 36.07
CA ASP B 884 -3.41 0.17 35.37
C ASP B 884 -2.16 0.77 34.74
N GLY B 885 -2.31 1.33 33.54
CA GLY B 885 -1.19 1.92 32.84
C GLY B 885 -0.18 0.90 32.36
N TRP B 886 -0.56 -0.38 32.38
CA TRP B 886 0.32 -1.47 31.94
C TRP B 886 1.64 -1.53 32.73
N ARG B 887 1.60 -1.18 34.01
CA ARG B 887 2.79 -1.22 34.85
C ARG B 887 3.16 -2.68 35.08
N THR B 888 2.16 -3.53 34.86
CA THR B 888 2.30 -4.98 34.98
C THR B 888 1.62 -5.57 33.74
N VAL B 889 2.15 -6.68 33.26
CA VAL B 889 1.56 -7.34 32.10
C VAL B 889 1.51 -8.85 32.35
N ASP B 890 0.35 -9.44 32.06
CA ASP B 890 0.15 -10.87 32.23
C ASP B 890 0.27 -11.54 30.86
N ILE B 891 1.14 -12.54 30.77
CA ILE B 891 1.36 -13.27 29.53
C ILE B 891 0.85 -14.70 29.75
N ALA B 892 -0.27 -15.03 29.12
CA ALA B 892 -0.86 -16.36 29.28
C ALA B 892 -1.44 -16.82 27.95
N PRO B 893 -0.59 -17.38 27.08
CA PRO B 893 -0.99 -17.89 25.76
C PRO B 893 -2.05 -18.98 25.81
N GLN B 894 -2.92 -18.99 24.80
CA GLN B 894 -3.93 -20.03 24.66
C GLN B 894 -3.80 -20.39 23.17
N PRO B 895 -2.82 -21.24 22.84
CA PRO B 895 -2.54 -21.70 21.48
C PRO B 895 -3.68 -22.38 20.74
N CYS B 896 -4.56 -23.05 21.48
CA CYS B 896 -5.67 -23.78 20.89
C CYS B 896 -5.09 -24.77 19.89
N ASP B 897 -5.49 -24.68 18.62
CA ASP B 897 -4.96 -25.61 17.62
C ASP B 897 -3.85 -25.00 16.76
N LEU B 898 -3.29 -23.89 17.21
CA LEU B 898 -2.21 -23.22 16.47
C LEU B 898 -0.85 -23.79 16.86
N THR B 899 0.08 -23.81 15.90
CA THR B 899 1.41 -24.34 16.17
C THR B 899 2.40 -23.24 16.57
N TRP B 900 2.09 -22.00 16.17
CA TRP B 900 2.93 -20.85 16.51
C TRP B 900 2.15 -19.56 16.33
N ALA B 901 2.58 -18.52 17.02
CA ALA B 901 1.96 -17.20 16.93
C ALA B 901 2.97 -16.19 17.44
N GLU B 902 2.81 -14.94 17.01
CA GLU B 902 3.69 -13.88 17.46
C GLU B 902 3.04 -12.53 17.17
N GLY B 903 3.36 -11.55 18.01
CA GLY B 903 2.77 -10.25 17.83
C GLY B 903 3.40 -9.21 18.72
N VAL B 904 2.91 -7.99 18.58
CA VAL B 904 3.42 -6.87 19.33
C VAL B 904 2.24 -6.03 19.78
N VAL B 905 2.28 -5.60 21.03
CA VAL B 905 1.22 -4.76 21.57
C VAL B 905 1.90 -3.50 22.06
N PRO B 906 1.52 -2.35 21.51
CA PRO B 906 2.14 -1.10 21.94
C PRO B 906 1.67 -0.72 23.35
N LEU B 907 2.51 0.06 24.05
CA LEU B 907 2.20 0.49 25.41
C LEU B 907 1.87 1.99 25.42
N PRO B 908 0.89 2.40 26.23
CA PRO B 908 0.51 3.81 26.30
C PRO B 908 1.64 4.74 26.75
N GLN B 909 2.50 4.23 27.63
CA GLN B 909 3.63 5.01 28.14
C GLN B 909 4.85 4.98 27.22
N GLY B 910 4.74 4.26 26.11
CA GLY B 910 5.86 4.17 25.19
C GLY B 910 6.45 2.77 25.24
N GLY B 911 7.04 2.34 24.13
CA GLY B 911 7.62 1.00 24.08
C GLY B 911 6.54 0.01 23.70
N HIS B 912 6.84 -1.28 23.85
CA HIS B 912 5.86 -2.30 23.49
C HIS B 912 6.13 -3.62 24.17
N ILE B 913 5.18 -4.54 24.00
CA ILE B 913 5.30 -5.89 24.54
C ILE B 913 5.32 -6.77 23.30
N ALA B 914 6.41 -7.50 23.10
CA ALA B 914 6.51 -8.40 21.95
C ALA B 914 6.50 -9.83 22.47
N VAL B 915 5.65 -10.65 21.87
CA VAL B 915 5.55 -12.05 22.30
C VAL B 915 5.54 -12.99 21.10
N SER B 916 6.24 -14.11 21.24
CA SER B 916 6.25 -15.10 20.19
C SER B 916 6.37 -16.47 20.86
N TRP B 917 5.71 -17.46 20.28
CA TRP B 917 5.79 -18.81 20.81
C TRP B 917 5.52 -19.82 19.71
N GLU B 918 5.91 -21.05 19.97
CA GLU B 918 5.70 -22.15 19.04
C GLU B 918 5.99 -23.45 19.73
N PHE B 919 5.25 -24.50 19.38
CA PHE B 919 5.48 -25.80 19.96
C PHE B 919 6.73 -26.40 19.31
N VAL B 920 7.65 -26.88 20.13
CA VAL B 920 8.88 -27.46 19.61
C VAL B 920 8.77 -28.98 19.65
N SER B 921 7.79 -29.48 20.40
CA SER B 921 7.53 -30.90 20.52
C SER B 921 6.22 -31.07 21.27
N ALA B 922 5.73 -32.31 21.33
CA ALA B 922 4.47 -32.58 22.00
C ALA B 922 4.42 -31.96 23.41
N GLY B 923 3.43 -31.12 23.63
CA GLY B 923 3.26 -30.49 24.93
C GLY B 923 4.40 -29.61 25.41
N LYS B 924 5.24 -29.15 24.50
CA LYS B 924 6.37 -28.30 24.87
C LYS B 924 6.43 -27.05 24.00
N LEU B 925 6.42 -25.91 24.67
CA LEU B 925 6.41 -24.62 24.01
C LEU B 925 7.73 -23.87 24.22
N LYS B 926 8.03 -23.00 23.26
CA LYS B 926 9.20 -22.13 23.31
C LYS B 926 8.52 -20.79 23.29
N LEU B 927 8.82 -19.91 24.24
CA LEU B 927 8.19 -18.61 24.33
C LEU B 927 9.19 -17.48 24.57
N ARG B 928 9.03 -16.39 23.83
CA ARG B 928 9.89 -15.23 23.96
C ARG B 928 9.06 -13.99 24.28
N ILE B 929 9.53 -13.20 25.24
CA ILE B 929 8.84 -12.00 25.69
C ILE B 929 9.83 -10.85 25.75
N GLU B 930 9.45 -9.72 25.16
CA GLU B 930 10.28 -8.53 25.16
C GLU B 930 9.44 -7.41 25.74
N ALA B 931 10.00 -6.67 26.69
CA ALA B 931 9.25 -5.58 27.30
C ALA B 931 10.16 -4.61 28.03
N PRO B 932 9.70 -3.37 28.23
CA PRO B 932 10.50 -2.36 28.93
C PRO B 932 10.91 -2.87 30.31
N GLU B 933 12.14 -2.55 30.72
CA GLU B 933 12.70 -2.98 31.99
C GLU B 933 11.84 -2.77 33.23
N ASP B 934 11.10 -1.66 33.28
CA ASP B 934 10.30 -1.39 34.47
C ASP B 934 8.88 -1.96 34.47
N ILE B 935 8.60 -2.88 33.57
CA ILE B 935 7.28 -3.48 33.54
C ILE B 935 7.36 -4.91 34.07
N GLU B 936 6.59 -5.19 35.10
CA GLU B 936 6.57 -6.52 35.71
C GLU B 936 5.80 -7.47 34.79
N VAL B 937 6.39 -8.62 34.49
CA VAL B 937 5.75 -9.59 33.62
C VAL B 937 5.44 -10.89 34.35
N ASN B 938 4.17 -11.32 34.30
CA ASN B 938 3.75 -12.57 34.93
C ASN B 938 3.46 -13.55 33.81
N VAL B 939 4.17 -14.68 33.81
CA VAL B 939 4.00 -15.68 32.76
C VAL B 939 3.37 -16.98 33.22
N THR B 940 2.40 -17.45 32.45
CA THR B 940 1.72 -18.70 32.74
C THR B 940 1.57 -19.47 31.44
N LEU B 941 2.23 -20.61 31.34
CA LEU B 941 2.11 -21.44 30.15
C LEU B 941 0.74 -22.10 30.19
N PRO B 942 0.16 -22.41 29.03
CA PRO B 942 -1.17 -23.04 29.00
C PRO B 942 -1.23 -24.36 29.76
N GLU B 943 -2.42 -24.72 30.20
CA GLU B 943 -2.63 -25.95 30.97
C GLU B 943 -1.89 -27.17 30.41
N GLY B 944 -1.10 -27.79 31.28
CA GLY B 944 -0.35 -28.99 30.93
C GLY B 944 0.86 -28.81 30.03
N ILE B 945 1.17 -27.59 29.65
CA ILE B 945 2.30 -27.33 28.77
C ILE B 945 3.55 -26.87 29.51
N GLU B 946 4.69 -27.48 29.15
CA GLU B 946 5.97 -27.11 29.76
C GLU B 946 6.75 -26.36 28.69
N GLY B 947 7.94 -25.86 29.03
CA GLY B 947 8.69 -25.16 28.01
C GLY B 947 9.82 -24.26 28.45
N GLU B 948 10.34 -23.53 27.47
CA GLU B 948 11.46 -22.62 27.65
C GLU B 948 10.98 -21.19 27.39
N VAL B 949 11.12 -20.33 28.39
CA VAL B 949 10.69 -18.94 28.25
C VAL B 949 11.91 -18.01 28.29
N THR B 950 12.01 -17.16 27.27
CA THR B 950 13.11 -16.20 27.18
C THR B 950 12.52 -14.82 27.39
N GLN B 951 12.89 -14.18 28.49
CA GLN B 951 12.39 -12.85 28.78
C GLN B 951 13.49 -11.82 28.59
N VAL B 952 13.26 -10.90 27.67
CA VAL B 952 14.21 -9.85 27.36
C VAL B 952 13.65 -8.51 27.78
N LYS B 953 14.45 -7.74 28.52
CA LYS B 953 14.01 -6.41 28.95
C LYS B 953 14.92 -5.37 28.32
N TYR B 954 14.35 -4.24 27.95
CA TYR B 954 15.14 -3.17 27.38
C TYR B 954 14.81 -1.86 28.09
N MET B 955 15.67 -0.87 27.93
CA MET B 955 15.50 0.42 28.58
C MET B 955 14.29 1.21 28.11
N SER B 956 13.61 1.85 29.06
CA SER B 956 12.43 2.66 28.75
C SER B 956 12.82 3.97 28.09
#